data_1L4W
# 
_entry.id   1L4W 
# 
_audit_conform.dict_name       mmcif_pdbx.dic 
_audit_conform.dict_version    5.399 
_audit_conform.dict_location   http://mmcif.pdb.org/dictionaries/ascii/mmcif_pdbx.dic 
# 
loop_
_database_2.database_id 
_database_2.database_code 
_database_2.pdbx_database_accession 
_database_2.pdbx_DOI 
PDB   1L4W         pdb_00001l4w 10.2210/pdb1l4w/pdb 
RCSB  RCSB015648   ?            ?                   
WWPDB D_1000015648 ?            ?                   
# 
loop_
_pdbx_audit_revision_history.ordinal 
_pdbx_audit_revision_history.data_content_type 
_pdbx_audit_revision_history.major_revision 
_pdbx_audit_revision_history.minor_revision 
_pdbx_audit_revision_history.revision_date 
1 'Structure model' 1 0 2002-07-17 
2 'Structure model' 1 1 2008-04-28 
3 'Structure model' 1 2 2011-07-13 
4 'Structure model' 1 3 2022-02-23 
5 'Structure model' 1 4 2024-11-20 
# 
_pdbx_audit_revision_details.ordinal             1 
_pdbx_audit_revision_details.revision_ordinal    1 
_pdbx_audit_revision_details.data_content_type   'Structure model' 
_pdbx_audit_revision_details.provider            repository 
_pdbx_audit_revision_details.type                'Initial release' 
_pdbx_audit_revision_details.description         ? 
_pdbx_audit_revision_details.details             ? 
# 
loop_
_pdbx_audit_revision_group.ordinal 
_pdbx_audit_revision_group.revision_ordinal 
_pdbx_audit_revision_group.data_content_type 
_pdbx_audit_revision_group.group 
1 2 'Structure model' 'Version format compliance' 
2 3 'Structure model' 'Version format compliance' 
3 4 'Structure model' 'Data collection'           
4 4 'Structure model' 'Database references'       
5 4 'Structure model' 'Derived calculations'      
6 5 'Structure model' 'Data collection'           
7 5 'Structure model' 'Structure summary'         
# 
loop_
_pdbx_audit_revision_category.ordinal 
_pdbx_audit_revision_category.revision_ordinal 
_pdbx_audit_revision_category.data_content_type 
_pdbx_audit_revision_category.category 
1 4 'Structure model' database_2                
2 4 'Structure model' pdbx_nmr_software         
3 4 'Structure model' pdbx_struct_assembly      
4 4 'Structure model' pdbx_struct_oper_list     
5 4 'Structure model' struct_ref_seq_dif        
6 5 'Structure model' chem_comp_atom            
7 5 'Structure model' chem_comp_bond            
8 5 'Structure model' pdbx_entry_details        
9 5 'Structure model' pdbx_modification_feature 
# 
loop_
_pdbx_audit_revision_item.ordinal 
_pdbx_audit_revision_item.revision_ordinal 
_pdbx_audit_revision_item.data_content_type 
_pdbx_audit_revision_item.item 
1 4 'Structure model' '_database_2.pdbx_DOI'                
2 4 'Structure model' '_database_2.pdbx_database_accession' 
3 4 'Structure model' '_pdbx_nmr_software.name'             
4 4 'Structure model' '_struct_ref_seq_dif.details'         
# 
_pdbx_database_status.status_code                     REL 
_pdbx_database_status.entry_id                        1L4W 
_pdbx_database_status.recvd_initial_deposition_date   2002-03-06 
_pdbx_database_status.deposit_site                    RCSB 
_pdbx_database_status.process_site                    RCSB 
_pdbx_database_status.status_code_mr                  REL 
_pdbx_database_status.SG_entry                        . 
_pdbx_database_status.pdb_format_compatible           Y 
_pdbx_database_status.status_code_sf                  ? 
_pdbx_database_status.status_code_cs                  ? 
_pdbx_database_status.status_code_nmr_data            ? 
_pdbx_database_status.methods_development_category    ? 
# 
loop_
_audit_author.name 
_audit_author.pdbx_ordinal 
'Samson, A.O.'   1 
'Scherf, T.'     2 
'Rodriguez, E.'  3 
'Eisenstein, M.' 4 
'Anglister, J.'  5 
# 
_citation.id                        primary 
_citation.title                     
;The mechanism for acetylcholine receptor inhibition by alpha-neurotoxins and species-specific resistance to alpha-bungarotoxin revealed by NMR.
;
_citation.journal_abbrev            Neuron 
_citation.journal_volume            35 
_citation.page_first                319 
_citation.page_last                 332 
_citation.year                      2002 
_citation.journal_id_ASTM           NERNET 
_citation.country                   US 
_citation.journal_id_ISSN           0896-6273 
_citation.journal_id_CSD            2038 
_citation.book_publisher            ? 
_citation.pdbx_database_id_PubMed   12160749 
_citation.pdbx_database_id_DOI      '10.1016/S0896-6273(02)00773-0' 
# 
loop_
_citation_author.citation_id 
_citation_author.name 
_citation_author.ordinal 
_citation_author.identifier_ORCID 
primary 'Samson, A.'     1 ? 
primary 'Scherf, T.'     2 ? 
primary 'Eisenstein, M.' 3 ? 
primary 'Chill, J.'      4 ? 
primary 'Anglister, J.'  5 ? 
# 
loop_
_entity.id 
_entity.type 
_entity.src_method 
_entity.pdbx_description 
_entity.formula_weight 
_entity.pdbx_number_of_molecules 
_entity.pdbx_ec 
_entity.pdbx_mutation 
_entity.pdbx_fragment 
_entity.details 
1 polymer nat alpha-Bungarotoxin               8005.281 1 ? ? ?                                                   ? 
2 polymer syn 'Acetylcholine receptor protein' 3137.432 1 ? ? 'Acetylcholine receptor peptide (residues 206-226)' ? 
# 
loop_
_entity_name_com.entity_id 
_entity_name_com.name 
1 'Long Neurotoxin 1, Alpha-BTX, BGTX' 
2 AChR                                 
# 
loop_
_entity_poly.entity_id 
_entity_poly.type 
_entity_poly.nstd_linkage 
_entity_poly.nstd_monomer 
_entity_poly.pdbx_seq_one_letter_code 
_entity_poly.pdbx_seq_one_letter_code_can 
_entity_poly.pdbx_strand_id 
_entity_poly.pdbx_target_identifier 
1 'polypeptide(L)' no no IVCHTTATSPISAVTCPPGENLCYRKMWCDAFCSSRGKVVELGCAATCPSKKPYEEVTCCSTDKCNPHPKQRPG 
IVCHTTATSPISAVTCPPGENLCYRKMWCDAFCSSRGKVVELGCAATCPSKKPYEEVTCCSTDKCNPHPKQRPG A ? 
2 'polypeptide(L)' no no EERGWKHWVYYTCCPDTPYLDITEE                                                  EERGWKHWVYYTCCPDTPYLDITEE B ? 
# 
loop_
_entity_poly_seq.entity_id 
_entity_poly_seq.num 
_entity_poly_seq.mon_id 
_entity_poly_seq.hetero 
1 1  ILE n 
1 2  VAL n 
1 3  CYS n 
1 4  HIS n 
1 5  THR n 
1 6  THR n 
1 7  ALA n 
1 8  THR n 
1 9  SER n 
1 10 PRO n 
1 11 ILE n 
1 12 SER n 
1 13 ALA n 
1 14 VAL n 
1 15 THR n 
1 16 CYS n 
1 17 PRO n 
1 18 PRO n 
1 19 GLY n 
1 20 GLU n 
1 21 ASN n 
1 22 LEU n 
1 23 CYS n 
1 24 TYR n 
1 25 ARG n 
1 26 LYS n 
1 27 MET n 
1 28 TRP n 
1 29 CYS n 
1 30 ASP n 
1 31 ALA n 
1 32 PHE n 
1 33 CYS n 
1 34 SER n 
1 35 SER n 
1 36 ARG n 
1 37 GLY n 
1 38 LYS n 
1 39 VAL n 
1 40 VAL n 
1 41 GLU n 
1 42 LEU n 
1 43 GLY n 
1 44 CYS n 
1 45 ALA n 
1 46 ALA n 
1 47 THR n 
1 48 CYS n 
1 49 PRO n 
1 50 SER n 
1 51 LYS n 
1 52 LYS n 
1 53 PRO n 
1 54 TYR n 
1 55 GLU n 
1 56 GLU n 
1 57 VAL n 
1 58 THR n 
1 59 CYS n 
1 60 CYS n 
1 61 SER n 
1 62 THR n 
1 63 ASP n 
1 64 LYS n 
1 65 CYS n 
1 66 ASN n 
1 67 PRO n 
1 68 HIS n 
1 69 PRO n 
1 70 LYS n 
1 71 GLN n 
1 72 ARG n 
1 73 PRO n 
1 74 GLY n 
2 1  GLU n 
2 2  GLU n 
2 3  ARG n 
2 4  GLY n 
2 5  TRP n 
2 6  LYS n 
2 7  HIS n 
2 8  TRP n 
2 9  VAL n 
2 10 TYR n 
2 11 TYR n 
2 12 THR n 
2 13 CYS n 
2 14 CYS n 
2 15 PRO n 
2 16 ASP n 
2 17 THR n 
2 18 PRO n 
2 19 TYR n 
2 20 LEU n 
2 21 ASP n 
2 22 ILE n 
2 23 THR n 
2 24 GLU n 
2 25 GLU n 
# 
_entity_src_nat.entity_id                  1 
_entity_src_nat.pdbx_src_id                1 
_entity_src_nat.pdbx_alt_source_flag       sample 
_entity_src_nat.pdbx_beg_seq_num           ? 
_entity_src_nat.pdbx_end_seq_num           ? 
_entity_src_nat.common_name                'many-banded krait' 
_entity_src_nat.pdbx_organism_scientific   'Bungarus multicinctus' 
_entity_src_nat.pdbx_ncbi_taxonomy_id      8616 
_entity_src_nat.genus                      Bungarus 
_entity_src_nat.species                    ? 
_entity_src_nat.strain                     'Banded krait' 
_entity_src_nat.tissue                     ? 
_entity_src_nat.tissue_fraction            ? 
_entity_src_nat.pdbx_secretion             venom 
_entity_src_nat.pdbx_fragment              ? 
_entity_src_nat.pdbx_variant               ? 
_entity_src_nat.pdbx_cell_line             ? 
_entity_src_nat.pdbx_atcc                  ? 
_entity_src_nat.pdbx_cellular_location     ? 
_entity_src_nat.pdbx_organ                 ? 
_entity_src_nat.pdbx_organelle             ? 
_entity_src_nat.pdbx_cell                  ? 
_entity_src_nat.pdbx_plasmid_name          ? 
_entity_src_nat.pdbx_plasmid_details       ? 
_entity_src_nat.details                    ? 
# 
_pdbx_entity_src_syn.entity_id              2 
_pdbx_entity_src_syn.pdbx_src_id            1 
_pdbx_entity_src_syn.pdbx_alt_source_flag   sample 
_pdbx_entity_src_syn.pdbx_beg_seq_num       ? 
_pdbx_entity_src_syn.pdbx_end_seq_num       ? 
_pdbx_entity_src_syn.organism_scientific    ? 
_pdbx_entity_src_syn.organism_common_name   ? 
_pdbx_entity_src_syn.ncbi_taxonomy_id       ? 
_pdbx_entity_src_syn.details                'synthesized peptide' 
# 
loop_
_chem_comp.id 
_chem_comp.type 
_chem_comp.mon_nstd_flag 
_chem_comp.name 
_chem_comp.pdbx_synonyms 
_chem_comp.formula 
_chem_comp.formula_weight 
ALA 'L-peptide linking' y ALANINE         ? 'C3 H7 N O2'     89.093  
ARG 'L-peptide linking' y ARGININE        ? 'C6 H15 N4 O2 1' 175.209 
ASN 'L-peptide linking' y ASPARAGINE      ? 'C4 H8 N2 O3'    132.118 
ASP 'L-peptide linking' y 'ASPARTIC ACID' ? 'C4 H7 N O4'     133.103 
CYS 'L-peptide linking' y CYSTEINE        ? 'C3 H7 N O2 S'   121.158 
GLN 'L-peptide linking' y GLUTAMINE       ? 'C5 H10 N2 O3'   146.144 
GLU 'L-peptide linking' y 'GLUTAMIC ACID' ? 'C5 H9 N O4'     147.129 
GLY 'peptide linking'   y GLYCINE         ? 'C2 H5 N O2'     75.067  
HIS 'L-peptide linking' y HISTIDINE       ? 'C6 H10 N3 O2 1' 156.162 
ILE 'L-peptide linking' y ISOLEUCINE      ? 'C6 H13 N O2'    131.173 
LEU 'L-peptide linking' y LEUCINE         ? 'C6 H13 N O2'    131.173 
LYS 'L-peptide linking' y LYSINE          ? 'C6 H15 N2 O2 1' 147.195 
MET 'L-peptide linking' y METHIONINE      ? 'C5 H11 N O2 S'  149.211 
PHE 'L-peptide linking' y PHENYLALANINE   ? 'C9 H11 N O2'    165.189 
PRO 'L-peptide linking' y PROLINE         ? 'C5 H9 N O2'     115.130 
SER 'L-peptide linking' y SERINE          ? 'C3 H7 N O3'     105.093 
THR 'L-peptide linking' y THREONINE       ? 'C4 H9 N O3'     119.119 
TRP 'L-peptide linking' y TRYPTOPHAN      ? 'C11 H12 N2 O2'  204.225 
TYR 'L-peptide linking' y TYROSINE        ? 'C9 H11 N O3'    181.189 
VAL 'L-peptide linking' y VALINE          ? 'C5 H11 N O2'    117.146 
# 
loop_
_pdbx_poly_seq_scheme.asym_id 
_pdbx_poly_seq_scheme.entity_id 
_pdbx_poly_seq_scheme.seq_id 
_pdbx_poly_seq_scheme.mon_id 
_pdbx_poly_seq_scheme.ndb_seq_num 
_pdbx_poly_seq_scheme.pdb_seq_num 
_pdbx_poly_seq_scheme.auth_seq_num 
_pdbx_poly_seq_scheme.pdb_mon_id 
_pdbx_poly_seq_scheme.auth_mon_id 
_pdbx_poly_seq_scheme.pdb_strand_id 
_pdbx_poly_seq_scheme.pdb_ins_code 
_pdbx_poly_seq_scheme.hetero 
A 1 1  ILE 1  1   1   ILE ILE A . n 
A 1 2  VAL 2  2   2   VAL VAL A . n 
A 1 3  CYS 3  3   3   CYS CYS A . n 
A 1 4  HIS 4  4   4   HIS HIS A . n 
A 1 5  THR 5  5   5   THR THR A . n 
A 1 6  THR 6  6   6   THR THR A . n 
A 1 7  ALA 7  7   7   ALA ALA A . n 
A 1 8  THR 8  8   8   THR THR A . n 
A 1 9  SER 9  9   9   SER SER A . n 
A 1 10 PRO 10 10  10  PRO PRO A . n 
A 1 11 ILE 11 11  11  ILE ILE A . n 
A 1 12 SER 12 12  12  SER SER A . n 
A 1 13 ALA 13 13  13  ALA ALA A . n 
A 1 14 VAL 14 14  14  VAL VAL A . n 
A 1 15 THR 15 15  15  THR THR A . n 
A 1 16 CYS 16 16  16  CYS CYS A . n 
A 1 17 PRO 17 17  17  PRO PRO A . n 
A 1 18 PRO 18 18  18  PRO PRO A . n 
A 1 19 GLY 19 19  19  GLY GLY A . n 
A 1 20 GLU 20 20  20  GLU GLU A . n 
A 1 21 ASN 21 21  21  ASN ASN A . n 
A 1 22 LEU 22 22  22  LEU LEU A . n 
A 1 23 CYS 23 23  23  CYS CYS A . n 
A 1 24 TYR 24 24  24  TYR TYR A . n 
A 1 25 ARG 25 25  25  ARG ARG A . n 
A 1 26 LYS 26 26  26  LYS LYS A . n 
A 1 27 MET 27 27  27  MET MET A . n 
A 1 28 TRP 28 28  28  TRP TRP A . n 
A 1 29 CYS 29 29  29  CYS CYS A . n 
A 1 30 ASP 30 30  30  ASP ASP A . n 
A 1 31 ALA 31 31  31  ALA ALA A . n 
A 1 32 PHE 32 32  32  PHE PHE A . n 
A 1 33 CYS 33 33  33  CYS CYS A . n 
A 1 34 SER 34 34  34  SER SER A . n 
A 1 35 SER 35 35  35  SER SER A . n 
A 1 36 ARG 36 36  36  ARG ARG A . n 
A 1 37 GLY 37 37  37  GLY GLY A . n 
A 1 38 LYS 38 38  38  LYS LYS A . n 
A 1 39 VAL 39 39  39  VAL VAL A . n 
A 1 40 VAL 40 40  40  VAL VAL A . n 
A 1 41 GLU 41 41  41  GLU GLU A . n 
A 1 42 LEU 42 42  42  LEU LEU A . n 
A 1 43 GLY 43 43  43  GLY GLY A . n 
A 1 44 CYS 44 44  44  CYS CYS A . n 
A 1 45 ALA 45 45  45  ALA ALA A . n 
A 1 46 ALA 46 46  46  ALA ALA A . n 
A 1 47 THR 47 47  47  THR THR A . n 
A 1 48 CYS 48 48  48  CYS CYS A . n 
A 1 49 PRO 49 49  49  PRO PRO A . n 
A 1 50 SER 50 50  50  SER SER A . n 
A 1 51 LYS 51 51  51  LYS LYS A . n 
A 1 52 LYS 52 52  52  LYS LYS A . n 
A 1 53 PRO 53 53  53  PRO PRO A . n 
A 1 54 TYR 54 54  54  TYR TYR A . n 
A 1 55 GLU 55 55  55  GLU GLU A . n 
A 1 56 GLU 56 56  56  GLU GLU A . n 
A 1 57 VAL 57 57  57  VAL VAL A . n 
A 1 58 THR 58 58  58  THR THR A . n 
A 1 59 CYS 59 59  59  CYS CYS A . n 
A 1 60 CYS 60 60  60  CYS CYS A . n 
A 1 61 SER 61 61  61  SER SER A . n 
A 1 62 THR 62 62  62  THR THR A . n 
A 1 63 ASP 63 63  63  ASP ASP A . n 
A 1 64 LYS 64 64  64  LYS LYS A . n 
A 1 65 CYS 65 65  65  CYS CYS A . n 
A 1 66 ASN 66 66  66  ASN ASN A . n 
A 1 67 PRO 67 67  67  PRO PRO A . n 
A 1 68 HIS 68 68  68  HIS HIS A . n 
A 1 69 PRO 69 69  69  PRO PRO A . n 
A 1 70 LYS 70 70  70  LYS LYS A . n 
A 1 71 GLN 71 71  71  GLN GLN A . n 
A 1 72 ARG 72 72  72  ARG ARG A . n 
A 1 73 PRO 73 73  73  PRO PRO A . n 
A 1 74 GLY 74 74  74  GLY GLY A . n 
B 2 1  GLU 1  180 180 GLU GLU B . n 
B 2 2  GLU 2  181 181 GLU GLU B . n 
B 2 3  ARG 3  182 182 ARG ARG B . n 
B 2 4  GLY 4  183 183 GLY GLY B . n 
B 2 5  TRP 5  184 184 TRP TRP B . n 
B 2 6  LYS 6  185 185 LYS LYS B . n 
B 2 7  HIS 7  186 186 HIS HIS B . n 
B 2 8  TRP 8  187 187 TRP TRP B . n 
B 2 9  VAL 9  188 188 VAL VAL B . n 
B 2 10 TYR 10 189 189 TYR TYR B . n 
B 2 11 TYR 11 190 190 TYR TYR B . n 
B 2 12 THR 12 191 191 THR THR B . n 
B 2 13 CYS 13 192 192 CYS CYS B . n 
B 2 14 CYS 14 193 193 CYS CYS B . n 
B 2 15 PRO 15 194 194 PRO PRO B . n 
B 2 16 ASP 16 195 195 ASP ASP B . n 
B 2 17 THR 17 196 196 THR THR B . n 
B 2 18 PRO 18 197 197 PRO PRO B . n 
B 2 19 TYR 19 198 198 TYR TYR B . n 
B 2 20 LEU 20 199 199 LEU LEU B . n 
B 2 21 ASP 21 200 200 ASP ASP B . n 
B 2 22 ILE 22 201 201 ILE ILE B . n 
B 2 23 THR 23 202 202 THR THR B . n 
B 2 24 GLU 24 203 203 GLU GLU B . n 
B 2 25 GLU 25 204 204 GLU GLU B . n 
# 
_exptl.entry_id          1L4W 
_exptl.method            'SOLUTION NMR' 
_exptl.crystals_number   ? 
# 
_exptl_crystal.id                    1 
_exptl_crystal.density_meas          ? 
_exptl_crystal.density_Matthews      ? 
_exptl_crystal.density_percent_sol   ? 
_exptl_crystal.description           ? 
# 
_diffrn.id                     1 
_diffrn.crystal_id             1 
_diffrn.ambient_temp           ? 
_diffrn.ambient_temp_details   ? 
# 
_diffrn_radiation.diffrn_id                        1 
_diffrn_radiation.wavelength_id                    1 
_diffrn_radiation.pdbx_monochromatic_or_laue_m_l   M 
_diffrn_radiation.monochromator                    ? 
_diffrn_radiation.pdbx_diffrn_protocol             'SINGLE WAVELENGTH' 
_diffrn_radiation.pdbx_scattering_type             ? 
# 
_diffrn_radiation_wavelength.id           1 
_diffrn_radiation_wavelength.wavelength   . 
_diffrn_radiation_wavelength.wt           1.0 
# 
_struct.entry_id                  1L4W 
_struct.title                     
'NMR structure of an AChR-peptide (Torpedo Californica, alpha-subunit residues 182-202) in complex with alpha-Bungarotoxin' 
_struct.pdbx_model_details        ? 
_struct.pdbx_CASP_flag            ? 
_struct.pdbx_model_type_details   'minimized average' 
# 
_struct_keywords.entry_id        1L4W 
_struct_keywords.pdbx_keywords   'Receptor, Toxin' 
_struct_keywords.text            
'protein-protein complex, intermolecular beta sheet, bungarotoxin, acetylcholine receptor, Receptor, Toxin' 
# 
loop_
_struct_asym.id 
_struct_asym.pdbx_blank_PDB_chainid_flag 
_struct_asym.pdbx_modified 
_struct_asym.entity_id 
_struct_asym.details 
A N N 1 ? 
B N N 2 ? 
# 
loop_
_struct_ref.id 
_struct_ref.db_name 
_struct_ref.db_code 
_struct_ref.entity_id 
_struct_ref.pdbx_seq_one_letter_code 
_struct_ref.pdbx_align_begin 
_struct_ref.pdbx_db_accession 
_struct_ref.pdbx_db_isoform 
1 UNP NXL1A_BUNMU 1 IVCHTTATSPISAVTCPPGENLCYRKMWCDAFCSSRGKVVELGCAATCPSKKPYEEVTCCSTDKCNPHPKQRPG 1   P60615 ? 
2 UNP ACHA_TORMA  2 RGWKHWVYYTCCPDTPYLDIT                                                      206 P02711 ? 
# 
loop_
_struct_ref_seq.align_id 
_struct_ref_seq.ref_id 
_struct_ref_seq.pdbx_PDB_id_code 
_struct_ref_seq.pdbx_strand_id 
_struct_ref_seq.seq_align_beg 
_struct_ref_seq.pdbx_seq_align_beg_ins_code 
_struct_ref_seq.seq_align_end 
_struct_ref_seq.pdbx_seq_align_end_ins_code 
_struct_ref_seq.pdbx_db_accession 
_struct_ref_seq.db_align_beg 
_struct_ref_seq.pdbx_db_align_beg_ins_code 
_struct_ref_seq.db_align_end 
_struct_ref_seq.pdbx_db_align_end_ins_code 
_struct_ref_seq.pdbx_auth_seq_align_beg 
_struct_ref_seq.pdbx_auth_seq_align_end 
1 1 1L4W A 1 ? 74 ? P60615 1   ? 74  ? 1   74  
2 2 1L4W B 3 ? 23 ? P02711 206 ? 226 ? 182 202 
# 
loop_
_struct_ref_seq_dif.align_id 
_struct_ref_seq_dif.pdbx_pdb_id_code 
_struct_ref_seq_dif.mon_id 
_struct_ref_seq_dif.pdbx_pdb_strand_id 
_struct_ref_seq_dif.seq_num 
_struct_ref_seq_dif.pdbx_pdb_ins_code 
_struct_ref_seq_dif.pdbx_seq_db_name 
_struct_ref_seq_dif.pdbx_seq_db_accession_code 
_struct_ref_seq_dif.db_mon_id 
_struct_ref_seq_dif.pdbx_seq_db_seq_num 
_struct_ref_seq_dif.details 
_struct_ref_seq_dif.pdbx_auth_seq_num 
_struct_ref_seq_dif.pdbx_ordinal 
2 1L4W GLU B 1  ? UNP P02711 ? ? insertion 180 1 
2 1L4W GLU B 2  ? UNP P02711 ? ? insertion 181 2 
2 1L4W GLU B 24 ? UNP P02711 ? ? insertion 203 3 
2 1L4W GLU B 25 ? UNP P02711 ? ? insertion 204 4 
# 
_pdbx_struct_assembly.id                   1 
_pdbx_struct_assembly.details              author_defined_assembly 
_pdbx_struct_assembly.method_details       ? 
_pdbx_struct_assembly.oligomeric_details   dimeric 
_pdbx_struct_assembly.oligomeric_count     2 
# 
_pdbx_struct_assembly_gen.assembly_id       1 
_pdbx_struct_assembly_gen.oper_expression   1 
_pdbx_struct_assembly_gen.asym_id_list      A,B 
# 
_pdbx_struct_oper_list.id                   1 
_pdbx_struct_oper_list.type                 'identity operation' 
_pdbx_struct_oper_list.name                 1_555 
_pdbx_struct_oper_list.symmetry_operation   x,y,z 
_pdbx_struct_oper_list.matrix[1][1]         1.0000000000 
_pdbx_struct_oper_list.matrix[1][2]         0.0000000000 
_pdbx_struct_oper_list.matrix[1][3]         0.0000000000 
_pdbx_struct_oper_list.vector[1]            0.0000000000 
_pdbx_struct_oper_list.matrix[2][1]         0.0000000000 
_pdbx_struct_oper_list.matrix[2][2]         1.0000000000 
_pdbx_struct_oper_list.matrix[2][3]         0.0000000000 
_pdbx_struct_oper_list.vector[2]            0.0000000000 
_pdbx_struct_oper_list.matrix[3][1]         0.0000000000 
_pdbx_struct_oper_list.matrix[3][2]         0.0000000000 
_pdbx_struct_oper_list.matrix[3][3]         1.0000000000 
_pdbx_struct_oper_list.vector[3]            0.0000000000 
# 
_struct_biol.id   1 
# 
loop_
_struct_conn.id 
_struct_conn.conn_type_id 
_struct_conn.pdbx_leaving_atom_flag 
_struct_conn.pdbx_PDB_id 
_struct_conn.ptnr1_label_asym_id 
_struct_conn.ptnr1_label_comp_id 
_struct_conn.ptnr1_label_seq_id 
_struct_conn.ptnr1_label_atom_id 
_struct_conn.pdbx_ptnr1_label_alt_id 
_struct_conn.pdbx_ptnr1_PDB_ins_code 
_struct_conn.pdbx_ptnr1_standard_comp_id 
_struct_conn.ptnr1_symmetry 
_struct_conn.ptnr2_label_asym_id 
_struct_conn.ptnr2_label_comp_id 
_struct_conn.ptnr2_label_seq_id 
_struct_conn.ptnr2_label_atom_id 
_struct_conn.pdbx_ptnr2_label_alt_id 
_struct_conn.pdbx_ptnr2_PDB_ins_code 
_struct_conn.ptnr1_auth_asym_id 
_struct_conn.ptnr1_auth_comp_id 
_struct_conn.ptnr1_auth_seq_id 
_struct_conn.ptnr2_auth_asym_id 
_struct_conn.ptnr2_auth_comp_id 
_struct_conn.ptnr2_auth_seq_id 
_struct_conn.ptnr2_symmetry 
_struct_conn.pdbx_ptnr3_label_atom_id 
_struct_conn.pdbx_ptnr3_label_seq_id 
_struct_conn.pdbx_ptnr3_label_comp_id 
_struct_conn.pdbx_ptnr3_label_asym_id 
_struct_conn.pdbx_ptnr3_label_alt_id 
_struct_conn.pdbx_ptnr3_PDB_ins_code 
_struct_conn.details 
_struct_conn.pdbx_dist_value 
_struct_conn.pdbx_value_order 
_struct_conn.pdbx_role 
disulf1 disulf ? ? A CYS 3  SG ? ? ? 1_555 A CYS 23 SG ? ? A CYS 3   A CYS 23  1_555 ? ? ? ? ? ? ? 2.028 ? ? 
disulf2 disulf ? ? A CYS 16 SG ? ? ? 1_555 A CYS 44 SG ? ? A CYS 16  A CYS 44  1_555 ? ? ? ? ? ? ? 2.032 ? ? 
disulf3 disulf ? ? A CYS 29 SG ? ? ? 1_555 A CYS 33 SG ? ? A CYS 29  A CYS 33  1_555 ? ? ? ? ? ? ? 2.033 ? ? 
disulf4 disulf ? ? A CYS 48 SG ? ? ? 1_555 A CYS 59 SG ? ? A CYS 48  A CYS 59  1_555 ? ? ? ? ? ? ? 2.031 ? ? 
disulf5 disulf ? ? A CYS 60 SG ? ? ? 1_555 A CYS 65 SG ? ? A CYS 60  A CYS 65  1_555 ? ? ? ? ? ? ? 2.024 ? ? 
disulf6 disulf ? ? B CYS 13 SG ? ? ? 1_555 B CYS 14 SG ? ? B CYS 192 B CYS 193 1_555 ? ? ? ? ? ? ? 2.053 ? ? 
# 
_struct_conn_type.id          disulf 
_struct_conn_type.criteria    ? 
_struct_conn_type.reference   ? 
# 
loop_
_pdbx_modification_feature.ordinal 
_pdbx_modification_feature.label_comp_id 
_pdbx_modification_feature.label_asym_id 
_pdbx_modification_feature.label_seq_id 
_pdbx_modification_feature.label_alt_id 
_pdbx_modification_feature.modified_residue_label_comp_id 
_pdbx_modification_feature.modified_residue_label_asym_id 
_pdbx_modification_feature.modified_residue_label_seq_id 
_pdbx_modification_feature.modified_residue_label_alt_id 
_pdbx_modification_feature.auth_comp_id 
_pdbx_modification_feature.auth_asym_id 
_pdbx_modification_feature.auth_seq_id 
_pdbx_modification_feature.PDB_ins_code 
_pdbx_modification_feature.symmetry 
_pdbx_modification_feature.modified_residue_auth_comp_id 
_pdbx_modification_feature.modified_residue_auth_asym_id 
_pdbx_modification_feature.modified_residue_auth_seq_id 
_pdbx_modification_feature.modified_residue_PDB_ins_code 
_pdbx_modification_feature.modified_residue_symmetry 
_pdbx_modification_feature.comp_id_linking_atom 
_pdbx_modification_feature.modified_residue_id_linking_atom 
_pdbx_modification_feature.modified_residue_id 
_pdbx_modification_feature.ref_pcm_id 
_pdbx_modification_feature.ref_comp_id 
_pdbx_modification_feature.type 
_pdbx_modification_feature.category 
1 CYS A 3  ? CYS A 23 ? CYS A 3   ? 1_555 CYS A 23  ? 1_555 SG SG . . . None 'Disulfide bridge' 
2 CYS A 16 ? CYS A 44 ? CYS A 16  ? 1_555 CYS A 44  ? 1_555 SG SG . . . None 'Disulfide bridge' 
3 CYS A 29 ? CYS A 33 ? CYS A 29  ? 1_555 CYS A 33  ? 1_555 SG SG . . . None 'Disulfide bridge' 
4 CYS A 48 ? CYS A 59 ? CYS A 48  ? 1_555 CYS A 59  ? 1_555 SG SG . . . None 'Disulfide bridge' 
5 CYS A 60 ? CYS A 65 ? CYS A 60  ? 1_555 CYS A 65  ? 1_555 SG SG . . . None 'Disulfide bridge' 
6 CYS B 13 ? CYS B 14 ? CYS B 192 ? 1_555 CYS B 193 ? 1_555 SG SG . . . None 'Disulfide bridge' 
# 
loop_
_struct_sheet.id 
_struct_sheet.type 
_struct_sheet.number_strands 
_struct_sheet.details 
A ? 2 ? 
B ? 5 ? 
# 
loop_
_struct_sheet_order.sheet_id 
_struct_sheet_order.range_id_1 
_struct_sheet_order.range_id_2 
_struct_sheet_order.offset 
_struct_sheet_order.sense 
A 1 2 ? anti-parallel 
B 1 2 ? anti-parallel 
B 2 3 ? anti-parallel 
B 3 4 ? anti-parallel 
B 4 5 ? anti-parallel 
# 
loop_
_struct_sheet_range.sheet_id 
_struct_sheet_range.id 
_struct_sheet_range.beg_label_comp_id 
_struct_sheet_range.beg_label_asym_id 
_struct_sheet_range.beg_label_seq_id 
_struct_sheet_range.pdbx_beg_PDB_ins_code 
_struct_sheet_range.end_label_comp_id 
_struct_sheet_range.end_label_asym_id 
_struct_sheet_range.end_label_seq_id 
_struct_sheet_range.pdbx_end_PDB_ins_code 
_struct_sheet_range.beg_auth_comp_id 
_struct_sheet_range.beg_auth_asym_id 
_struct_sheet_range.beg_auth_seq_id 
_struct_sheet_range.end_auth_comp_id 
_struct_sheet_range.end_auth_asym_id 
_struct_sheet_range.end_auth_seq_id 
A 1 VAL A 2  ? THR A 6  ? VAL A 2   THR A 6   
A 2 ILE A 11 ? THR A 15 ? ILE A 11  THR A 15  
B 1 GLU A 56 ? CYS A 60 ? GLU A 56  CYS A 60  
B 2 LEU A 22 ? ASP A 30 ? LEU A 22  ASP A 30  
B 3 GLY A 37 ? ALA A 45 ? GLY A 37  ALA A 45  
B 4 HIS B 7  ? THR B 12 ? HIS B 186 THR B 191 
B 5 TYR B 19 ? ASP B 21 ? TYR B 198 ASP B 200 
# 
loop_
_pdbx_struct_sheet_hbond.sheet_id 
_pdbx_struct_sheet_hbond.range_id_1 
_pdbx_struct_sheet_hbond.range_id_2 
_pdbx_struct_sheet_hbond.range_1_label_atom_id 
_pdbx_struct_sheet_hbond.range_1_label_comp_id 
_pdbx_struct_sheet_hbond.range_1_label_asym_id 
_pdbx_struct_sheet_hbond.range_1_label_seq_id 
_pdbx_struct_sheet_hbond.range_1_PDB_ins_code 
_pdbx_struct_sheet_hbond.range_1_auth_atom_id 
_pdbx_struct_sheet_hbond.range_1_auth_comp_id 
_pdbx_struct_sheet_hbond.range_1_auth_asym_id 
_pdbx_struct_sheet_hbond.range_1_auth_seq_id 
_pdbx_struct_sheet_hbond.range_2_label_atom_id 
_pdbx_struct_sheet_hbond.range_2_label_comp_id 
_pdbx_struct_sheet_hbond.range_2_label_asym_id 
_pdbx_struct_sheet_hbond.range_2_label_seq_id 
_pdbx_struct_sheet_hbond.range_2_PDB_ins_code 
_pdbx_struct_sheet_hbond.range_2_auth_atom_id 
_pdbx_struct_sheet_hbond.range_2_auth_comp_id 
_pdbx_struct_sheet_hbond.range_2_auth_asym_id 
_pdbx_struct_sheet_hbond.range_2_auth_seq_id 
A 1 2 N THR A 5  ? N THR A 5   O SER A 12 ? O SER A 12  
B 1 2 O CYS A 60 ? O CYS A 60  N CYS A 23 ? N CYS A 23  
B 2 3 N LEU A 22 ? N LEU A 22  O ALA A 45 ? O ALA A 45  
B 3 4 N LYS A 38 ? N LYS A 38  O THR B 12 ? O THR B 191 
B 4 5 N HIS B 7  ? N HIS B 186 O ASP B 21 ? O ASP B 200 
# 
_pdbx_entry_details.entry_id                   1L4W 
_pdbx_entry_details.compound_details           ? 
_pdbx_entry_details.source_details             ? 
_pdbx_entry_details.nonpolymer_details         ? 
_pdbx_entry_details.sequence_details           ? 
_pdbx_entry_details.has_ligand_of_interest     ? 
_pdbx_entry_details.has_protein_modification   Y 
# 
loop_
_pdbx_validate_close_contact.id 
_pdbx_validate_close_contact.PDB_model_num 
_pdbx_validate_close_contact.auth_atom_id_1 
_pdbx_validate_close_contact.auth_asym_id_1 
_pdbx_validate_close_contact.auth_comp_id_1 
_pdbx_validate_close_contact.auth_seq_id_1 
_pdbx_validate_close_contact.PDB_ins_code_1 
_pdbx_validate_close_contact.label_alt_id_1 
_pdbx_validate_close_contact.auth_atom_id_2 
_pdbx_validate_close_contact.auth_asym_id_2 
_pdbx_validate_close_contact.auth_comp_id_2 
_pdbx_validate_close_contact.auth_seq_id_2 
_pdbx_validate_close_contact.PDB_ins_code_2 
_pdbx_validate_close_contact.label_alt_id_2 
_pdbx_validate_close_contact.dist 
1 1 O   A ALA 7  ? ? H B HIS 186 ? ? 1.52 
2 1 OG1 A THR 8  ? ? H A SER 9   ? ? 1.58 
3 1 O   A ALA 31 ? ? N A SER 35  ? ? 1.99 
4 1 O   A ALA 7  ? ? N B HIS 186 ? ? 2.02 
5 1 O   A ASP 30 ? ? O A GLY 37  ? ? 2.16 
# 
loop_
_pdbx_validate_torsion.id 
_pdbx_validate_torsion.PDB_model_num 
_pdbx_validate_torsion.auth_comp_id 
_pdbx_validate_torsion.auth_asym_id 
_pdbx_validate_torsion.auth_seq_id 
_pdbx_validate_torsion.PDB_ins_code 
_pdbx_validate_torsion.label_alt_id 
_pdbx_validate_torsion.phi 
_pdbx_validate_torsion.psi 
1  1 ALA A 7   ? ? -159.51 -46.53  
2  1 THR A 8   ? ? -76.14  -145.16 
3  1 PRO A 18  ? ? -71.40  -166.42 
4  1 TRP A 28  ? ? -135.36 -157.76 
5  1 ALA A 31  ? ? 96.09   -30.41  
6  1 SER A 34  ? ? -92.60  -74.82  
7  1 SER A 35  ? ? -142.87 -52.13  
8  1 ARG A 36  ? ? -73.80  -90.71  
9  1 CYS A 48  ? ? -39.83  100.78  
10 1 TYR A 54  ? ? 175.79  28.97   
11 1 VAL A 57  ? ? -169.95 115.35  
12 1 ASP A 63  ? ? -38.87  122.96  
13 1 LYS A 64  ? ? 30.77   56.12   
14 1 ASN A 66  ? ? -112.55 60.50   
15 1 ARG A 72  ? ? 176.61  -52.11  
16 1 GLU B 181 ? ? -96.86  -78.41  
17 1 ARG B 182 ? ? 61.55   118.52  
18 1 TRP B 184 ? ? -122.54 -118.01 
19 1 CYS B 192 ? ? 143.98  -44.12  
20 1 ILE B 201 ? ? -126.21 -56.16  
21 1 GLU B 203 ? ? -170.13 85.06   
# 
_pdbx_nmr_ensemble.entry_id                             1L4W 
_pdbx_nmr_ensemble.conformers_calculated_total_number   ? 
_pdbx_nmr_ensemble.conformers_submitted_total_number    1 
_pdbx_nmr_ensemble.conformer_selection_criteria         ? 
# 
_pdbx_nmr_representative.entry_id             1L4W 
_pdbx_nmr_representative.conformer_id         1 
_pdbx_nmr_representative.selection_criteria   'minimized average structure' 
# 
loop_
_pdbx_nmr_sample_details.solution_id 
_pdbx_nmr_sample_details.contents 
_pdbx_nmr_sample_details.solvent_system 
1 '1.8 mM alpha-Bungarotoxin/AChR-peptide, buffer,pH 4' '90% H2O/10% D2O' 
2 '1.8 mM alpha-Bungarotoxin/AChR-peptide, buffer,pH 4' '100% D2O'        
# 
_pdbx_nmr_exptl_sample_conditions.conditions_id       1 
_pdbx_nmr_exptl_sample_conditions.temperature         303 
_pdbx_nmr_exptl_sample_conditions.pressure            ambient 
_pdbx_nmr_exptl_sample_conditions.pH                  4 
_pdbx_nmr_exptl_sample_conditions.ionic_strength      '50 mM Ac' 
_pdbx_nmr_exptl_sample_conditions.pressure_units      ? 
_pdbx_nmr_exptl_sample_conditions.temperature_units   K 
# 
loop_
_pdbx_nmr_exptl.experiment_id 
_pdbx_nmr_exptl.solution_id 
_pdbx_nmr_exptl.conditions_id 
_pdbx_nmr_exptl.type 
1 1 1 HOHAHA     
2 1 1 '2D NOESY' 
3 1 1 DQF-COSY   
4 2 1 '2D NOESY' 
5 2 1 DQF-COSY   
# 
_pdbx_nmr_details.entry_id   1L4W 
_pdbx_nmr_details.text       'Mixing times of 40, 70 and 150 ms were measured for the NOESY experiment' 
# 
_pdbx_nmr_refine.entry_id           1L4W 
_pdbx_nmr_refine.method             
;distance geometry 
simulated annealing 
energy minimization
;
_pdbx_nmr_refine.details            ? 
_pdbx_nmr_refine.software_ordinal   1 
# 
loop_
_pdbx_nmr_software.name 
_pdbx_nmr_software.version 
_pdbx_nmr_software.classification 
_pdbx_nmr_software.authors 
_pdbx_nmr_software.ordinal 
XwinNMR 3   collection           bruker      1 
AURELIA 2.8 'data analysis'      spectrospin 2 
CNS     1   'structure solution' brunger     3 
CNS     1   refinement           brunger     4 
# 
loop_
_chem_comp_atom.comp_id 
_chem_comp_atom.atom_id 
_chem_comp_atom.type_symbol 
_chem_comp_atom.pdbx_aromatic_flag 
_chem_comp_atom.pdbx_stereo_config 
_chem_comp_atom.pdbx_ordinal 
ALA N    N N N 1   
ALA CA   C N S 2   
ALA C    C N N 3   
ALA O    O N N 4   
ALA CB   C N N 5   
ALA OXT  O N N 6   
ALA H    H N N 7   
ALA H2   H N N 8   
ALA HA   H N N 9   
ALA HB1  H N N 10  
ALA HB2  H N N 11  
ALA HB3  H N N 12  
ALA HXT  H N N 13  
ARG N    N N N 14  
ARG CA   C N S 15  
ARG C    C N N 16  
ARG O    O N N 17  
ARG CB   C N N 18  
ARG CG   C N N 19  
ARG CD   C N N 20  
ARG NE   N N N 21  
ARG CZ   C N N 22  
ARG NH1  N N N 23  
ARG NH2  N N N 24  
ARG OXT  O N N 25  
ARG H    H N N 26  
ARG H2   H N N 27  
ARG HA   H N N 28  
ARG HB2  H N N 29  
ARG HB3  H N N 30  
ARG HG2  H N N 31  
ARG HG3  H N N 32  
ARG HD2  H N N 33  
ARG HD3  H N N 34  
ARG HE   H N N 35  
ARG HH11 H N N 36  
ARG HH12 H N N 37  
ARG HH21 H N N 38  
ARG HH22 H N N 39  
ARG HXT  H N N 40  
ASN N    N N N 41  
ASN CA   C N S 42  
ASN C    C N N 43  
ASN O    O N N 44  
ASN CB   C N N 45  
ASN CG   C N N 46  
ASN OD1  O N N 47  
ASN ND2  N N N 48  
ASN OXT  O N N 49  
ASN H    H N N 50  
ASN H2   H N N 51  
ASN HA   H N N 52  
ASN HB2  H N N 53  
ASN HB3  H N N 54  
ASN HD21 H N N 55  
ASN HD22 H N N 56  
ASN HXT  H N N 57  
ASP N    N N N 58  
ASP CA   C N S 59  
ASP C    C N N 60  
ASP O    O N N 61  
ASP CB   C N N 62  
ASP CG   C N N 63  
ASP OD1  O N N 64  
ASP OD2  O N N 65  
ASP OXT  O N N 66  
ASP H    H N N 67  
ASP H2   H N N 68  
ASP HA   H N N 69  
ASP HB2  H N N 70  
ASP HB3  H N N 71  
ASP HD2  H N N 72  
ASP HXT  H N N 73  
CYS N    N N N 74  
CYS CA   C N R 75  
CYS C    C N N 76  
CYS O    O N N 77  
CYS CB   C N N 78  
CYS SG   S N N 79  
CYS OXT  O N N 80  
CYS H    H N N 81  
CYS H2   H N N 82  
CYS HA   H N N 83  
CYS HB2  H N N 84  
CYS HB3  H N N 85  
CYS HG   H N N 86  
CYS HXT  H N N 87  
GLN N    N N N 88  
GLN CA   C N S 89  
GLN C    C N N 90  
GLN O    O N N 91  
GLN CB   C N N 92  
GLN CG   C N N 93  
GLN CD   C N N 94  
GLN OE1  O N N 95  
GLN NE2  N N N 96  
GLN OXT  O N N 97  
GLN H    H N N 98  
GLN H2   H N N 99  
GLN HA   H N N 100 
GLN HB2  H N N 101 
GLN HB3  H N N 102 
GLN HG2  H N N 103 
GLN HG3  H N N 104 
GLN HE21 H N N 105 
GLN HE22 H N N 106 
GLN HXT  H N N 107 
GLU N    N N N 108 
GLU CA   C N S 109 
GLU C    C N N 110 
GLU O    O N N 111 
GLU CB   C N N 112 
GLU CG   C N N 113 
GLU CD   C N N 114 
GLU OE1  O N N 115 
GLU OE2  O N N 116 
GLU OXT  O N N 117 
GLU H    H N N 118 
GLU H2   H N N 119 
GLU HA   H N N 120 
GLU HB2  H N N 121 
GLU HB3  H N N 122 
GLU HG2  H N N 123 
GLU HG3  H N N 124 
GLU HE2  H N N 125 
GLU HXT  H N N 126 
GLY N    N N N 127 
GLY CA   C N N 128 
GLY C    C N N 129 
GLY O    O N N 130 
GLY OXT  O N N 131 
GLY H    H N N 132 
GLY H2   H N N 133 
GLY HA2  H N N 134 
GLY HA3  H N N 135 
GLY HXT  H N N 136 
HIS N    N N N 137 
HIS CA   C N S 138 
HIS C    C N N 139 
HIS O    O N N 140 
HIS CB   C N N 141 
HIS CG   C Y N 142 
HIS ND1  N Y N 143 
HIS CD2  C Y N 144 
HIS CE1  C Y N 145 
HIS NE2  N Y N 146 
HIS OXT  O N N 147 
HIS H    H N N 148 
HIS H2   H N N 149 
HIS HA   H N N 150 
HIS HB2  H N N 151 
HIS HB3  H N N 152 
HIS HD1  H N N 153 
HIS HD2  H N N 154 
HIS HE1  H N N 155 
HIS HE2  H N N 156 
HIS HXT  H N N 157 
ILE N    N N N 158 
ILE CA   C N S 159 
ILE C    C N N 160 
ILE O    O N N 161 
ILE CB   C N S 162 
ILE CG1  C N N 163 
ILE CG2  C N N 164 
ILE CD1  C N N 165 
ILE OXT  O N N 166 
ILE H    H N N 167 
ILE H2   H N N 168 
ILE HA   H N N 169 
ILE HB   H N N 170 
ILE HG12 H N N 171 
ILE HG13 H N N 172 
ILE HG21 H N N 173 
ILE HG22 H N N 174 
ILE HG23 H N N 175 
ILE HD11 H N N 176 
ILE HD12 H N N 177 
ILE HD13 H N N 178 
ILE HXT  H N N 179 
LEU N    N N N 180 
LEU CA   C N S 181 
LEU C    C N N 182 
LEU O    O N N 183 
LEU CB   C N N 184 
LEU CG   C N N 185 
LEU CD1  C N N 186 
LEU CD2  C N N 187 
LEU OXT  O N N 188 
LEU H    H N N 189 
LEU H2   H N N 190 
LEU HA   H N N 191 
LEU HB2  H N N 192 
LEU HB3  H N N 193 
LEU HG   H N N 194 
LEU HD11 H N N 195 
LEU HD12 H N N 196 
LEU HD13 H N N 197 
LEU HD21 H N N 198 
LEU HD22 H N N 199 
LEU HD23 H N N 200 
LEU HXT  H N N 201 
LYS N    N N N 202 
LYS CA   C N S 203 
LYS C    C N N 204 
LYS O    O N N 205 
LYS CB   C N N 206 
LYS CG   C N N 207 
LYS CD   C N N 208 
LYS CE   C N N 209 
LYS NZ   N N N 210 
LYS OXT  O N N 211 
LYS H    H N N 212 
LYS H2   H N N 213 
LYS HA   H N N 214 
LYS HB2  H N N 215 
LYS HB3  H N N 216 
LYS HG2  H N N 217 
LYS HG3  H N N 218 
LYS HD2  H N N 219 
LYS HD3  H N N 220 
LYS HE2  H N N 221 
LYS HE3  H N N 222 
LYS HZ1  H N N 223 
LYS HZ2  H N N 224 
LYS HZ3  H N N 225 
LYS HXT  H N N 226 
MET N    N N N 227 
MET CA   C N S 228 
MET C    C N N 229 
MET O    O N N 230 
MET CB   C N N 231 
MET CG   C N N 232 
MET SD   S N N 233 
MET CE   C N N 234 
MET OXT  O N N 235 
MET H    H N N 236 
MET H2   H N N 237 
MET HA   H N N 238 
MET HB2  H N N 239 
MET HB3  H N N 240 
MET HG2  H N N 241 
MET HG3  H N N 242 
MET HE1  H N N 243 
MET HE2  H N N 244 
MET HE3  H N N 245 
MET HXT  H N N 246 
PHE N    N N N 247 
PHE CA   C N S 248 
PHE C    C N N 249 
PHE O    O N N 250 
PHE CB   C N N 251 
PHE CG   C Y N 252 
PHE CD1  C Y N 253 
PHE CD2  C Y N 254 
PHE CE1  C Y N 255 
PHE CE2  C Y N 256 
PHE CZ   C Y N 257 
PHE OXT  O N N 258 
PHE H    H N N 259 
PHE H2   H N N 260 
PHE HA   H N N 261 
PHE HB2  H N N 262 
PHE HB3  H N N 263 
PHE HD1  H N N 264 
PHE HD2  H N N 265 
PHE HE1  H N N 266 
PHE HE2  H N N 267 
PHE HZ   H N N 268 
PHE HXT  H N N 269 
PRO N    N N N 270 
PRO CA   C N S 271 
PRO C    C N N 272 
PRO O    O N N 273 
PRO CB   C N N 274 
PRO CG   C N N 275 
PRO CD   C N N 276 
PRO OXT  O N N 277 
PRO H    H N N 278 
PRO HA   H N N 279 
PRO HB2  H N N 280 
PRO HB3  H N N 281 
PRO HG2  H N N 282 
PRO HG3  H N N 283 
PRO HD2  H N N 284 
PRO HD3  H N N 285 
PRO HXT  H N N 286 
SER N    N N N 287 
SER CA   C N S 288 
SER C    C N N 289 
SER O    O N N 290 
SER CB   C N N 291 
SER OG   O N N 292 
SER OXT  O N N 293 
SER H    H N N 294 
SER H2   H N N 295 
SER HA   H N N 296 
SER HB2  H N N 297 
SER HB3  H N N 298 
SER HG   H N N 299 
SER HXT  H N N 300 
THR N    N N N 301 
THR CA   C N S 302 
THR C    C N N 303 
THR O    O N N 304 
THR CB   C N R 305 
THR OG1  O N N 306 
THR CG2  C N N 307 
THR OXT  O N N 308 
THR H    H N N 309 
THR H2   H N N 310 
THR HA   H N N 311 
THR HB   H N N 312 
THR HG1  H N N 313 
THR HG21 H N N 314 
THR HG22 H N N 315 
THR HG23 H N N 316 
THR HXT  H N N 317 
TRP N    N N N 318 
TRP CA   C N S 319 
TRP C    C N N 320 
TRP O    O N N 321 
TRP CB   C N N 322 
TRP CG   C Y N 323 
TRP CD1  C Y N 324 
TRP CD2  C Y N 325 
TRP NE1  N Y N 326 
TRP CE2  C Y N 327 
TRP CE3  C Y N 328 
TRP CZ2  C Y N 329 
TRP CZ3  C Y N 330 
TRP CH2  C Y N 331 
TRP OXT  O N N 332 
TRP H    H N N 333 
TRP H2   H N N 334 
TRP HA   H N N 335 
TRP HB2  H N N 336 
TRP HB3  H N N 337 
TRP HD1  H N N 338 
TRP HE1  H N N 339 
TRP HE3  H N N 340 
TRP HZ2  H N N 341 
TRP HZ3  H N N 342 
TRP HH2  H N N 343 
TRP HXT  H N N 344 
TYR N    N N N 345 
TYR CA   C N S 346 
TYR C    C N N 347 
TYR O    O N N 348 
TYR CB   C N N 349 
TYR CG   C Y N 350 
TYR CD1  C Y N 351 
TYR CD2  C Y N 352 
TYR CE1  C Y N 353 
TYR CE2  C Y N 354 
TYR CZ   C Y N 355 
TYR OH   O N N 356 
TYR OXT  O N N 357 
TYR H    H N N 358 
TYR H2   H N N 359 
TYR HA   H N N 360 
TYR HB2  H N N 361 
TYR HB3  H N N 362 
TYR HD1  H N N 363 
TYR HD2  H N N 364 
TYR HE1  H N N 365 
TYR HE2  H N N 366 
TYR HH   H N N 367 
TYR HXT  H N N 368 
VAL N    N N N 369 
VAL CA   C N S 370 
VAL C    C N N 371 
VAL O    O N N 372 
VAL CB   C N N 373 
VAL CG1  C N N 374 
VAL CG2  C N N 375 
VAL OXT  O N N 376 
VAL H    H N N 377 
VAL H2   H N N 378 
VAL HA   H N N 379 
VAL HB   H N N 380 
VAL HG11 H N N 381 
VAL HG12 H N N 382 
VAL HG13 H N N 383 
VAL HG21 H N N 384 
VAL HG22 H N N 385 
VAL HG23 H N N 386 
VAL HXT  H N N 387 
# 
loop_
_chem_comp_bond.comp_id 
_chem_comp_bond.atom_id_1 
_chem_comp_bond.atom_id_2 
_chem_comp_bond.value_order 
_chem_comp_bond.pdbx_aromatic_flag 
_chem_comp_bond.pdbx_stereo_config 
_chem_comp_bond.pdbx_ordinal 
ALA N   CA   sing N N 1   
ALA N   H    sing N N 2   
ALA N   H2   sing N N 3   
ALA CA  C    sing N N 4   
ALA CA  CB   sing N N 5   
ALA CA  HA   sing N N 6   
ALA C   O    doub N N 7   
ALA C   OXT  sing N N 8   
ALA CB  HB1  sing N N 9   
ALA CB  HB2  sing N N 10  
ALA CB  HB3  sing N N 11  
ALA OXT HXT  sing N N 12  
ARG N   CA   sing N N 13  
ARG N   H    sing N N 14  
ARG N   H2   sing N N 15  
ARG CA  C    sing N N 16  
ARG CA  CB   sing N N 17  
ARG CA  HA   sing N N 18  
ARG C   O    doub N N 19  
ARG C   OXT  sing N N 20  
ARG CB  CG   sing N N 21  
ARG CB  HB2  sing N N 22  
ARG CB  HB3  sing N N 23  
ARG CG  CD   sing N N 24  
ARG CG  HG2  sing N N 25  
ARG CG  HG3  sing N N 26  
ARG CD  NE   sing N N 27  
ARG CD  HD2  sing N N 28  
ARG CD  HD3  sing N N 29  
ARG NE  CZ   sing N N 30  
ARG NE  HE   sing N N 31  
ARG CZ  NH1  sing N N 32  
ARG CZ  NH2  doub N N 33  
ARG NH1 HH11 sing N N 34  
ARG NH1 HH12 sing N N 35  
ARG NH2 HH21 sing N N 36  
ARG NH2 HH22 sing N N 37  
ARG OXT HXT  sing N N 38  
ASN N   CA   sing N N 39  
ASN N   H    sing N N 40  
ASN N   H2   sing N N 41  
ASN CA  C    sing N N 42  
ASN CA  CB   sing N N 43  
ASN CA  HA   sing N N 44  
ASN C   O    doub N N 45  
ASN C   OXT  sing N N 46  
ASN CB  CG   sing N N 47  
ASN CB  HB2  sing N N 48  
ASN CB  HB3  sing N N 49  
ASN CG  OD1  doub N N 50  
ASN CG  ND2  sing N N 51  
ASN ND2 HD21 sing N N 52  
ASN ND2 HD22 sing N N 53  
ASN OXT HXT  sing N N 54  
ASP N   CA   sing N N 55  
ASP N   H    sing N N 56  
ASP N   H2   sing N N 57  
ASP CA  C    sing N N 58  
ASP CA  CB   sing N N 59  
ASP CA  HA   sing N N 60  
ASP C   O    doub N N 61  
ASP C   OXT  sing N N 62  
ASP CB  CG   sing N N 63  
ASP CB  HB2  sing N N 64  
ASP CB  HB3  sing N N 65  
ASP CG  OD1  doub N N 66  
ASP CG  OD2  sing N N 67  
ASP OD2 HD2  sing N N 68  
ASP OXT HXT  sing N N 69  
CYS N   CA   sing N N 70  
CYS N   H    sing N N 71  
CYS N   H2   sing N N 72  
CYS CA  C    sing N N 73  
CYS CA  CB   sing N N 74  
CYS CA  HA   sing N N 75  
CYS C   O    doub N N 76  
CYS C   OXT  sing N N 77  
CYS CB  SG   sing N N 78  
CYS CB  HB2  sing N N 79  
CYS CB  HB3  sing N N 80  
CYS SG  HG   sing N N 81  
CYS OXT HXT  sing N N 82  
GLN N   CA   sing N N 83  
GLN N   H    sing N N 84  
GLN N   H2   sing N N 85  
GLN CA  C    sing N N 86  
GLN CA  CB   sing N N 87  
GLN CA  HA   sing N N 88  
GLN C   O    doub N N 89  
GLN C   OXT  sing N N 90  
GLN CB  CG   sing N N 91  
GLN CB  HB2  sing N N 92  
GLN CB  HB3  sing N N 93  
GLN CG  CD   sing N N 94  
GLN CG  HG2  sing N N 95  
GLN CG  HG3  sing N N 96  
GLN CD  OE1  doub N N 97  
GLN CD  NE2  sing N N 98  
GLN NE2 HE21 sing N N 99  
GLN NE2 HE22 sing N N 100 
GLN OXT HXT  sing N N 101 
GLU N   CA   sing N N 102 
GLU N   H    sing N N 103 
GLU N   H2   sing N N 104 
GLU CA  C    sing N N 105 
GLU CA  CB   sing N N 106 
GLU CA  HA   sing N N 107 
GLU C   O    doub N N 108 
GLU C   OXT  sing N N 109 
GLU CB  CG   sing N N 110 
GLU CB  HB2  sing N N 111 
GLU CB  HB3  sing N N 112 
GLU CG  CD   sing N N 113 
GLU CG  HG2  sing N N 114 
GLU CG  HG3  sing N N 115 
GLU CD  OE1  doub N N 116 
GLU CD  OE2  sing N N 117 
GLU OE2 HE2  sing N N 118 
GLU OXT HXT  sing N N 119 
GLY N   CA   sing N N 120 
GLY N   H    sing N N 121 
GLY N   H2   sing N N 122 
GLY CA  C    sing N N 123 
GLY CA  HA2  sing N N 124 
GLY CA  HA3  sing N N 125 
GLY C   O    doub N N 126 
GLY C   OXT  sing N N 127 
GLY OXT HXT  sing N N 128 
HIS N   CA   sing N N 129 
HIS N   H    sing N N 130 
HIS N   H2   sing N N 131 
HIS CA  C    sing N N 132 
HIS CA  CB   sing N N 133 
HIS CA  HA   sing N N 134 
HIS C   O    doub N N 135 
HIS C   OXT  sing N N 136 
HIS CB  CG   sing N N 137 
HIS CB  HB2  sing N N 138 
HIS CB  HB3  sing N N 139 
HIS CG  ND1  sing Y N 140 
HIS CG  CD2  doub Y N 141 
HIS ND1 CE1  doub Y N 142 
HIS ND1 HD1  sing N N 143 
HIS CD2 NE2  sing Y N 144 
HIS CD2 HD2  sing N N 145 
HIS CE1 NE2  sing Y N 146 
HIS CE1 HE1  sing N N 147 
HIS NE2 HE2  sing N N 148 
HIS OXT HXT  sing N N 149 
ILE N   CA   sing N N 150 
ILE N   H    sing N N 151 
ILE N   H2   sing N N 152 
ILE CA  C    sing N N 153 
ILE CA  CB   sing N N 154 
ILE CA  HA   sing N N 155 
ILE C   O    doub N N 156 
ILE C   OXT  sing N N 157 
ILE CB  CG1  sing N N 158 
ILE CB  CG2  sing N N 159 
ILE CB  HB   sing N N 160 
ILE CG1 CD1  sing N N 161 
ILE CG1 HG12 sing N N 162 
ILE CG1 HG13 sing N N 163 
ILE CG2 HG21 sing N N 164 
ILE CG2 HG22 sing N N 165 
ILE CG2 HG23 sing N N 166 
ILE CD1 HD11 sing N N 167 
ILE CD1 HD12 sing N N 168 
ILE CD1 HD13 sing N N 169 
ILE OXT HXT  sing N N 170 
LEU N   CA   sing N N 171 
LEU N   H    sing N N 172 
LEU N   H2   sing N N 173 
LEU CA  C    sing N N 174 
LEU CA  CB   sing N N 175 
LEU CA  HA   sing N N 176 
LEU C   O    doub N N 177 
LEU C   OXT  sing N N 178 
LEU CB  CG   sing N N 179 
LEU CB  HB2  sing N N 180 
LEU CB  HB3  sing N N 181 
LEU CG  CD1  sing N N 182 
LEU CG  CD2  sing N N 183 
LEU CG  HG   sing N N 184 
LEU CD1 HD11 sing N N 185 
LEU CD1 HD12 sing N N 186 
LEU CD1 HD13 sing N N 187 
LEU CD2 HD21 sing N N 188 
LEU CD2 HD22 sing N N 189 
LEU CD2 HD23 sing N N 190 
LEU OXT HXT  sing N N 191 
LYS N   CA   sing N N 192 
LYS N   H    sing N N 193 
LYS N   H2   sing N N 194 
LYS CA  C    sing N N 195 
LYS CA  CB   sing N N 196 
LYS CA  HA   sing N N 197 
LYS C   O    doub N N 198 
LYS C   OXT  sing N N 199 
LYS CB  CG   sing N N 200 
LYS CB  HB2  sing N N 201 
LYS CB  HB3  sing N N 202 
LYS CG  CD   sing N N 203 
LYS CG  HG2  sing N N 204 
LYS CG  HG3  sing N N 205 
LYS CD  CE   sing N N 206 
LYS CD  HD2  sing N N 207 
LYS CD  HD3  sing N N 208 
LYS CE  NZ   sing N N 209 
LYS CE  HE2  sing N N 210 
LYS CE  HE3  sing N N 211 
LYS NZ  HZ1  sing N N 212 
LYS NZ  HZ2  sing N N 213 
LYS NZ  HZ3  sing N N 214 
LYS OXT HXT  sing N N 215 
MET N   CA   sing N N 216 
MET N   H    sing N N 217 
MET N   H2   sing N N 218 
MET CA  C    sing N N 219 
MET CA  CB   sing N N 220 
MET CA  HA   sing N N 221 
MET C   O    doub N N 222 
MET C   OXT  sing N N 223 
MET CB  CG   sing N N 224 
MET CB  HB2  sing N N 225 
MET CB  HB3  sing N N 226 
MET CG  SD   sing N N 227 
MET CG  HG2  sing N N 228 
MET CG  HG3  sing N N 229 
MET SD  CE   sing N N 230 
MET CE  HE1  sing N N 231 
MET CE  HE2  sing N N 232 
MET CE  HE3  sing N N 233 
MET OXT HXT  sing N N 234 
PHE N   CA   sing N N 235 
PHE N   H    sing N N 236 
PHE N   H2   sing N N 237 
PHE CA  C    sing N N 238 
PHE CA  CB   sing N N 239 
PHE CA  HA   sing N N 240 
PHE C   O    doub N N 241 
PHE C   OXT  sing N N 242 
PHE CB  CG   sing N N 243 
PHE CB  HB2  sing N N 244 
PHE CB  HB3  sing N N 245 
PHE CG  CD1  doub Y N 246 
PHE CG  CD2  sing Y N 247 
PHE CD1 CE1  sing Y N 248 
PHE CD1 HD1  sing N N 249 
PHE CD2 CE2  doub Y N 250 
PHE CD2 HD2  sing N N 251 
PHE CE1 CZ   doub Y N 252 
PHE CE1 HE1  sing N N 253 
PHE CE2 CZ   sing Y N 254 
PHE CE2 HE2  sing N N 255 
PHE CZ  HZ   sing N N 256 
PHE OXT HXT  sing N N 257 
PRO N   CA   sing N N 258 
PRO N   CD   sing N N 259 
PRO N   H    sing N N 260 
PRO CA  C    sing N N 261 
PRO CA  CB   sing N N 262 
PRO CA  HA   sing N N 263 
PRO C   O    doub N N 264 
PRO C   OXT  sing N N 265 
PRO CB  CG   sing N N 266 
PRO CB  HB2  sing N N 267 
PRO CB  HB3  sing N N 268 
PRO CG  CD   sing N N 269 
PRO CG  HG2  sing N N 270 
PRO CG  HG3  sing N N 271 
PRO CD  HD2  sing N N 272 
PRO CD  HD3  sing N N 273 
PRO OXT HXT  sing N N 274 
SER N   CA   sing N N 275 
SER N   H    sing N N 276 
SER N   H2   sing N N 277 
SER CA  C    sing N N 278 
SER CA  CB   sing N N 279 
SER CA  HA   sing N N 280 
SER C   O    doub N N 281 
SER C   OXT  sing N N 282 
SER CB  OG   sing N N 283 
SER CB  HB2  sing N N 284 
SER CB  HB3  sing N N 285 
SER OG  HG   sing N N 286 
SER OXT HXT  sing N N 287 
THR N   CA   sing N N 288 
THR N   H    sing N N 289 
THR N   H2   sing N N 290 
THR CA  C    sing N N 291 
THR CA  CB   sing N N 292 
THR CA  HA   sing N N 293 
THR C   O    doub N N 294 
THR C   OXT  sing N N 295 
THR CB  OG1  sing N N 296 
THR CB  CG2  sing N N 297 
THR CB  HB   sing N N 298 
THR OG1 HG1  sing N N 299 
THR CG2 HG21 sing N N 300 
THR CG2 HG22 sing N N 301 
THR CG2 HG23 sing N N 302 
THR OXT HXT  sing N N 303 
TRP N   CA   sing N N 304 
TRP N   H    sing N N 305 
TRP N   H2   sing N N 306 
TRP CA  C    sing N N 307 
TRP CA  CB   sing N N 308 
TRP CA  HA   sing N N 309 
TRP C   O    doub N N 310 
TRP C   OXT  sing N N 311 
TRP CB  CG   sing N N 312 
TRP CB  HB2  sing N N 313 
TRP CB  HB3  sing N N 314 
TRP CG  CD1  doub Y N 315 
TRP CG  CD2  sing Y N 316 
TRP CD1 NE1  sing Y N 317 
TRP CD1 HD1  sing N N 318 
TRP CD2 CE2  doub Y N 319 
TRP CD2 CE3  sing Y N 320 
TRP NE1 CE2  sing Y N 321 
TRP NE1 HE1  sing N N 322 
TRP CE2 CZ2  sing Y N 323 
TRP CE3 CZ3  doub Y N 324 
TRP CE3 HE3  sing N N 325 
TRP CZ2 CH2  doub Y N 326 
TRP CZ2 HZ2  sing N N 327 
TRP CZ3 CH2  sing Y N 328 
TRP CZ3 HZ3  sing N N 329 
TRP CH2 HH2  sing N N 330 
TRP OXT HXT  sing N N 331 
TYR N   CA   sing N N 332 
TYR N   H    sing N N 333 
TYR N   H2   sing N N 334 
TYR CA  C    sing N N 335 
TYR CA  CB   sing N N 336 
TYR CA  HA   sing N N 337 
TYR C   O    doub N N 338 
TYR C   OXT  sing N N 339 
TYR CB  CG   sing N N 340 
TYR CB  HB2  sing N N 341 
TYR CB  HB3  sing N N 342 
TYR CG  CD1  doub Y N 343 
TYR CG  CD2  sing Y N 344 
TYR CD1 CE1  sing Y N 345 
TYR CD1 HD1  sing N N 346 
TYR CD2 CE2  doub Y N 347 
TYR CD2 HD2  sing N N 348 
TYR CE1 CZ   doub Y N 349 
TYR CE1 HE1  sing N N 350 
TYR CE2 CZ   sing Y N 351 
TYR CE2 HE2  sing N N 352 
TYR CZ  OH   sing N N 353 
TYR OH  HH   sing N N 354 
TYR OXT HXT  sing N N 355 
VAL N   CA   sing N N 356 
VAL N   H    sing N N 357 
VAL N   H2   sing N N 358 
VAL CA  C    sing N N 359 
VAL CA  CB   sing N N 360 
VAL CA  HA   sing N N 361 
VAL C   O    doub N N 362 
VAL C   OXT  sing N N 363 
VAL CB  CG1  sing N N 364 
VAL CB  CG2  sing N N 365 
VAL CB  HB   sing N N 366 
VAL CG1 HG11 sing N N 367 
VAL CG1 HG12 sing N N 368 
VAL CG1 HG13 sing N N 369 
VAL CG2 HG21 sing N N 370 
VAL CG2 HG22 sing N N 371 
VAL CG2 HG23 sing N N 372 
VAL OXT HXT  sing N N 373 
# 
loop_
_pdbx_nmr_spectrometer.spectrometer_id 
_pdbx_nmr_spectrometer.type 
_pdbx_nmr_spectrometer.manufacturer 
_pdbx_nmr_spectrometer.model 
_pdbx_nmr_spectrometer.field_strength 
1 ? Bruker DRX 800 
2 ? Bruker DMX 500 
# 
_atom_sites.entry_id                    1L4W 
_atom_sites.fract_transf_matrix[1][1]   1.000000 
_atom_sites.fract_transf_matrix[1][2]   0.000000 
_atom_sites.fract_transf_matrix[1][3]   0.000000 
_atom_sites.fract_transf_matrix[2][1]   0.000000 
_atom_sites.fract_transf_matrix[2][2]   1.000000 
_atom_sites.fract_transf_matrix[2][3]   0.000000 
_atom_sites.fract_transf_matrix[3][1]   0.000000 
_atom_sites.fract_transf_matrix[3][2]   0.000000 
_atom_sites.fract_transf_matrix[3][3]   1.000000 
_atom_sites.fract_transf_vector[1]      0.00000 
_atom_sites.fract_transf_vector[2]      0.00000 
_atom_sites.fract_transf_vector[3]      0.00000 
# 
loop_
_atom_type.symbol 
C 
H 
N 
O 
S 
# 
loop_
_atom_site.group_PDB 
_atom_site.id 
_atom_site.type_symbol 
_atom_site.label_atom_id 
_atom_site.label_alt_id 
_atom_site.label_comp_id 
_atom_site.label_asym_id 
_atom_site.label_entity_id 
_atom_site.label_seq_id 
_atom_site.pdbx_PDB_ins_code 
_atom_site.Cartn_x 
_atom_site.Cartn_y 
_atom_site.Cartn_z 
_atom_site.occupancy 
_atom_site.B_iso_or_equiv 
_atom_site.pdbx_formal_charge 
_atom_site.auth_seq_id 
_atom_site.auth_comp_id 
_atom_site.auth_asym_id 
_atom_site.auth_atom_id 
_atom_site.pdbx_PDB_model_num 
ATOM 1    N N    . ILE A 1 1  ? -15.002 0.440   -9.398  1.00 1.06 ? 1   ILE A N    1 
ATOM 2    C CA   . ILE A 1 1  ? -13.922 1.455   -9.268  1.00 0.67 ? 1   ILE A CA   1 
ATOM 3    C C    . ILE A 1 1  ? -12.549 0.819   -9.400  1.00 0.62 ? 1   ILE A C    1 
ATOM 4    O O    . ILE A 1 1  ? -12.402 -0.403  -9.363  1.00 0.64 ? 1   ILE A O    1 
ATOM 5    C CB   . ILE A 1 1  ? -13.993 2.199   -7.918  1.00 0.76 ? 1   ILE A CB   1 
ATOM 6    C CG1  . ILE A 1 1  ? -15.448 2.404   -7.491  1.00 1.27 ? 1   ILE A CG1  1 
ATOM 7    C CG2  . ILE A 1 1  ? -13.267 3.537   -8.018  1.00 1.41 ? 1   ILE A CG2  1 
ATOM 8    C CD1  . ILE A 1 1  ? -15.600 3.274   -6.264  1.00 2.24 ? 1   ILE A CD1  1 
ATOM 9    H H1   . ILE A 1 1  ? -14.775 -0.162  -10.215 1.00 1.53 ? 1   ILE A H1   1 
ATOM 10   H H2   . ILE A 1 1  ? -15.898 0.949   -9.543  1.00 1.54 ? 1   ILE A H2   1 
ATOM 11   H H3   . ILE A 1 1  ? -15.022 -0.115  -8.520  1.00 1.50 ? 1   ILE A H3   1 
ATOM 12   H HA   . ILE A 1 1  ? -14.035 2.182   -10.058 1.00 0.95 ? 1   ILE A HA   1 
ATOM 13   H HB   . ILE A 1 1  ? -13.486 1.601   -7.177  1.00 1.24 ? 1   ILE A HB   1 
ATOM 14   H HG12 . ILE A 1 1  ? -15.991 2.872   -8.298  1.00 1.52 ? 1   ILE A HG12 1 
ATOM 15   H HG13 . ILE A 1 1  ? -15.891 1.443   -7.275  1.00 1.70 ? 1   ILE A HG13 1 
ATOM 16   H HG21 . ILE A 1 1  ? -12.221 3.396   -7.791  1.00 1.94 ? 1   ILE A HG21 1 
ATOM 17   H HG22 . ILE A 1 1  ? -13.696 4.236   -7.317  1.00 1.95 ? 1   ILE A HG22 1 
ATOM 18   H HG23 . ILE A 1 1  ? -13.368 3.926   -9.021  1.00 1.86 ? 1   ILE A HG23 1 
ATOM 19   H HD11 . ILE A 1 1  ? -14.974 2.891   -5.473  1.00 2.73 ? 1   ILE A HD11 1 
ATOM 20   H HD12 . ILE A 1 1  ? -16.632 3.271   -5.944  1.00 2.78 ? 1   ILE A HD12 1 
ATOM 21   H HD13 . ILE A 1 1  ? -15.299 4.284   -6.503  1.00 2.61 ? 1   ILE A HD13 1 
ATOM 22   N N    . VAL A 1 2  ? -11.550 1.671   -9.545  1.00 0.61 ? 2   VAL A N    1 
ATOM 23   C CA   . VAL A 1 2  ? -10.172 1.236   -9.680  1.00 0.62 ? 2   VAL A CA   1 
ATOM 24   C C    . VAL A 1 2  ? -9.479  1.325   -8.329  1.00 0.56 ? 2   VAL A C    1 
ATOM 25   O O    . VAL A 1 2  ? -9.985  1.984   -7.419  1.00 0.77 ? 2   VAL A O    1 
ATOM 26   C CB   . VAL A 1 2  ? -9.430  2.128   -10.697 1.00 0.70 ? 2   VAL A CB   1 
ATOM 27   C CG1  . VAL A 1 2  ? -7.954  1.763   -10.773 1.00 0.78 ? 2   VAL A CG1  1 
ATOM 28   C CG2  . VAL A 1 2  ? -10.081 2.023   -12.067 1.00 0.81 ? 2   VAL A CG2  1 
ATOM 29   H H    . VAL A 1 2  ? -11.745 2.631   -9.558  1.00 0.63 ? 2   VAL A H    1 
ATOM 30   H HA   . VAL A 1 2  ? -10.161 0.214   -10.031 1.00 0.66 ? 2   VAL A HA   1 
ATOM 31   H HB   . VAL A 1 2  ? -9.513  3.159   -10.363 1.00 0.69 ? 2   VAL A HB   1 
ATOM 32   H HG11 . VAL A 1 2  ? -7.852  0.696   -10.898 1.00 1.17 ? 2   VAL A HG11 1 
ATOM 33   H HG12 . VAL A 1 2  ? -7.461  2.067   -9.860  1.00 1.46 ? 2   VAL A HG12 1 
ATOM 34   H HG13 . VAL A 1 2  ? -7.501  2.269   -11.612 1.00 1.16 ? 2   VAL A HG13 1 
ATOM 35   H HG21 . VAL A 1 2  ? -10.809 2.811   -12.182 1.00 1.42 ? 2   VAL A HG21 1 
ATOM 36   H HG22 . VAL A 1 2  ? -10.569 1.064   -12.163 1.00 1.23 ? 2   VAL A HG22 1 
ATOM 37   H HG23 . VAL A 1 2  ? -9.324  2.119   -12.833 1.00 1.29 ? 2   VAL A HG23 1 
ATOM 38   N N    . CYS A 1 3  ? -8.332  0.674   -8.179  1.00 0.49 ? 3   CYS A N    1 
ATOM 39   C CA   . CYS A 1 3  ? -7.632  0.727   -6.905  1.00 0.44 ? 3   CYS A CA   1 
ATOM 40   C C    . CYS A 1 3  ? -6.187  0.259   -7.007  1.00 0.49 ? 3   CYS A C    1 
ATOM 41   O O    . CYS A 1 3  ? -5.848  -0.602  -7.819  1.00 0.68 ? 3   CYS A O    1 
ATOM 42   C CB   . CYS A 1 3  ? -8.376  -0.116  -5.870  1.00 0.46 ? 3   CYS A CB   1 
ATOM 43   S SG   . CYS A 1 3  ? -8.216  0.502   -4.167  1.00 0.44 ? 3   CYS A SG   1 
ATOM 44   H H    . CYS A 1 3  ? -7.959  0.156   -8.922  1.00 0.61 ? 3   CYS A H    1 
ATOM 45   H HA   . CYS A 1 3  ? -7.633  1.755   -6.579  1.00 0.42 ? 3   CYS A HA   1 
ATOM 46   H HB2  . CYS A 1 3  ? -9.426  -0.132  -6.116  1.00 0.49 ? 3   CYS A HB2  1 
ATOM 47   H HB3  . CYS A 1 3  ? -7.990  -1.125  -5.893  1.00 0.53 ? 3   CYS A HB3  1 
ATOM 48   N N    . HIS A 1 4  ? -5.350  0.830   -6.148  1.00 0.42 ? 4   HIS A N    1 
ATOM 49   C CA   . HIS A 1 4  ? -3.937  0.486   -6.087  1.00 0.50 ? 4   HIS A CA   1 
ATOM 50   C C    . HIS A 1 4  ? -3.692  -0.498  -4.956  1.00 0.60 ? 4   HIS A C    1 
ATOM 51   O O    . HIS A 1 4  ? -4.593  -0.804  -4.174  1.00 1.21 ? 4   HIS A O    1 
ATOM 52   C CB   . HIS A 1 4  ? -3.089  1.739   -5.853  1.00 0.54 ? 4   HIS A CB   1 
ATOM 53   C CG   . HIS A 1 4  ? -2.923  2.603   -7.062  1.00 0.53 ? 4   HIS A CG   1 
ATOM 54   N ND1  . HIS A 1 4  ? -2.605  2.106   -8.307  1.00 1.33 ? 4   HIS A ND1  1 
ATOM 55   C CD2  . HIS A 1 4  ? -3.019  3.945   -7.207  1.00 1.10 ? 4   HIS A CD2  1 
ATOM 56   C CE1  . HIS A 1 4  ? -2.510  3.106   -9.167  1.00 1.07 ? 4   HIS A CE1  1 
ATOM 57   N NE2  . HIS A 1 4  ? -2.757  4.232   -8.524  1.00 0.80 ? 4   HIS A NE2  1 
ATOM 58   H H    . HIS A 1 4  ? -5.700  1.496   -5.520  1.00 0.43 ? 4   HIS A H    1 
ATOM 59   H HA   . HIS A 1 4  ? -3.649  0.027   -7.023  1.00 0.51 ? 4   HIS A HA   1 
ATOM 60   H HB2  . HIS A 1 4  ? -3.551  2.336   -5.083  1.00 0.58 ? 4   HIS A HB2  1 
ATOM 61   H HB3  . HIS A 1 4  ? -2.105  1.438   -5.522  1.00 0.66 ? 4   HIS A HB3  1 
ATOM 62   H HD1  . HIS A 1 4  ? -2.468  1.162   -8.528  1.00 2.19 ? 4   HIS A HD1  1 
ATOM 63   H HD2  . HIS A 1 4  ? -3.266  4.659   -6.431  1.00 2.06 ? 4   HIS A HD2  1 
ATOM 64   H HE1  . HIS A 1 4  ? -2.273  3.015   -10.217 1.00 1.69 ? 4   HIS A HE1  1 
ATOM 65   H HE2  . HIS A 1 4  ? -2.667  5.130   -8.905  1.00 1.23 ? 4   HIS A HE2  1 
ATOM 66   N N    . THR A 1 5  ? -2.466  -0.969  -4.864  1.00 0.46 ? 5   THR A N    1 
ATOM 67   C CA   . THR A 1 5  ? -2.078  -1.898  -3.819  1.00 0.47 ? 5   THR A CA   1 
ATOM 68   C C    . THR A 1 5  ? -0.575  -2.108  -3.847  1.00 0.49 ? 5   THR A C    1 
ATOM 69   O O    . THR A 1 5  ? 0.086   -1.815  -4.839  1.00 0.71 ? 5   THR A O    1 
ATOM 70   C CB   . THR A 1 5  ? -2.814  -3.233  -3.954  1.00 0.58 ? 5   THR A CB   1 
ATOM 71   O OG1  . THR A 1 5  ? -2.157  -4.246  -3.213  1.00 1.01 ? 5   THR A OG1  1 
ATOM 72   C CG2  . THR A 1 5  ? -2.930  -3.714  -5.379  1.00 0.73 ? 5   THR A CG2  1 
ATOM 73   H H    . THR A 1 5  ? -1.794  -0.667  -5.506  1.00 0.84 ? 5   THR A H    1 
ATOM 74   H HA   . THR A 1 5  ? -2.341  -1.449  -2.873  1.00 0.44 ? 5   THR A HA   1 
ATOM 75   H HB   . THR A 1 5  ? -3.815  -3.122  -3.561  1.00 0.90 ? 5   THR A HB   1 
ATOM 76   H HG1  . THR A 1 5  ? -2.784  -4.938  -2.989  1.00 1.42 ? 5   THR A HG1  1 
ATOM 77   H HG21 . THR A 1 5  ? -2.220  -3.184  -5.988  1.00 1.37 ? 5   THR A HG21 1 
ATOM 78   H HG22 . THR A 1 5  ? -3.930  -3.526  -5.744  1.00 1.18 ? 5   THR A HG22 1 
ATOM 79   H HG23 . THR A 1 5  ? -2.723  -4.773  -5.420  1.00 1.39 ? 5   THR A HG23 1 
ATOM 80   N N    . THR A 1 6  ? -0.044  -2.603  -2.748  1.00 0.50 ? 6   THR A N    1 
ATOM 81   C CA   . THR A 1 6  ? 1.356   -2.847  -2.612  1.00 0.53 ? 6   THR A CA   1 
ATOM 82   C C    . THR A 1 6  ? 1.581   -4.317  -2.361  1.00 0.85 ? 6   THR A C    1 
ATOM 83   O O    . THR A 1 6  ? 1.413   -4.787  -1.235  1.00 1.45 ? 6   THR A O    1 
ATOM 84   C CB   . THR A 1 6  ? 1.858   -2.036  -1.445  1.00 0.73 ? 6   THR A CB   1 
ATOM 85   O OG1  . THR A 1 6  ? 1.221   -2.430  -0.242  1.00 1.29 ? 6   THR A OG1  1 
ATOM 86   C CG2  . THR A 1 6  ? 1.614   -0.565  -1.640  1.00 1.02 ? 6   THR A CG2  1 
ATOM 87   H H    . THR A 1 6  ? -0.608  -2.804  -1.992  1.00 0.63 ? 6   THR A H    1 
ATOM 88   H HA   . THR A 1 6  ? 1.863   -2.537  -3.511  1.00 0.48 ? 6   THR A HA   1 
ATOM 89   H HB   . THR A 1 6  ? 2.903   -2.191  -1.342  1.00 0.80 ? 6   THR A HB   1 
ATOM 90   H HG1  . THR A 1 6  ? 1.735   -3.121  0.182   1.00 1.57 ? 6   THR A HG1  1 
ATOM 91   H HG21 . THR A 1 6  ? 1.967   -0.275  -2.619  1.00 1.47 ? 6   THR A HG21 1 
ATOM 92   H HG22 . THR A 1 6  ? 2.137   -0.006  -0.881  1.00 1.56 ? 6   THR A HG22 1 
ATOM 93   H HG23 . THR A 1 6  ? 0.557   -0.372  -1.571  1.00 1.55 ? 6   THR A HG23 1 
ATOM 94   N N    . ALA A 1 7  ? 1.931   -5.061  -3.400  1.00 0.62 ? 7   ALA A N    1 
ATOM 95   C CA   . ALA A 1 7  ? 2.128   -6.487  -3.214  1.00 0.97 ? 7   ALA A CA   1 
ATOM 96   C C    . ALA A 1 7  ? 2.984   -7.186  -4.293  1.00 0.72 ? 7   ALA A C    1 
ATOM 97   O O    . ALA A 1 7  ? 3.858   -7.976  -3.961  1.00 1.00 ? 7   ALA A O    1 
ATOM 98   C CB   . ALA A 1 7  ? 0.762   -7.129  -3.099  1.00 1.51 ? 7   ALA A CB   1 
ATOM 99   H H    . ALA A 1 7  ? 2.026   -4.654  -4.282  1.00 0.51 ? 7   ALA A H    1 
ATOM 100  H HA   . ALA A 1 7  ? 2.618   -6.618  -2.265  1.00 1.28 ? 7   ALA A HA   1 
ATOM 101  H HB1  . ALA A 1 7  ? 0.101   -6.464  -2.563  1.00 1.92 ? 7   ALA A HB1  1 
ATOM 102  H HB2  . ALA A 1 7  ? 0.843   -8.057  -2.562  1.00 1.97 ? 7   ALA A HB2  1 
ATOM 103  H HB3  . ALA A 1 7  ? 0.365   -7.306  -4.084  1.00 1.91 ? 7   ALA A HB3  1 
ATOM 104  N N    . THR A 1 8  ? 2.739   -6.935  -5.571  1.00 0.61 ? 8   THR A N    1 
ATOM 105  C CA   . THR A 1 8  ? 3.512   -7.631  -6.622  1.00 0.77 ? 8   THR A CA   1 
ATOM 106  C C    . THR A 1 8  ? 4.930   -7.069  -6.787  1.00 0.70 ? 8   THR A C    1 
ATOM 107  O O    . THR A 1 8  ? 5.553   -6.673  -5.804  1.00 0.83 ? 8   THR A O    1 
ATOM 108  C CB   . THR A 1 8  ? 2.738   -7.635  -7.943  1.00 1.16 ? 8   THR A CB   1 
ATOM 109  O OG1  . THR A 1 8  ? 3.545   -8.097  -9.011  1.00 1.54 ? 8   THR A OG1  1 
ATOM 110  C CG2  . THR A 1 8  ? 2.187   -6.282  -8.332  1.00 1.44 ? 8   THR A CG2  1 
ATOM 111  H H    . THR A 1 8  ? 2.023   -6.307  -5.814  1.00 0.77 ? 8   THR A H    1 
ATOM 112  H HA   . THR A 1 8  ? 3.613   -8.655  -6.295  1.00 0.89 ? 8   THR A HA   1 
ATOM 113  H HB   . THR A 1 8  ? 1.904   -8.316  -7.842  1.00 1.40 ? 8   THR A HB   1 
ATOM 114  H HG1  . THR A 1 8  ? 2.993   -8.536  -9.663  1.00 1.98 ? 8   THR A HG1  1 
ATOM 115  H HG21 . THR A 1 8  ? 1.137   -6.375  -8.560  1.00 1.71 ? 8   THR A HG21 1 
ATOM 116  H HG22 . THR A 1 8  ? 2.713   -5.917  -9.200  1.00 2.00 ? 8   THR A HG22 1 
ATOM 117  H HG23 . THR A 1 8  ? 2.319   -5.590  -7.513  1.00 1.83 ? 8   THR A HG23 1 
ATOM 118  N N    . SER A 1 9  ? 5.454   -7.045  -8.020  1.00 0.62 ? 9   SER A N    1 
ATOM 119  C CA   . SER A 1 9  ? 6.797   -6.533  -8.246  1.00 0.60 ? 9   SER A CA   1 
ATOM 120  C C    . SER A 1 9  ? 6.792   -5.046  -7.961  1.00 0.54 ? 9   SER A C    1 
ATOM 121  O O    . SER A 1 9  ? 7.380   -4.611  -6.984  1.00 0.56 ? 9   SER A O    1 
ATOM 122  C CB   . SER A 1 9  ? 7.283   -6.837  -9.667  1.00 0.68 ? 9   SER A CB   1 
ATOM 123  O OG   . SER A 1 9  ? 7.972   -8.075  -9.715  1.00 0.99 ? 9   SER A OG   1 
ATOM 124  H H    . SER A 1 9  ? 4.935   -7.374  -8.776  1.00 0.67 ? 9   SER A H    1 
ATOM 125  H HA   . SER A 1 9  ? 7.453   -7.018  -7.537  1.00 0.64 ? 9   SER A HA   1 
ATOM 126  H HB2  . SER A 1 9  ? 6.436   -6.894  -10.333 1.00 0.90 ? 9   SER A HB2  1 
ATOM 127  H HB3  . SER A 1 9  ? 7.949   -6.054  -9.996  1.00 0.90 ? 9   SER A HB3  1 
ATOM 128  H HG   . SER A 1 9  ? 7.729   -8.546  -10.515 1.00 1.37 ? 9   SER A HG   1 
ATOM 129  N N    . PRO A 1 10 ? 6.060   -4.244  -8.746  1.00 0.52 ? 10  PRO A N    1 
ATOM 130  C CA   . PRO A 1 10 ? 5.918   -2.838  -8.501  1.00 0.50 ? 10  PRO A CA   1 
ATOM 131  C C    . PRO A 1 10 ? 4.592   -2.624  -7.792  1.00 0.45 ? 10  PRO A C    1 
ATOM 132  O O    . PRO A 1 10 ? 3.976   -3.588  -7.337  1.00 0.45 ? 10  PRO A O    1 
ATOM 133  C CB   . PRO A 1 10 ? 5.877   -2.272  -9.917  1.00 0.58 ? 10  PRO A CB   1 
ATOM 134  C CG   . PRO A 1 10 ? 5.259   -3.362  -10.747 1.00 0.61 ? 10  PRO A CG   1 
ATOM 135  C CD   . PRO A 1 10 ? 5.231   -4.615  -9.895  1.00 0.58 ? 10  PRO A CD   1 
ATOM 136  H HA   . PRO A 1 10 ? 6.737   -2.421  -7.936  1.00 0.53 ? 10  PRO A HA   1 
ATOM 137  H HB2  . PRO A 1 10 ? 5.277   -1.373  -9.931  1.00 0.60 ? 10  PRO A HB2  1 
ATOM 138  H HB3  . PRO A 1 10 ? 6.880   -2.047  -10.248 1.00 0.62 ? 10  PRO A HB3  1 
ATOM 139  H HG2  . PRO A 1 10 ? 4.254   -3.079  -11.024 1.00 0.63 ? 10  PRO A HG2  1 
ATOM 140  H HG3  . PRO A 1 10 ? 5.856   -3.527  -11.632 1.00 0.69 ? 10  PRO A HG3  1 
ATOM 141  H HD2  . PRO A 1 10 ? 4.221   -4.828  -9.582  1.00 0.58 ? 10  PRO A HD2  1 
ATOM 142  H HD3  . PRO A 1 10 ? 5.648   -5.444  -10.433 1.00 0.65 ? 10  PRO A HD3  1 
ATOM 143  N N    . ILE A 1 11 ? 4.123   -1.400  -7.728  1.00 0.48 ? 11  ILE A N    1 
ATOM 144  C CA   . ILE A 1 11 ? 2.831   -1.147  -7.105  1.00 0.45 ? 11  ILE A CA   1 
ATOM 145  C C    . ILE A 1 11 ? 1.744   -1.847  -7.921  1.00 0.46 ? 11  ILE A C    1 
ATOM 146  O O    . ILE A 1 11 ? 1.772   -1.814  -9.152  1.00 0.54 ? 11  ILE A O    1 
ATOM 147  C CB   . ILE A 1 11 ? 2.521   0.363   -7.003  1.00 0.47 ? 11  ILE A CB   1 
ATOM 148  C CG1  . ILE A 1 11 ? 3.711   1.116   -6.401  1.00 0.70 ? 11  ILE A CG1  1 
ATOM 149  C CG2  . ILE A 1 11 ? 1.267   0.593   -6.172  1.00 0.69 ? 11  ILE A CG2  1 
ATOM 150  C CD1  . ILE A 1 11 ? 4.211   2.249   -7.271  1.00 1.42 ? 11  ILE A CD1  1 
ATOM 151  H H    . ILE A 1 11 ? 4.629   -0.670  -8.131  1.00 0.55 ? 11  ILE A H    1 
ATOM 152  H HA   . ILE A 1 11 ? 2.851   -1.565  -6.108  1.00 0.46 ? 11  ILE A HA   1 
ATOM 153  H HB   . ILE A 1 11 ? 2.336   0.736   -7.996  1.00 0.56 ? 11  ILE A HB   1 
ATOM 154  H HG12 . ILE A 1 11 ? 3.420   1.535   -5.448  1.00 0.84 ? 11  ILE A HG12 1 
ATOM 155  H HG13 . ILE A 1 11 ? 4.527   0.427   -6.251  1.00 1.01 ? 11  ILE A HG13 1 
ATOM 156  H HG21 . ILE A 1 11 ? 0.396   0.322   -6.751  1.00 1.33 ? 11  ILE A HG21 1 
ATOM 157  H HG22 . ILE A 1 11 ? 1.206   1.634   -5.894  1.00 1.21 ? 11  ILE A HG22 1 
ATOM 158  H HG23 . ILE A 1 11 ? 1.311   -0.015  -5.281  1.00 1.28 ? 11  ILE A HG23 1 
ATOM 159  H HD11 . ILE A 1 11 ? 4.082   3.187   -6.751  1.00 1.91 ? 11  ILE A HD11 1 
ATOM 160  H HD12 . ILE A 1 11 ? 3.650   2.269   -8.193  1.00 1.87 ? 11  ILE A HD12 1 
ATOM 161  H HD13 . ILE A 1 11 ? 5.258   2.099   -7.489  1.00 1.95 ? 11  ILE A HD13 1 
ATOM 162  N N    . SER A 1 12 ? 0.801   -2.502  -7.248  1.00 0.48 ? 12  SER A N    1 
ATOM 163  C CA   . SER A 1 12 ? -0.260  -3.223  -7.938  1.00 0.55 ? 12  SER A CA   1 
ATOM 164  C C    . SER A 1 12 ? -1.506  -2.351  -8.054  1.00 0.55 ? 12  SER A C    1 
ATOM 165  O O    . SER A 1 12 ? -1.732  -1.465  -7.231  1.00 0.80 ? 12  SER A O    1 
ATOM 166  C CB   . SER A 1 12 ? -0.586  -4.517  -7.175  1.00 0.70 ? 12  SER A CB   1 
ATOM 167  O OG   . SER A 1 12 ? -0.341  -4.361  -5.788  1.00 0.98 ? 12  SER A OG   1 
ATOM 168  H H    . SER A 1 12 ? 0.831   -2.523  -6.271  1.00 0.51 ? 12  SER A H    1 
ATOM 169  H HA   . SER A 1 12 ? 0.091   -3.473  -8.928  1.00 0.59 ? 12  SER A HA   1 
ATOM 170  H HB2  . SER A 1 12 ? -1.627  -4.767  -7.315  1.00 1.03 ? 12  SER A HB2  1 
ATOM 171  H HB3  . SER A 1 12 ? 0.028   -5.324  -7.544  1.00 0.74 ? 12  SER A HB3  1 
ATOM 172  H HG   . SER A 1 12 ? -0.404  -5.215  -5.354  1.00 1.37 ? 12  SER A HG   1 
ATOM 173  N N    . ALA A 1 13 ? -2.304  -2.590  -9.091  1.00 0.53 ? 13  ALA A N    1 
ATOM 174  C CA   . ALA A 1 13 ? -3.514  -1.808  -9.311  1.00 0.55 ? 13  ALA A CA   1 
ATOM 175  C C    . ALA A 1 13 ? -4.599  -2.635  -9.990  1.00 0.62 ? 13  ALA A C    1 
ATOM 176  O O    . ALA A 1 13 ? -4.433  -3.086  -11.124 1.00 0.79 ? 13  ALA A O    1 
ATOM 177  C CB   . ALA A 1 13 ? -3.197  -0.573  -10.140 1.00 0.65 ? 13  ALA A CB   1 
ATOM 178  H H    . ALA A 1 13 ? -2.068  -3.300  -9.724  1.00 0.70 ? 13  ALA A H    1 
ATOM 179  H HA   . ALA A 1 13 ? -3.877  -1.481  -8.348  1.00 0.55 ? 13  ALA A HA   1 
ATOM 180  H HB1  . ALA A 1 13 ? -2.147  -0.341  -10.055 1.00 1.20 ? 13  ALA A HB1  1 
ATOM 181  H HB2  . ALA A 1 13 ? -3.780  0.262   -9.779  1.00 1.20 ? 13  ALA A HB2  1 
ATOM 182  H HB3  . ALA A 1 13 ? -3.441  -0.761  -11.176 1.00 1.24 ? 13  ALA A HB3  1 
ATOM 183  N N    . VAL A 1 14 ? -5.712  -2.826  -9.290  1.00 0.60 ? 14  VAL A N    1 
ATOM 184  C CA   . VAL A 1 14 ? -6.828  -3.593  -9.826  1.00 0.69 ? 14  VAL A CA   1 
ATOM 185  C C    . VAL A 1 14 ? -8.164  -2.957  -9.450  1.00 0.59 ? 14  VAL A C    1 
ATOM 186  O O    . VAL A 1 14 ? -8.232  -2.108  -8.561  1.00 0.62 ? 14  VAL A O    1 
ATOM 187  C CB   . VAL A 1 14 ? -6.806  -5.047  -9.318  1.00 0.85 ? 14  VAL A CB   1 
ATOM 188  C CG1  . VAL A 1 14 ? -5.639  -5.808  -9.927  1.00 1.24 ? 14  VAL A CG1  1 
ATOM 189  C CG2  . VAL A 1 14 ? -6.741  -5.082  -7.798  1.00 1.10 ? 14  VAL A CG2  1 
ATOM 190  H H    . VAL A 1 14 ? -5.785  -2.437  -8.394  1.00 0.59 ? 14  VAL A H    1 
ATOM 191  H HA   . VAL A 1 14 ? -6.737  -3.608  -10.902 1.00 0.81 ? 14  VAL A HA   1 
ATOM 192  H HB   . VAL A 1 14 ? -7.722  -5.529  -9.629  1.00 1.06 ? 14  VAL A HB   1 
ATOM 193  H HG11 . VAL A 1 14 ? -5.974  -6.338  -10.806 1.00 1.81 ? 14  VAL A HG11 1 
ATOM 194  H HG12 . VAL A 1 14 ? -5.254  -6.514  -9.206  1.00 1.54 ? 14  VAL A HG12 1 
ATOM 195  H HG13 . VAL A 1 14 ? -4.860  -5.113  -10.201 1.00 1.77 ? 14  VAL A HG13 1 
ATOM 196  H HG21 . VAL A 1 14 ? -5.710  -5.145  -7.484  1.00 1.63 ? 14  VAL A HG21 1 
ATOM 197  H HG22 . VAL A 1 14 ? -7.281  -5.943  -7.435  1.00 1.57 ? 14  VAL A HG22 1 
ATOM 198  H HG23 . VAL A 1 14 ? -7.185  -4.182  -7.399  1.00 1.52 ? 14  VAL A HG23 1 
ATOM 199  N N    . THR A 1 15 ? -9.223  -3.383  -10.129 1.00 0.58 ? 15  THR A N    1 
ATOM 200  C CA   . THR A 1 15 ? -10.562 -2.867  -9.865  1.00 0.53 ? 15  THR A CA   1 
ATOM 201  C C    . THR A 1 15 ? -11.300 -3.798  -8.906  1.00 0.58 ? 15  THR A C    1 
ATOM 202  O O    . THR A 1 15 ? -11.178 -5.017  -9.002  1.00 0.79 ? 15  THR A O    1 
ATOM 203  C CB   . THR A 1 15 ? -11.338 -2.719  -11.181 1.00 0.62 ? 15  THR A CB   1 
ATOM 204  O OG1  . THR A 1 15 ? -10.858 -1.611  -11.920 1.00 1.43 ? 15  THR A OG1  1 
ATOM 205  C CG2  . THR A 1 15 ? -12.831 -2.531  -10.998 1.00 1.50 ? 15  THR A CG2  1 
ATOM 206  H H    . THR A 1 15 ? -9.103  -4.066  -10.821 1.00 0.69 ? 15  THR A H    1 
ATOM 207  H HA   . THR A 1 15 ? -10.460 -1.897  -9.402  1.00 0.51 ? 15  THR A HA   1 
ATOM 208  H HB   . THR A 1 15 ? -11.187 -3.609  -11.773 1.00 1.14 ? 15  THR A HB   1 
ATOM 209  H HG1  . THR A 1 15 ? -10.983 -1.772  -12.857 1.00 1.94 ? 15  THR A HG1  1 
ATOM 210  H HG21 . THR A 1 15 ? -13.353 -3.386  -11.401 1.00 2.12 ? 15  THR A HG21 1 
ATOM 211  H HG22 . THR A 1 15 ? -13.148 -1.639  -11.518 1.00 2.12 ? 15  THR A HG22 1 
ATOM 212  H HG23 . THR A 1 15 ? -13.059 -2.433  -9.947  1.00 1.93 ? 15  THR A HG23 1 
ATOM 213  N N    . CYS A 1 16 ? -12.056 -3.215  -7.980  1.00 0.53 ? 16  CYS A N    1 
ATOM 214  C CA   . CYS A 1 16 ? -12.808 -3.998  -6.999  1.00 0.66 ? 16  CYS A CA   1 
ATOM 215  C C    . CYS A 1 16 ? -14.216 -4.316  -7.517  1.00 0.70 ? 16  CYS A C    1 
ATOM 216  O O    . CYS A 1 16 ? -15.072 -3.433  -7.583  1.00 0.84 ? 16  CYS A O    1 
ATOM 217  C CB   . CYS A 1 16 ? -12.884 -3.243  -5.667  1.00 0.77 ? 16  CYS A CB   1 
ATOM 218  S SG   . CYS A 1 16 ? -11.336 -2.390  -5.205  1.00 1.03 ? 16  CYS A SG   1 
ATOM 219  H H    . CYS A 1 16 ? -12.108 -2.236  -7.952  1.00 0.52 ? 16  CYS A H    1 
ATOM 220  H HA   . CYS A 1 16 ? -12.277 -4.925  -6.844  1.00 0.86 ? 16  CYS A HA   1 
ATOM 221  H HB2  . CYS A 1 16 ? -13.664 -2.499  -5.729  1.00 0.83 ? 16  CYS A HB2  1 
ATOM 222  H HB3  . CYS A 1 16 ? -13.123 -3.943  -4.880  1.00 0.97 ? 16  CYS A HB3  1 
ATOM 223  N N    . PRO A 1 17 ? -14.468 -5.581  -7.912  1.00 1.16 ? 17  PRO A N    1 
ATOM 224  C CA   . PRO A 1 17 ? -15.771 -6.007  -8.451  1.00 1.37 ? 17  PRO A CA   1 
ATOM 225  C C    . PRO A 1 17 ? -16.938 -5.871  -7.465  1.00 1.24 ? 17  PRO A C    1 
ATOM 226  O O    . PRO A 1 17 ? -18.001 -5.369  -7.832  1.00 1.78 ? 17  PRO A O    1 
ATOM 227  C CB   . PRO A 1 17 ? -15.556 -7.485  -8.803  1.00 2.12 ? 17  PRO A CB   1 
ATOM 228  C CG   . PRO A 1 17 ? -14.079 -7.656  -8.889  1.00 2.46 ? 17  PRO A CG   1 
ATOM 229  C CD   . PRO A 1 17 ? -13.499 -6.693  -7.896  1.00 1.81 ? 17  PRO A CD   1 
ATOM 230  H HA   . PRO A 1 17 ? -16.011 -5.462  -9.351  1.00 1.46 ? 17  PRO A HA   1 
ATOM 231  H HB2  . PRO A 1 17 ? -15.980 -8.106  -8.028  1.00 2.24 ? 17  PRO A HB2  1 
ATOM 232  H HB3  . PRO A 1 17 ? -16.032 -7.704  -9.747  1.00 2.47 ? 17  PRO A HB3  1 
ATOM 233  H HG2  . PRO A 1 17 ? -13.810 -8.669  -8.631  1.00 2.84 ? 17  PRO A HG2  1 
ATOM 234  H HG3  . PRO A 1 17 ? -13.738 -7.417  -9.886  1.00 3.00 ? 17  PRO A HG3  1 
ATOM 235  H HD2  . PRO A 1 17 ? -13.441 -7.148  -6.919  1.00 1.99 ? 17  PRO A HD2  1 
ATOM 236  H HD3  . PRO A 1 17 ? -12.526 -6.362  -8.217  1.00 1.89 ? 17  PRO A HD3  1 
ATOM 237  N N    . PRO A 1 18 ? -16.778 -6.331  -6.210  1.00 1.30 ? 18  PRO A N    1 
ATOM 238  C CA   . PRO A 1 18 ? -17.853 -6.265  -5.212  1.00 1.67 ? 18  PRO A CA   1 
ATOM 239  C C    . PRO A 1 18 ? -18.127 -4.846  -4.724  1.00 1.39 ? 18  PRO A C    1 
ATOM 240  O O    . PRO A 1 18 ? -17.679 -3.871  -5.327  1.00 2.13 ? 18  PRO A O    1 
ATOM 241  C CB   . PRO A 1 18 ? -17.339 -7.142  -4.070  1.00 2.50 ? 18  PRO A CB   1 
ATOM 242  C CG   . PRO A 1 18 ? -15.857 -7.138  -4.209  1.00 2.62 ? 18  PRO A CG   1 
ATOM 243  C CD   . PRO A 1 18 ? -15.560 -6.965  -5.673  1.00 1.89 ? 18  PRO A CD   1 
ATOM 244  H HA   . PRO A 1 18 ? -18.768 -6.685  -5.601  1.00 2.13 ? 18  PRO A HA   1 
ATOM 245  H HB2  . PRO A 1 18 ? -17.647 -6.722  -3.124  1.00 2.73 ? 18  PRO A HB2  1 
ATOM 246  H HB3  . PRO A 1 18 ? -17.740 -8.140  -4.171  1.00 3.11 ? 18  PRO A HB3  1 
ATOM 247  H HG2  . PRO A 1 18 ? -15.440 -6.317  -3.646  1.00 2.99 ? 18  PRO A HG2  1 
ATOM 248  H HG3  . PRO A 1 18 ? -15.454 -8.077  -3.855  1.00 3.16 ? 18  PRO A HG3  1 
ATOM 249  H HD2  . PRO A 1 18 ? -14.706 -6.320  -5.801  1.00 2.05 ? 18  PRO A HD2  1 
ATOM 250  H HD3  . PRO A 1 18 ? -15.385 -7.923  -6.139  1.00 2.10 ? 18  PRO A HD3  1 
ATOM 251  N N    . GLY A 1 19 ? -18.880 -4.740  -3.630  1.00 1.07 ? 19  GLY A N    1 
ATOM 252  C CA   . GLY A 1 19 ? -19.215 -3.440  -3.081  1.00 1.31 ? 19  GLY A CA   1 
ATOM 253  C C    . GLY A 1 19 ? -18.016 -2.734  -2.483  1.00 1.25 ? 19  GLY A C    1 
ATOM 254  O O    . GLY A 1 19 ? -17.964 -1.506  -2.450  1.00 1.85 ? 19  GLY A O    1 
ATOM 255  H H    . GLY A 1 19 ? -19.214 -5.553  -3.198  1.00 1.42 ? 19  GLY A H    1 
ATOM 256  H HA2  . GLY A 1 19 ? -19.625 -2.824  -3.867  1.00 1.68 ? 19  GLY A HA2  1 
ATOM 257  H HA3  . GLY A 1 19 ? -19.963 -3.568  -2.312  1.00 1.63 ? 19  GLY A HA3  1 
ATOM 258  N N    . GLU A 1 20 ? -17.048 -3.510  -2.013  1.00 0.99 ? 20  GLU A N    1 
ATOM 259  C CA   . GLU A 1 20 ? -15.845 -2.946  -1.423  1.00 1.11 ? 20  GLU A CA   1 
ATOM 260  C C    . GLU A 1 20 ? -14.917 -2.416  -2.514  1.00 0.94 ? 20  GLU A C    1 
ATOM 261  O O    . GLU A 1 20 ? -14.116 -3.157  -3.081  1.00 1.25 ? 20  GLU A O    1 
ATOM 262  C CB   . GLU A 1 20 ? -15.135 -3.998  -0.558  1.00 1.52 ? 20  GLU A CB   1 
ATOM 263  C CG   . GLU A 1 20 ? -14.448 -5.102  -1.345  1.00 2.18 ? 20  GLU A CG   1 
ATOM 264  C CD   . GLU A 1 20 ? -14.737 -6.482  -0.788  1.00 3.05 ? 20  GLU A CD   1 
ATOM 265  O OE1  . GLU A 1 20 ? -15.105 -6.577  0.402   1.00 3.75 ? 20  GLU A OE1  1 
ATOM 266  O OE2  . GLU A 1 20 ? -14.595 -7.469  -1.542  1.00 3.51 ? 20  GLU A OE2  1 
ATOM 267  H H    . GLU A 1 20 ? -17.142 -4.481  -2.066  1.00 1.17 ? 20  GLU A H    1 
ATOM 268  H HA   . GLU A 1 20 ? -16.144 -2.120  -0.795  1.00 1.34 ? 20  GLU A HA   1 
ATOM 269  H HB2  . GLU A 1 20 ? -14.391 -3.506  0.045   1.00 1.87 ? 20  GLU A HB2  1 
ATOM 270  H HB3  . GLU A 1 20 ? -15.865 -4.457  0.092   1.00 1.99 ? 20  GLU A HB3  1 
ATOM 271  H HG2  . GLU A 1 20 ? -14.791 -5.065  -2.366  1.00 2.57 ? 20  GLU A HG2  1 
ATOM 272  H HG3  . GLU A 1 20 ? -13.382 -4.933  -1.315  1.00 2.47 ? 20  GLU A HG3  1 
ATOM 273  N N    . ASN A 1 21 ? -15.032 -1.126  -2.809  1.00 0.76 ? 21  ASN A N    1 
ATOM 274  C CA   . ASN A 1 21 ? -14.202 -0.500  -3.836  1.00 0.95 ? 21  ASN A CA   1 
ATOM 275  C C    . ASN A 1 21 ? -13.389 0.642   -3.243  1.00 0.87 ? 21  ASN A C    1 
ATOM 276  O O    . ASN A 1 21 ? -12.658 1.331   -3.955  1.00 1.18 ? 21  ASN A O    1 
ATOM 277  C CB   . ASN A 1 21 ? -15.060 0.041   -4.983  1.00 1.33 ? 21  ASN A CB   1 
ATOM 278  C CG   . ASN A 1 21 ? -16.350 -0.729  -5.172  1.00 1.34 ? 21  ASN A CG   1 
ATOM 279  O OD1  . ASN A 1 21 ? -16.385 -1.757  -5.851  1.00 1.71 ? 21  ASN A OD1  1 
ATOM 280  N ND2  . ASN A 1 21 ? -17.418 -0.228  -4.568  1.00 1.42 ? 21  ASN A ND2  1 
ATOM 281  H H    . ASN A 1 21 ? -15.688 -0.579  -2.327  1.00 0.79 ? 21  ASN A H    1 
ATOM 282  H HA   . ASN A 1 21 ? -13.528 -1.247  -4.219  1.00 1.13 ? 21  ASN A HA   1 
ATOM 283  H HB2  . ASN A 1 21 ? -15.308 1.071   -4.781  1.00 1.46 ? 21  ASN A HB2  1 
ATOM 284  H HB3  . ASN A 1 21 ? -14.492 -0.013  -5.901  1.00 1.69 ? 21  ASN A HB3  1 
ATOM 285  H HD21 . ASN A 1 21 ? -17.308 0.595   -4.044  1.00 1.54 ? 21  ASN A HD21 1 
ATOM 286  H HD22 . ASN A 1 21 ? -18.271 -0.698  -4.668  1.00 1.65 ? 21  ASN A HD22 1 
ATOM 287  N N    . LEU A 1 22 ? -13.529 0.848   -1.940  1.00 0.63 ? 22  LEU A N    1 
ATOM 288  C CA   . LEU A 1 22 ? -12.818 1.916   -1.263  1.00 0.68 ? 22  LEU A CA   1 
ATOM 289  C C    . LEU A 1 22 ? -11.326 1.616   -1.190  1.00 0.60 ? 22  LEU A C    1 
ATOM 290  O O    . LEU A 1 22 ? -10.922 0.515   -0.827  1.00 0.90 ? 22  LEU A O    1 
ATOM 291  C CB   . LEU A 1 22 ? -13.387 2.122   0.143   1.00 0.87 ? 22  LEU A CB   1 
ATOM 292  C CG   . LEU A 1 22 ? -14.119 3.447   0.347   1.00 0.78 ? 22  LEU A CG   1 
ATOM 293  C CD1  . LEU A 1 22 ? -15.482 3.414   -0.326  1.00 1.36 ? 22  LEU A CD1  1 
ATOM 294  C CD2  . LEU A 1 22 ? -14.259 3.757   1.831   1.00 1.56 ? 22  LEU A CD2  1 
ATOM 295  H H    . LEU A 1 22 ? -14.131 0.274   -1.422  1.00 0.66 ? 22  LEU A H    1 
ATOM 296  H HA   . LEU A 1 22 ? -12.967 2.818   -1.836  1.00 0.76 ? 22  LEU A HA   1 
ATOM 297  H HB2  . LEU A 1 22 ? -14.076 1.317   0.351   1.00 1.30 ? 22  LEU A HB2  1 
ATOM 298  H HB3  . LEU A 1 22 ? -12.574 2.073   0.852   1.00 1.40 ? 22  LEU A HB3  1 
ATOM 299  H HG   . LEU A 1 22 ? -13.543 4.238   -0.109  1.00 1.19 ? 22  LEU A HG   1 
ATOM 300  H HD11 . LEU A 1 22 ? -15.362 3.575   -1.387  1.00 1.81 ? 22  LEU A HD11 1 
ATOM 301  H HD12 . LEU A 1 22 ? -16.107 4.190   0.089   1.00 1.87 ? 22  LEU A HD12 1 
ATOM 302  H HD13 . LEU A 1 22 ? -15.943 2.451   -0.158  1.00 1.96 ? 22  LEU A HD13 1 
ATOM 303  H HD21 . LEU A 1 22 ? -15.161 4.327   1.996   1.00 2.17 ? 22  LEU A HD21 1 
ATOM 304  H HD22 . LEU A 1 22 ? -13.405 4.330   2.160   1.00 2.09 ? 22  LEU A HD22 1 
ATOM 305  H HD23 . LEU A 1 22 ? -14.310 2.833   2.388   1.00 1.92 ? 22  LEU A HD23 1 
ATOM 306  N N    . CYS A 1 23 ? -10.517 2.608   -1.529  1.00 0.45 ? 23  CYS A N    1 
ATOM 307  C CA   . CYS A 1 23 ? -9.071  2.463   -1.495  1.00 0.41 ? 23  CYS A CA   1 
ATOM 308  C C    . CYS A 1 23 ? -8.514  3.072   -0.221  1.00 0.41 ? 23  CYS A C    1 
ATOM 309  O O    . CYS A 1 23 ? -8.549  4.288   -0.040  1.00 0.54 ? 23  CYS A O    1 
ATOM 310  C CB   . CYS A 1 23 ? -8.439  3.137   -2.704  1.00 0.48 ? 23  CYS A CB   1 
ATOM 311  S SG   . CYS A 1 23 ? -8.918  2.399   -4.296  1.00 0.53 ? 23  CYS A SG   1 
ATOM 312  H H    . CYS A 1 23 ? -10.902 3.463   -1.801  1.00 0.61 ? 23  CYS A H    1 
ATOM 313  H HA   . CYS A 1 23 ? -8.834  1.414   -1.518  1.00 0.43 ? 23  CYS A HA   1 
ATOM 314  H HB2  . CYS A 1 23 ? -8.728  4.169   -2.720  1.00 0.61 ? 23  CYS A HB2  1 
ATOM 315  H HB3  . CYS A 1 23 ? -7.369  3.071   -2.621  1.00 0.54 ? 23  CYS A HB3  1 
ATOM 316  N N    . TYR A 1 24 ? -8.006  2.231   0.664   1.00 0.41 ? 24  TYR A N    1 
ATOM 317  C CA   . TYR A 1 24 ? -7.453  2.719   1.914   1.00 0.46 ? 24  TYR A CA   1 
ATOM 318  C C    . TYR A 1 24 ? -5.945  2.881   1.818   1.00 0.44 ? 24  TYR A C    1 
ATOM 319  O O    . TYR A 1 24 ? -5.264  2.160   1.078   1.00 0.44 ? 24  TYR A O    1 
ATOM 320  C CB   . TYR A 1 24 ? -7.813  1.791   3.069   1.00 0.53 ? 24  TYR A CB   1 
ATOM 321  C CG   . TYR A 1 24 ? -7.158  0.443   2.974   1.00 0.52 ? 24  TYR A CG   1 
ATOM 322  C CD1  . TYR A 1 24 ? -7.762  -0.585  2.268   1.00 1.32 ? 24  TYR A CD1  1 
ATOM 323  C CD2  . TYR A 1 24 ? -5.937  0.197   3.586   1.00 1.25 ? 24  TYR A CD2  1 
ATOM 324  C CE1  . TYR A 1 24 ? -7.168  -1.825  2.177   1.00 1.36 ? 24  TYR A CE1  1 
ATOM 325  C CE2  . TYR A 1 24 ? -5.336  -1.035  3.498   1.00 1.26 ? 24  TYR A CE2  1 
ATOM 326  C CZ   . TYR A 1 24 ? -5.953  -2.048  2.794   1.00 0.63 ? 24  TYR A CZ   1 
ATOM 327  O OH   . TYR A 1 24 ? -5.354  -3.286  2.708   1.00 0.72 ? 24  TYR A OH   1 
ATOM 328  H H    . TYR A 1 24 ? -8.006  1.269   0.476   1.00 0.49 ? 24  TYR A H    1 
ATOM 329  H HA   . TYR A 1 24 ? -7.889  3.687   2.101   1.00 0.52 ? 24  TYR A HA   1 
ATOM 330  H HB2  . TYR A 1 24 ? -7.505  2.247   3.998   1.00 0.59 ? 24  TYR A HB2  1 
ATOM 331  H HB3  . TYR A 1 24 ? -8.883  1.643   3.084   1.00 0.58 ? 24  TYR A HB3  1 
ATOM 332  H HD1  . TYR A 1 24 ? -8.713  -0.403  1.784   1.00 2.18 ? 24  TYR A HD1  1 
ATOM 333  H HD2  . TYR A 1 24 ? -5.451  0.990   4.138   1.00 2.12 ? 24  TYR A HD2  1 
ATOM 334  H HE1  . TYR A 1 24 ? -7.652  -2.611  1.623   1.00 2.24 ? 24  TYR A HE1  1 
ATOM 335  H HE2  . TYR A 1 24 ? -4.388  -1.200  3.979   1.00 2.11 ? 24  TYR A HE2  1 
ATOM 336  H HH   . TYR A 1 24 ? -5.629  -3.721  1.898   1.00 1.13 ? 24  TYR A HH   1 
ATOM 337  N N    . ARG A 1 25 ? -5.443  3.839   2.581   1.00 0.49 ? 25  ARG A N    1 
ATOM 338  C CA   . ARG A 1 25 ? -4.024  4.151   2.623   1.00 0.52 ? 25  ARG A CA   1 
ATOM 339  C C    . ARG A 1 25 ? -3.489  3.932   4.031   1.00 0.56 ? 25  ARG A C    1 
ATOM 340  O O    . ARG A 1 25 ? -3.396  4.871   4.822   1.00 0.67 ? 25  ARG A O    1 
ATOM 341  C CB   . ARG A 1 25 ? -3.816  5.604   2.194   1.00 0.65 ? 25  ARG A CB   1 
ATOM 342  C CG   . ARG A 1 25 ? -2.373  6.072   2.267   1.00 1.31 ? 25  ARG A CG   1 
ATOM 343  C CD   . ARG A 1 25 ? -1.961  6.795   0.994   1.00 1.31 ? 25  ARG A CD   1 
ATOM 344  N NE   . ARG A 1 25 ? -1.009  6.011   0.219   1.00 1.20 ? 25  ARG A NE   1 
ATOM 345  C CZ   . ARG A 1 25 ? 0.280   5.909   0.524   1.00 1.93 ? 25  ARG A CZ   1 
ATOM 346  N NH1  . ARG A 1 25 ? 0.785   6.613   1.528   1.00 2.61 ? 25  ARG A NH1  1 
ATOM 347  N NH2  . ARG A 1 25 ? 1.071   5.120   -0.186  1.00 2.55 ? 25  ARG A NH2  1 
ATOM 348  H H    . ARG A 1 25 ? -6.054  4.360   3.140   1.00 0.54 ? 25  ARG A H    1 
ATOM 349  H HA   . ARG A 1 25 ? -3.509  3.495   1.937   1.00 0.50 ? 25  ARG A HA   1 
ATOM 350  H HB2  . ARG A 1 25 ? -4.155  5.716   1.176   1.00 1.13 ? 25  ARG A HB2  1 
ATOM 351  H HB3  . ARG A 1 25 ? -4.410  6.240   2.832   1.00 0.97 ? 25  ARG A HB3  1 
ATOM 352  H HG2  . ARG A 1 25 ? -2.265  6.747   3.104   1.00 1.97 ? 25  ARG A HG2  1 
ATOM 353  H HG3  . ARG A 1 25 ? -1.732  5.215   2.408   1.00 2.12 ? 25  ARG A HG3  1 
ATOM 354  H HD2  . ARG A 1 25 ? -2.840  6.975   0.393   1.00 1.87 ? 25  ARG A HD2  1 
ATOM 355  H HD3  . ARG A 1 25 ? -1.507  7.739   1.259   1.00 1.91 ? 25  ARG A HD3  1 
ATOM 356  H HE   . ARG A 1 25 ? -1.352  5.517   -0.553  1.00 1.45 ? 25  ARG A HE   1 
ATOM 357  H HH11 . ARG A 1 25 ? 0.197   7.223   2.057   1.00 2.46 ? 25  ARG A HH11 1 
ATOM 358  H HH12 . ARG A 1 25 ? 1.756   6.536   1.754   1.00 3.50 ? 25  ARG A HH12 1 
ATOM 359  H HH21 . ARG A 1 25 ? 0.700   4.597   -0.953  1.00 2.44 ? 25  ARG A HH21 1 
ATOM 360  H HH22 . ARG A 1 25 ? 2.040   5.049   0.044   1.00 3.38 ? 25  ARG A HH22 1 
ATOM 361  N N    . LYS A 1 26 ? -3.158  2.683   4.345   1.00 0.56 ? 26  LYS A N    1 
ATOM 362  C CA   . LYS A 1 26 ? -2.654  2.337   5.668   1.00 0.67 ? 26  LYS A CA   1 
ATOM 363  C C    . LYS A 1 26 ? -1.184  2.705   5.812   1.00 0.60 ? 26  LYS A C    1 
ATOM 364  O O    . LYS A 1 26 ? -0.389  2.509   4.893   1.00 0.70 ? 26  LYS A O    1 
ATOM 365  C CB   . LYS A 1 26 ? -2.862  0.843   5.922   1.00 0.89 ? 26  LYS A CB   1 
ATOM 366  C CG   . LYS A 1 26 ? -2.196  0.330   7.189   1.00 1.16 ? 26  LYS A CG   1 
ATOM 367  C CD   . LYS A 1 26 ? -3.220  -0.018  8.253   1.00 0.95 ? 26  LYS A CD   1 
ATOM 368  C CE   . LYS A 1 26 ? -3.792  1.234   8.894   1.00 1.50 ? 26  LYS A CE   1 
ATOM 369  N NZ   . LYS A 1 26 ? -4.493  0.933   10.173  1.00 2.28 ? 26  LYS A NZ   1 
ATOM 370  H H    . LYS A 1 26 ? -3.264  1.973   3.671   1.00 0.54 ? 26  LYS A H    1 
ATOM 371  H HA   . LYS A 1 26 ? -3.219  2.896   6.396   1.00 0.76 ? 26  LYS A HA   1 
ATOM 372  H HB2  . LYS A 1 26 ? -3.922  0.649   5.998   1.00 1.41 ? 26  LYS A HB2  1 
ATOM 373  H HB3  . LYS A 1 26 ? -2.468  0.290   5.084   1.00 1.51 ? 26  LYS A HB3  1 
ATOM 374  H HG2  . LYS A 1 26 ? -1.626  -0.552  6.951   1.00 1.89 ? 26  LYS A HG2  1 
ATOM 375  H HG3  . LYS A 1 26 ? -1.536  1.093   7.575   1.00 1.89 ? 26  LYS A HG3  1 
ATOM 376  H HD2  . LYS A 1 26 ? -4.022  -0.577  7.797   1.00 1.22 ? 26  LYS A HD2  1 
ATOM 377  H HD3  . LYS A 1 26 ? -2.745  -0.619  9.014   1.00 1.32 ? 26  LYS A HD3  1 
ATOM 378  H HE2  . LYS A 1 26 ? -2.983  1.923   9.089   1.00 1.85 ? 26  LYS A HE2  1 
ATOM 379  H HE3  . LYS A 1 26 ? -4.491  1.686   8.206   1.00 1.80 ? 26  LYS A HE3  1 
ATOM 380  H HZ1  . LYS A 1 26 ? -3.953  0.232   10.720  1.00 2.76 ? 26  LYS A HZ1  1 
ATOM 381  H HZ2  . LYS A 1 26 ? -5.440  0.552   9.980   1.00 2.75 ? 26  LYS A HZ2  1 
ATOM 382  H HZ3  . LYS A 1 26 ? -4.588  1.800   10.740  1.00 2.53 ? 26  LYS A HZ3  1 
ATOM 383  N N    . MET A 1 27 ? -0.829  3.240   6.979   1.00 0.56 ? 27  MET A N    1 
ATOM 384  C CA   . MET A 1 27 ? 0.547   3.632   7.241   1.00 0.57 ? 27  MET A CA   1 
ATOM 385  C C    . MET A 1 27 ? 0.853   3.672   8.733   1.00 0.58 ? 27  MET A C    1 
ATOM 386  O O    . MET A 1 27 ? 0.137   4.302   9.511   1.00 0.71 ? 27  MET A O    1 
ATOM 387  C CB   . MET A 1 27 ? 0.843   5.006   6.638   1.00 0.66 ? 27  MET A CB   1 
ATOM 388  C CG   . MET A 1 27 ? 0.359   5.179   5.209   1.00 0.99 ? 27  MET A CG   1 
ATOM 389  S SD   . MET A 1 27 ? 0.772   6.800   4.542   1.00 1.45 ? 27  MET A SD   1 
ATOM 390  C CE   . MET A 1 27 ? -0.068  7.872   5.705   1.00 1.59 ? 27  MET A CE   1 
ATOM 391  H H    . MET A 1 27 ? -1.507  3.371   7.675   1.00 0.62 ? 27  MET A H    1 
ATOM 392  H HA   . MET A 1 27 ? 1.187   2.902   6.775   1.00 0.63 ? 27  MET A HA   1 
ATOM 393  H HB2  . MET A 1 27 ? 0.368   5.761   7.246   1.00 1.16 ? 27  MET A HB2  1 
ATOM 394  H HB3  . MET A 1 27 ? 1.911   5.168   6.653   1.00 1.25 ? 27  MET A HB3  1 
ATOM 395  H HG2  . MET A 1 27 ? 0.819   4.422   4.592   1.00 1.50 ? 27  MET A HG2  1 
ATOM 396  H HG3  . MET A 1 27 ? -0.714  5.058   5.188   1.00 1.49 ? 27  MET A HG3  1 
ATOM 397  H HE1  . MET A 1 27 ? -0.696  7.278   6.353   1.00 1.98 ? 27  MET A HE1  1 
ATOM 398  H HE2  . MET A 1 27 ? -0.675  8.583   5.166   1.00 2.05 ? 27  MET A HE2  1 
ATOM 399  H HE3  . MET A 1 27 ? 0.663   8.401   6.300   1.00 2.10 ? 27  MET A HE3  1 
ATOM 400  N N    . TRP A 1 28 ? 1.946   3.023   9.110   1.00 0.52 ? 28  TRP A N    1 
ATOM 401  C CA   . TRP A 1 28 ? 2.390   3.008   10.501  1.00 0.55 ? 28  TRP A CA   1 
ATOM 402  C C    . TRP A 1 28 ? 3.894   3.250   10.562  1.00 0.52 ? 28  TRP A C    1 
ATOM 403  O O    . TRP A 1 28 ? 4.462   3.832   9.639   1.00 0.52 ? 28  TRP A O    1 
ATOM 404  C CB   . TRP A 1 28 ? 1.998   1.704   11.200  1.00 0.62 ? 28  TRP A CB   1 
ATOM 405  C CG   . TRP A 1 28 ? 2.679   0.495   10.663  1.00 0.61 ? 28  TRP A CG   1 
ATOM 406  C CD1  . TRP A 1 28 ? 3.899   0.019   11.019  1.00 0.67 ? 28  TRP A CD1  1 
ATOM 407  C CD2  . TRP A 1 28 ? 2.167   -0.391  9.677   1.00 0.61 ? 28  TRP A CD2  1 
ATOM 408  N NE1  . TRP A 1 28 ? 4.179   -1.131  10.314  1.00 0.70 ? 28  TRP A NE1  1 
ATOM 409  C CE2  . TRP A 1 28 ? 3.124   -1.400  9.477   1.00 0.66 ? 28  TRP A CE2  1 
ATOM 410  C CE3  . TRP A 1 28 ? 0.986   -0.424  8.945   1.00 0.63 ? 28  TRP A CE3  1 
ATOM 411  C CZ2  . TRP A 1 28 ? 2.928   -2.440  8.568   1.00 0.70 ? 28  TRP A CZ2  1 
ATOM 412  C CZ3  . TRP A 1 28 ? 0.791   -1.444  8.042   1.00 0.68 ? 28  TRP A CZ3  1 
ATOM 413  C CH2  . TRP A 1 28 ? 1.755   -2.444  7.857   1.00 0.71 ? 28  TRP A CH2  1 
ATOM 414  H H    . TRP A 1 28 ? 2.484   2.566   8.429   1.00 0.50 ? 28  TRP A H    1 
ATOM 415  H HA   . TRP A 1 28 ? 1.903   3.823   11.004  1.00 0.59 ? 28  TRP A HA   1 
ATOM 416  H HB2  . TRP A 1 28 ? 2.240   1.781   12.248  1.00 0.67 ? 28  TRP A HB2  1 
ATOM 417  H HB3  . TRP A 1 28 ? 0.933   1.559   11.096  1.00 0.66 ? 28  TRP A HB3  1 
ATOM 418  H HD1  . TRP A 1 28 ? 4.537   0.489   11.752  1.00 0.71 ? 28  TRP A HD1  1 
ATOM 419  H HE1  . TRP A 1 28 ? 4.997   -1.664  10.395  1.00 0.76 ? 28  TRP A HE1  1 
ATOM 420  H HE3  . TRP A 1 28 ? 0.232   0.338   9.074   1.00 0.65 ? 28  TRP A HE3  1 
ATOM 421  H HZ2  . TRP A 1 28 ? 3.664   -3.216  8.417   1.00 0.76 ? 28  TRP A HZ2  1 
ATOM 422  H HZ3  . TRP A 1 28 ? -0.116  -1.480  7.468   1.00 0.74 ? 28  TRP A HZ3  1 
ATOM 423  H HH2  . TRP A 1 28 ? 1.562   -3.217  7.123   1.00 0.77 ? 28  TRP A HH2  1 
ATOM 424  N N    . CYS A 1 29 ? 4.541   2.835   11.645  1.00 0.64 ? 29  CYS A N    1 
ATOM 425  C CA   . CYS A 1 29 ? 5.978   3.061   11.782  1.00 0.65 ? 29  CYS A CA   1 
ATOM 426  C C    . CYS A 1 29 ? 6.782   1.776   11.692  1.00 0.72 ? 29  CYS A C    1 
ATOM 427  O O    . CYS A 1 29 ? 6.612   0.858   12.495  1.00 0.91 ? 29  CYS A O    1 
ATOM 428  C CB   . CYS A 1 29 ? 6.281   3.777   13.104  1.00 0.85 ? 29  CYS A CB   1 
ATOM 429  S SG   . CYS A 1 29 ? 7.322   5.265   12.927  1.00 1.61 ? 29  CYS A SG   1 
ATOM 430  H H    . CYS A 1 29 ? 4.047   2.390   12.363  1.00 0.79 ? 29  CYS A H    1 
ATOM 431  H HA   . CYS A 1 29 ? 6.282   3.693   10.968  1.00 0.58 ? 29  CYS A HA   1 
ATOM 432  H HB2  . CYS A 1 29 ? 5.350   4.082   13.559  1.00 1.24 ? 29  CYS A HB2  1 
ATOM 433  H HB3  . CYS A 1 29 ? 6.793   3.095   13.767  1.00 1.47 ? 29  CYS A HB3  1 
ATOM 434  N N    . ASP A 1 30 ? 7.682   1.735   10.713  1.00 0.70 ? 30  ASP A N    1 
ATOM 435  C CA   . ASP A 1 30 ? 8.542   0.586   10.517  1.00 0.87 ? 30  ASP A CA   1 
ATOM 436  C C    . ASP A 1 30 ? 9.938   1.040   10.129  1.00 0.98 ? 30  ASP A C    1 
ATOM 437  O O    . ASP A 1 30 ? 10.295  1.086   8.943   1.00 0.81 ? 30  ASP A O    1 
ATOM 438  C CB   . ASP A 1 30 ? 7.973   -0.341  9.457   1.00 0.93 ? 30  ASP A CB   1 
ATOM 439  C CG   . ASP A 1 30 ? 8.313   -1.796  9.714   1.00 1.45 ? 30  ASP A CG   1 
ATOM 440  O OD1  . ASP A 1 30 ? 9.513   -2.143  9.663   1.00 2.02 ? 30  ASP A OD1  1 
ATOM 441  O OD2  . ASP A 1 30 ? 7.382   -2.588  9.967   1.00 2.15 ? 30  ASP A OD2  1 
ATOM 442  H H    . ASP A 1 30 ? 7.781   2.511   10.116  1.00 0.65 ? 30  ASP A H    1 
ATOM 443  H HA   . ASP A 1 30 ? 8.600   0.054   11.455  1.00 1.01 ? 30  ASP A HA   1 
ATOM 444  H HB2  . ASP A 1 30 ? 6.900   -0.238  9.446   1.00 1.28 ? 30  ASP A HB2  1 
ATOM 445  H HB3  . ASP A 1 30 ? 8.371   -0.060  8.492   1.00 1.06 ? 30  ASP A HB3  1 
ATOM 446  N N    . ALA A 1 31 ? 10.723  1.375   11.143  1.00 1.72 ? 31  ALA A N    1 
ATOM 447  C CA   . ALA A 1 31 ? 12.095  1.820   10.954  1.00 1.99 ? 31  ALA A CA   1 
ATOM 448  C C    . ALA A 1 31 ? 12.229  3.345   10.930  1.00 1.68 ? 31  ALA A C    1 
ATOM 449  O O    . ALA A 1 31 ? 13.248  3.867   11.362  1.00 1.92 ? 31  ALA A O    1 
ATOM 450  C CB   . ALA A 1 31 ? 12.704  1.215   9.715   1.00 2.26 ? 31  ALA A CB   1 
ATOM 451  H H    . ALA A 1 31 ? 10.370  1.312   12.055  1.00 2.20 ? 31  ALA A H    1 
ATOM 452  H HA   . ALA A 1 31 ? 12.660  1.453   11.799  1.00 2.49 ? 31  ALA A HA   1 
ATOM 453  H HB1  . ALA A 1 31 ? 13.697  0.864   9.944   1.00 2.54 ? 31  ALA A HB1  1 
ATOM 454  H HB2  . ALA A 1 31 ? 12.752  1.969   8.953   1.00 2.59 ? 31  ALA A HB2  1 
ATOM 455  H HB3  . ALA A 1 31 ? 12.103  0.388   9.373   1.00 2.56 ? 31  ALA A HB3  1 
ATOM 456  N N    . PHE A 1 32 ? 11.222  4.087   10.474  1.00 1.44 ? 32  PHE A N    1 
ATOM 457  C CA   . PHE A 1 32 ? 11.358  5.541   10.505  1.00 1.44 ? 32  PHE A CA   1 
ATOM 458  C C    . PHE A 1 32 ? 11.437  5.949   11.956  1.00 1.19 ? 32  PHE A C    1 
ATOM 459  O O    . PHE A 1 32 ? 12.144  6.885   12.326  1.00 1.33 ? 32  PHE A O    1 
ATOM 460  C CB   . PHE A 1 32 ? 10.183  6.240   9.840   1.00 2.11 ? 32  PHE A CB   1 
ATOM 461  C CG   . PHE A 1 32 ? 10.570  7.491   9.099   1.00 2.68 ? 32  PHE A CG   1 
ATOM 462  C CD1  . PHE A 1 32 ? 11.774  7.562   8.414   1.00 3.19 ? 32  PHE A CD1  1 
ATOM 463  C CD2  . PHE A 1 32 ? 9.733   8.594   9.089   1.00 3.24 ? 32  PHE A CD2  1 
ATOM 464  C CE1  . PHE A 1 32 ? 12.134  8.710   7.735   1.00 3.84 ? 32  PHE A CE1  1 
ATOM 465  C CE2  . PHE A 1 32 ? 10.088  9.745   8.411   1.00 3.91 ? 32  PHE A CE2  1 
ATOM 466  C CZ   . PHE A 1 32 ? 11.290  9.803   7.734   1.00 4.07 ? 32  PHE A CZ   1 
ATOM 467  H H    . PHE A 1 32 ? 10.397  3.672   10.147  1.00 1.50 ? 32  PHE A H    1 
ATOM 468  H HA   . PHE A 1 32 ? 12.279  5.806   10.009  1.00 1.61 ? 32  PHE A HA   1 
ATOM 469  H HB2  . PHE A 1 32 ? 9.731   5.567   9.147   1.00 2.26 ? 32  PHE A HB2  1 
ATOM 470  H HB3  . PHE A 1 32 ? 9.462   6.510   10.594  1.00 2.31 ? 32  PHE A HB3  1 
ATOM 471  H HD1  . PHE A 1 32 ? 12.434  6.702   8.415   1.00 3.39 ? 32  PHE A HD1  1 
ATOM 472  H HD2  . PHE A 1 32 ? 8.793   8.550   9.619   1.00 3.46 ? 32  PHE A HD2  1 
ATOM 473  H HE1  . PHE A 1 32 ? 13.075  8.752   7.205   1.00 4.42 ? 32  PHE A HE1  1 
ATOM 474  H HE2  . PHE A 1 32 ? 9.426   10.598  8.411   1.00 4.54 ? 32  PHE A HE2  1 
ATOM 475  H HZ   . PHE A 1 32 ? 11.570  10.702  7.203   1.00 4.66 ? 32  PHE A HZ   1 
ATOM 476  N N    . CYS A 1 33 ? 10.754  5.171   12.777  1.00 1.22 ? 33  CYS A N    1 
ATOM 477  C CA   . CYS A 1 33 ? 10.783  5.363   14.199  1.00 1.53 ? 33  CYS A CA   1 
ATOM 478  C C    . CYS A 1 33 ? 12.113  4.814   14.700  1.00 1.78 ? 33  CYS A C    1 
ATOM 479  O O    . CYS A 1 33 ? 12.735  5.361   15.610  1.00 2.42 ? 33  CYS A O    1 
ATOM 480  C CB   . CYS A 1 33 ? 9.593   4.644   14.843  1.00 1.66 ? 33  CYS A CB   1 
ATOM 481  S SG   . CYS A 1 33 ? 8.038   5.594   14.801  1.00 1.75 ? 33  CYS A SG   1 
ATOM 482  H H    . CYS A 1 33 ? 10.256  4.410   12.413  1.00 1.31 ? 33  CYS A H    1 
ATOM 483  H HA   . CYS A 1 33 ? 10.737  6.417   14.400  1.00 1.77 ? 33  CYS A HA   1 
ATOM 484  H HB2  . CYS A 1 33 ? 9.414   3.718   14.312  1.00 2.07 ? 33  CYS A HB2  1 
ATOM 485  H HB3  . CYS A 1 33 ? 9.822   4.427   15.875  1.00 2.19 ? 33  CYS A HB3  1 
ATOM 486  N N    . SER A 1 34 ? 12.550  3.735   14.048  1.00 1.74 ? 34  SER A N    1 
ATOM 487  C CA   . SER A 1 34 ? 13.819  3.094   14.353  1.00 2.26 ? 34  SER A CA   1 
ATOM 488  C C    . SER A 1 34 ? 14.940  3.651   13.466  1.00 2.02 ? 34  SER A C    1 
ATOM 489  O O    . SER A 1 34 ? 15.784  4.418   13.929  1.00 2.27 ? 34  SER A O    1 
ATOM 490  C CB   . SER A 1 34 ? 13.704  1.580   14.165  1.00 2.94 ? 34  SER A CB   1 
ATOM 491  O OG   . SER A 1 34 ? 14.064  0.890   15.350  1.00 3.32 ? 34  SER A OG   1 
ATOM 492  H H    . SER A 1 34 ? 12.008  3.375   13.318  1.00 1.73 ? 34  SER A H    1 
ATOM 493  H HA   . SER A 1 34 ? 14.055  3.304   15.385  1.00 2.68 ? 34  SER A HA   1 
ATOM 494  H HB2  . SER A 1 34 ? 12.686  1.326   13.913  1.00 3.22 ? 34  SER A HB2  1 
ATOM 495  H HB3  . SER A 1 34 ? 14.361  1.265   13.367  1.00 3.42 ? 34  SER A HB3  1 
ATOM 496  H HG   . SER A 1 34 ? 13.281  0.746   15.886  1.00 3.46 ? 34  SER A HG   1 
ATOM 497  N N    . SER A 1 35 ? 14.951  3.245   12.188  1.00 1.89 ? 35  SER A N    1 
ATOM 498  C CA   . SER A 1 35 ? 15.989  3.697   11.249  1.00 2.18 ? 35  SER A CA   1 
ATOM 499  C C    . SER A 1 35 ? 15.505  3.957   9.798   1.00 2.11 ? 35  SER A C    1 
ATOM 500  O O    . SER A 1 35 ? 15.814  5.003   9.229   1.00 2.68 ? 35  SER A O    1 
ATOM 501  C CB   . SER A 1 35 ? 17.129  2.679   11.221  1.00 2.74 ? 35  SER A CB   1 
ATOM 502  O OG   . SER A 1 35 ? 16.647  1.381   10.921  1.00 2.77 ? 35  SER A OG   1 
ATOM 503  H H    . SER A 1 35 ? 14.258  2.630   11.880  1.00 1.84 ? 35  SER A H    1 
ATOM 504  H HA   . SER A 1 35 ? 16.383  4.623   11.639  1.00 2.36 ? 35  SER A HA   1 
ATOM 505  H HB2  . SER A 1 35 ? 17.846  2.965   10.465  1.00 3.15 ? 35  SER A HB2  1 
ATOM 506  H HB3  . SER A 1 35 ? 17.613  2.656   12.185  1.00 2.90 ? 35  SER A HB3  1 
ATOM 507  H HG   . SER A 1 35 ? 16.065  1.084   11.625  1.00 2.73 ? 35  SER A HG   1 
ATOM 508  N N    . ARG A 1 36 ? 14.819  2.984   9.177   1.00 1.64 ? 36  ARG A N    1 
ATOM 509  C CA   . ARG A 1 36 ? 14.394  3.114   7.764   1.00 1.59 ? 36  ARG A CA   1 
ATOM 510  C C    . ARG A 1 36 ? 13.222  4.082   7.539   1.00 1.29 ? 36  ARG A C    1 
ATOM 511  O O    . ARG A 1 36 ? 13.460  5.262   7.284   1.00 1.33 ? 36  ARG A O    1 
ATOM 512  C CB   . ARG A 1 36 ? 14.082  1.748   7.118   1.00 1.84 ? 36  ARG A CB   1 
ATOM 513  C CG   . ARG A 1 36 ? 14.969  0.605   7.585   1.00 1.84 ? 36  ARG A CG   1 
ATOM 514  C CD   . ARG A 1 36 ? 14.829  -0.615  6.684   1.00 1.83 ? 36  ARG A CD   1 
ATOM 515  N NE   . ARG A 1 36 ? 16.118  -1.051  6.149   1.00 2.56 ? 36  ARG A NE   1 
ATOM 516  C CZ   . ARG A 1 36 ? 16.347  -2.272  5.671   1.00 2.99 ? 36  ARG A CZ   1 
ATOM 517  N NH1  . ARG A 1 36 ? 15.378  -3.180  5.653   1.00 3.06 ? 36  ARG A NH1  1 
ATOM 518  N NH2  . ARG A 1 36 ? 17.550  -2.585  5.209   1.00 3.84 ? 36  ARG A NH2  1 
ATOM 519  H H    . ARG A 1 36 ? 14.642  2.158   9.652   1.00 1.59 ? 36  ARG A H    1 
ATOM 520  H HA   . ARG A 1 36 ? 15.243  3.528   7.240   1.00 1.76 ? 36  ARG A HA   1 
ATOM 521  H HB2  . ARG A 1 36 ? 13.060  1.481   7.323   1.00 2.27 ? 36  ARG A HB2  1 
ATOM 522  H HB3  . ARG A 1 36 ? 14.203  1.845   6.049   1.00 2.27 ? 36  ARG A HB3  1 
ATOM 523  H HG2  . ARG A 1 36 ? 15.997  0.931   7.577   1.00 2.18 ? 36  ARG A HG2  1 
ATOM 524  H HG3  . ARG A 1 36 ? 14.685  0.328   8.587   1.00 2.30 ? 36  ARG A HG3  1 
ATOM 525  H HD2  . ARG A 1 36 ? 14.398  -1.423  7.257   1.00 2.01 ? 36  ARG A HD2  1 
ATOM 526  H HD3  . ARG A 1 36 ? 14.172  -0.372  5.861   1.00 1.77 ? 36  ARG A HD3  1 
ATOM 527  H HE   . ARG A 1 36 ? 16.850  -0.400  6.148   1.00 3.10 ? 36  ARG A HE   1 
ATOM 528  H HH11 . ARG A 1 36 ? 14.470  -2.950  5.999   1.00 2.77 ? 36  ARG A HH11 1 
ATOM 529  H HH12 . ARG A 1 36 ? 15.559  -4.095  5.292   1.00 3.73 ? 36  ARG A HH12 1 
ATOM 530  H HH21 . ARG A 1 36 ? 18.282  -1.905  5.219   1.00 4.22 ? 36  ARG A HH21 1 
ATOM 531  H HH22 . ARG A 1 36 ? 17.724  -3.502  4.850   1.00 4.30 ? 36  ARG A HH22 1 
ATOM 532  N N    . GLY A 1 37 ? 11.961  3.604   7.575   1.00 1.13 ? 37  GLY A N    1 
ATOM 533  C CA   . GLY A 1 37 ? 10.855  4.514   7.311   1.00 0.92 ? 37  GLY A CA   1 
ATOM 534  C C    . GLY A 1 37 ? 9.500   4.023   7.794   1.00 0.76 ? 37  GLY A C    1 
ATOM 535  O O    . GLY A 1 37 ? 9.386   2.967   8.409   1.00 1.02 ? 37  GLY A O    1 
ATOM 536  H H    . GLY A 1 37 ? 11.784  2.650   7.751   1.00 1.24 ? 37  GLY A H    1 
ATOM 537  H HA2  . GLY A 1 37 ? 11.067  5.453   7.785   1.00 0.97 ? 37  GLY A HA2  1 
ATOM 538  H HA3  . GLY A 1 37 ? 10.799  4.679   6.244   1.00 0.97 ? 37  GLY A HA3  1 
ATOM 539  N N    . LYS A 1 38 ? 8.461   4.801   7.509   1.00 0.53 ? 38  LYS A N    1 
ATOM 540  C CA   . LYS A 1 38 ? 7.114   4.434   7.908   1.00 0.51 ? 38  LYS A CA   1 
ATOM 541  C C    . LYS A 1 38 ? 6.569   3.438   6.906   1.00 0.50 ? 38  LYS A C    1 
ATOM 542  O O    . LYS A 1 38 ? 6.884   3.517   5.733   1.00 0.69 ? 38  LYS A O    1 
ATOM 543  C CB   . LYS A 1 38 ? 6.216   5.672   7.979   1.00 0.61 ? 38  LYS A CB   1 
ATOM 544  C CG   . LYS A 1 38 ? 5.904   6.118   9.399   1.00 0.81 ? 38  LYS A CG   1 
ATOM 545  C CD   . LYS A 1 38 ? 6.340   7.555   9.648   1.00 1.24 ? 38  LYS A CD   1 
ATOM 546  C CE   . LYS A 1 38 ? 5.243   8.364   10.320  1.00 1.55 ? 38  LYS A CE   1 
ATOM 547  N NZ   . LYS A 1 38 ? 5.526   9.826   10.281  1.00 2.13 ? 38  LYS A NZ   1 
ATOM 548  H H    . LYS A 1 38 ? 8.600   5.635   7.011   1.00 0.59 ? 38  LYS A H    1 
ATOM 549  H HA   . LYS A 1 38 ? 7.165   3.968   8.881   1.00 0.62 ? 38  LYS A HA   1 
ATOM 550  H HB2  . LYS A 1 38 ? 6.708   6.486   7.468   1.00 0.67 ? 38  LYS A HB2  1 
ATOM 551  H HB3  . LYS A 1 38 ? 5.284   5.456   7.479   1.00 0.85 ? 38  LYS A HB3  1 
ATOM 552  H HG2  . LYS A 1 38 ? 4.839   6.044   9.562   1.00 1.13 ? 38  LYS A HG2  1 
ATOM 553  H HG3  . LYS A 1 38 ? 6.421   5.470   10.091  1.00 1.24 ? 38  LYS A HG3  1 
ATOM 554  H HD2  . LYS A 1 38 ? 7.211   7.551   10.287  1.00 1.81 ? 38  LYS A HD2  1 
ATOM 555  H HD3  . LYS A 1 38 ? 6.587   8.016   8.703   1.00 1.66 ? 38  LYS A HD3  1 
ATOM 556  H HE2  . LYS A 1 38 ? 4.309   8.174   9.811   1.00 2.07 ? 38  LYS A HE2  1 
ATOM 557  H HE3  . LYS A 1 38 ? 5.160   8.049   11.351  1.00 1.91 ? 38  LYS A HE3  1 
ATOM 558  H HZ1  . LYS A 1 38 ? 6.552   9.992   10.327  1.00 2.54 ? 38  LYS A HZ1  1 
ATOM 559  H HZ2  . LYS A 1 38 ? 5.074   10.300  11.088  1.00 2.53 ? 38  LYS A HZ2  1 
ATOM 560  H HZ3  . LYS A 1 38 ? 5.158   10.238  9.400   1.00 2.57 ? 38  LYS A HZ3  1 
ATOM 561  N N    . VAL A 1 39 ? 5.777   2.491   7.362   1.00 0.49 ? 39  VAL A N    1 
ATOM 562  C CA   . VAL A 1 39 ? 5.230   1.485   6.465   1.00 0.50 ? 39  VAL A CA   1 
ATOM 563  C C    . VAL A 1 39 ? 4.003   1.998   5.725   1.00 0.45 ? 39  VAL A C    1 
ATOM 564  O O    . VAL A 1 39 ? 3.253   2.832   6.232   1.00 0.50 ? 39  VAL A O    1 
ATOM 565  C CB   . VAL A 1 39 ? 4.886   0.201   7.231   1.00 0.64 ? 39  VAL A CB   1 
ATOM 566  C CG1  . VAL A 1 39 ? 3.690   -0.522  6.615   1.00 0.75 ? 39  VAL A CG1  1 
ATOM 567  C CG2  . VAL A 1 39 ? 6.085   -0.728  7.267   1.00 0.99 ? 39  VAL A CG2  1 
ATOM 568  H H    . VAL A 1 39 ? 5.564   2.455   8.318   1.00 0.62 ? 39  VAL A H    1 
ATOM 569  H HA   . VAL A 1 39 ? 5.984   1.242   5.731   1.00 0.52 ? 39  VAL A HA   1 
ATOM 570  H HB   . VAL A 1 39 ? 4.637   0.487   8.246   1.00 0.73 ? 39  VAL A HB   1 
ATOM 571  H HG11 . VAL A 1 39 ? 3.814   -1.585  6.741   1.00 1.31 ? 39  VAL A HG11 1 
ATOM 572  H HG12 . VAL A 1 39 ? 3.629   -0.301  5.564   1.00 1.18 ? 39  VAL A HG12 1 
ATOM 573  H HG13 . VAL A 1 39 ? 2.782   -0.205  7.105   1.00 1.39 ? 39  VAL A HG13 1 
ATOM 574  H HG21 . VAL A 1 39 ? 6.991   -0.145  7.221   1.00 1.59 ? 39  VAL A HG21 1 
ATOM 575  H HG22 . VAL A 1 39 ? 6.045   -1.396  6.419   1.00 1.57 ? 39  VAL A HG22 1 
ATOM 576  H HG23 . VAL A 1 39 ? 6.069   -1.304  8.179   1.00 1.27 ? 39  VAL A HG23 1 
ATOM 577  N N    . VAL A 1 40 ? 3.821   1.476   4.515   1.00 0.41 ? 40  VAL A N    1 
ATOM 578  C CA   . VAL A 1 40 ? 2.705   1.848   3.666   1.00 0.41 ? 40  VAL A CA   1 
ATOM 579  C C    . VAL A 1 40 ? 2.138   0.640   2.927   1.00 0.38 ? 40  VAL A C    1 
ATOM 580  O O    . VAL A 1 40 ? 2.862   -0.042  2.181   1.00 0.39 ? 40  VAL A O    1 
ATOM 581  C CB   . VAL A 1 40 ? 3.123   2.899   2.619   1.00 0.44 ? 40  VAL A CB   1 
ATOM 582  C CG1  . VAL A 1 40 ? 1.898   3.560   2.007   1.00 0.60 ? 40  VAL A CG1  1 
ATOM 583  C CG2  . VAL A 1 40 ? 4.044   3.938   3.236   1.00 0.50 ? 40  VAL A CG2  1 
ATOM 584  H H    . VAL A 1 40 ? 4.466   0.816   4.184   1.00 0.42 ? 40  VAL A H    1 
ATOM 585  H HA   . VAL A 1 40 ? 1.935   2.276   4.290   1.00 0.49 ? 40  VAL A HA   1 
ATOM 586  H HB   . VAL A 1 40 ? 3.663   2.395   1.830   1.00 0.45 ? 40  VAL A HB   1 
ATOM 587  H HG11 . VAL A 1 40 ? 1.032   3.351   2.616   1.00 1.22 ? 40  VAL A HG11 1 
ATOM 588  H HG12 . VAL A 1 40 ? 1.740   3.174   1.010   1.00 1.15 ? 40  VAL A HG12 1 
ATOM 589  H HG13 . VAL A 1 40 ? 2.052   4.628   1.957   1.00 1.22 ? 40  VAL A HG13 1 
ATOM 590  H HG21 . VAL A 1 40 ? 3.473   4.563   3.903   1.00 1.08 ? 40  VAL A HG21 1 
ATOM 591  H HG22 . VAL A 1 40 ? 4.482   4.549   2.456   1.00 1.22 ? 40  VAL A HG22 1 
ATOM 592  H HG23 . VAL A 1 40 ? 4.829   3.447   3.789   1.00 1.10 ? 40  VAL A HG23 1 
ATOM 593  N N    . GLU A 1 41 ? 0.834   0.408   3.109   1.00 0.40 ? 41  GLU A N    1 
ATOM 594  C CA   . GLU A 1 41 ? 0.140   -0.679  2.430   1.00 0.43 ? 41  GLU A CA   1 
ATOM 595  C C    . GLU A 1 41 ? -1.111  -0.143  1.738   1.00 0.44 ? 41  GLU A C    1 
ATOM 596  O O    . GLU A 1 41 ? -1.998  0.428   2.383   1.00 0.65 ? 41  GLU A O    1 
ATOM 597  C CB   . GLU A 1 41 ? -0.254  -1.827  3.369   1.00 0.57 ? 41  GLU A CB   1 
ATOM 598  C CG   . GLU A 1 41 ? -0.261  -1.493  4.846   1.00 1.04 ? 41  GLU A CG   1 
ATOM 599  C CD   . GLU A 1 41 ? -0.721  -2.677  5.677   1.00 1.88 ? 41  GLU A CD   1 
ATOM 600  O OE1  . GLU A 1 41 ? -0.011  -3.705  5.686   1.00 2.59 ? 41  GLU A OE1  1 
ATOM 601  O OE2  . GLU A 1 41 ? -1.792  -2.581  6.310   1.00 2.52 ? 41  GLU A OE2  1 
ATOM 602  H H    . GLU A 1 41 ? 0.321   1.009   3.690   1.00 0.43 ? 41  GLU A H    1 
ATOM 603  H HA   . GLU A 1 41 ? 0.813   -1.068  1.683   1.00 0.44 ? 41  GLU A HA   1 
ATOM 604  H HB2  . GLU A 1 41 ? -1.249  -2.156  3.106   1.00 1.22 ? 41  GLU A HB2  1 
ATOM 605  H HB3  . GLU A 1 41 ? 0.432   -2.646  3.215   1.00 1.34 ? 41  GLU A HB3  1 
ATOM 606  H HG2  . GLU A 1 41 ? 0.738   -1.217  5.149   1.00 1.53 ? 41  GLU A HG2  1 
ATOM 607  H HG3  . GLU A 1 41 ? -0.934  -0.666  5.016   1.00 1.43 ? 41  GLU A HG3  1 
ATOM 608  N N    . LEU A 1 42 ? -1.178  -0.336  0.426   1.00 0.45 ? 42  LEU A N    1 
ATOM 609  C CA   . LEU A 1 42 ? -2.320  0.115   -0.361  1.00 0.46 ? 42  LEU A CA   1 
ATOM 610  C C    . LEU A 1 42 ? -3.303  -1.035  -0.548  1.00 0.46 ? 42  LEU A C    1 
ATOM 611  O O    . LEU A 1 42 ? -2.897  -2.152  -0.867  1.00 0.60 ? 42  LEU A O    1 
ATOM 612  C CB   . LEU A 1 42 ? -1.854  0.623   -1.730  1.00 0.61 ? 42  LEU A CB   1 
ATOM 613  C CG   . LEU A 1 42 ? -0.831  1.757   -1.712  1.00 0.59 ? 42  LEU A CG   1 
ATOM 614  C CD1  . LEU A 1 42 ? -0.705  2.379   -3.094  1.00 0.84 ? 42  LEU A CD1  1 
ATOM 615  C CD2  . LEU A 1 42 ? -1.207  2.812   -0.682  1.00 0.93 ? 42  LEU A CD2  1 
ATOM 616  H H    . LEU A 1 42 ? -0.444  -0.801  -0.023  1.00 0.62 ? 42  LEU A H    1 
ATOM 617  H HA   . LEU A 1 42 ? -2.806  0.915   0.174   1.00 0.47 ? 42  LEU A HA   1 
ATOM 618  H HB2  . LEU A 1 42 ? -1.411  -0.204  -2.258  1.00 0.72 ? 42  LEU A HB2  1 
ATOM 619  H HB3  . LEU A 1 42 ? -2.718  0.958   -2.282  1.00 0.87 ? 42  LEU A HB3  1 
ATOM 620  H HG   . LEU A 1 42 ? 0.132   1.352   -1.447  1.00 0.53 ? 42  LEU A HG   1 
ATOM 621  H HD11 . LEU A 1 42 ? 0.044   1.847   -3.661  1.00 1.36 ? 42  LEU A HD11 1 
ATOM 622  H HD12 . LEU A 1 42 ? -0.416  3.415   -2.999  1.00 1.38 ? 42  LEU A HD12 1 
ATOM 623  H HD13 . LEU A 1 42 ? -1.654  2.316   -3.605  1.00 1.34 ? 42  LEU A HD13 1 
ATOM 624  H HD21 . LEU A 1 42 ? -0.584  2.698   0.194   1.00 1.38 ? 42  LEU A HD21 1 
ATOM 625  H HD22 . LEU A 1 42 ? -2.243  2.693   -0.405  1.00 1.43 ? 42  LEU A HD22 1 
ATOM 626  H HD23 . LEU A 1 42 ? -1.058  3.792   -1.103  1.00 1.52 ? 42  LEU A HD23 1 
ATOM 627  N N    . GLY A 1 43 ? -4.594  -0.776  -0.344  1.00 0.41 ? 43  GLY A N    1 
ATOM 628  C CA   . GLY A 1 43 ? -5.567  -1.844  -0.502  1.00 0.51 ? 43  GLY A CA   1 
ATOM 629  C C    . GLY A 1 43 ? -6.973  -1.361  -0.804  1.00 0.42 ? 43  GLY A C    1 
ATOM 630  O O    . GLY A 1 43 ? -7.235  -0.160  -0.858  1.00 0.43 ? 43  GLY A O    1 
ATOM 631  H H    . GLY A 1 43 ? -4.880  0.129   -0.080  1.00 0.40 ? 43  GLY A H    1 
ATOM 632  H HA2  . GLY A 1 43 ? -5.245  -2.482  -1.312  1.00 0.64 ? 43  GLY A HA2  1 
ATOM 633  H HA3  . GLY A 1 43 ? -5.587  -2.428  0.405   1.00 0.61 ? 43  GLY A HA3  1 
ATOM 634  N N    . CYS A 1 44 ? -7.875  -2.320  -1.002  1.00 0.46 ? 44  CYS A N    1 
ATOM 635  C CA   . CYS A 1 44 ? -9.272  -2.028  -1.305  1.00 0.44 ? 44  CYS A CA   1 
ATOM 636  C C    . CYS A 1 44 ? -10.188 -2.667  -0.261  1.00 0.48 ? 44  CYS A C    1 
ATOM 637  O O    . CYS A 1 44 ? -10.188 -3.886  -0.088  1.00 0.74 ? 44  CYS A O    1 
ATOM 638  C CB   . CYS A 1 44 ? -9.620  -2.547  -2.703  1.00 0.51 ? 44  CYS A CB   1 
ATOM 639  S SG   . CYS A 1 44 ? -11.370 -2.346  -3.173  1.00 0.63 ? 44  CYS A SG   1 
ATOM 640  H H    . CYS A 1 44 ? -7.591  -3.255  -0.944  1.00 0.55 ? 44  CYS A H    1 
ATOM 641  H HA   . CYS A 1 44 ? -9.403  -0.958  -1.280  1.00 0.46 ? 44  CYS A HA   1 
ATOM 642  H HB2  . CYS A 1 44 ? -9.025  -2.017  -3.433  1.00 0.61 ? 44  CYS A HB2  1 
ATOM 643  H HB3  . CYS A 1 44 ? -9.385  -3.600  -2.756  1.00 0.63 ? 44  CYS A HB3  1 
ATOM 644  N N    . ALA A 1 45 ? -10.959 -1.839  0.440   1.00 0.51 ? 45  ALA A N    1 
ATOM 645  C CA   . ALA A 1 45 ? -11.865 -2.331  1.473   1.00 0.59 ? 45  ALA A CA   1 
ATOM 646  C C    . ALA A 1 45 ? -13.277 -1.783  1.293   1.00 0.63 ? 45  ALA A C    1 
ATOM 647  O O    . ALA A 1 45 ? -13.544 -0.996  0.385   1.00 0.69 ? 45  ALA A O    1 
ATOM 648  C CB   . ALA A 1 45 ? -11.335 -1.964  2.849   1.00 0.72 ? 45  ALA A CB   1 
ATOM 649  H H    . ALA A 1 45 ? -10.911 -0.877  0.266   1.00 0.68 ? 45  ALA A H    1 
ATOM 650  H HA   . ALA A 1 45 ? -11.899 -3.408  1.403   1.00 0.65 ? 45  ALA A HA   1 
ATOM 651  H HB1  . ALA A 1 45 ? -11.527 -0.919  3.041   1.00 1.25 ? 45  ALA A HB1  1 
ATOM 652  H HB2  . ALA A 1 45 ? -10.272 -2.148  2.886   1.00 1.33 ? 45  ALA A HB2  1 
ATOM 653  H HB3  . ALA A 1 45 ? -11.831 -2.564  3.598   1.00 1.22 ? 45  ALA A HB3  1 
ATOM 654  N N    . ALA A 1 46 ? -14.175 -2.207  2.177   1.00 0.71 ? 46  ALA A N    1 
ATOM 655  C CA   . ALA A 1 46 ? -15.563 -1.772  2.148   1.00 0.81 ? 46  ALA A CA   1 
ATOM 656  C C    . ALA A 1 46 ? -15.940 -1.127  3.473   1.00 0.95 ? 46  ALA A C    1 
ATOM 657  O O    . ALA A 1 46 ? -16.808 -0.257  3.532   1.00 1.15 ? 46  ALA A O    1 
ATOM 658  C CB   . ALA A 1 46 ? -16.482 -2.950  1.866   1.00 0.91 ? 46  ALA A CB   1 
ATOM 659  H H    . ALA A 1 46 ? -13.893 -2.826  2.880   1.00 0.74 ? 46  ALA A H    1 
ATOM 660  H HA   . ALA A 1 46 ? -15.678 -1.052  1.349   1.00 0.83 ? 46  ALA A HA   1 
ATOM 661  H HB1  . ALA A 1 46 ? -17.311 -2.937  2.557   1.00 1.44 ? 46  ALA A HB1  1 
ATOM 662  H HB2  . ALA A 1 46 ? -15.931 -3.872  1.982   1.00 1.32 ? 46  ALA A HB2  1 
ATOM 663  H HB3  . ALA A 1 46 ? -16.856 -2.882  0.855   1.00 1.38 ? 46  ALA A HB3  1 
ATOM 664  N N    . THR A 1 47 ? -15.284 -1.577  4.543   1.00 0.93 ? 47  THR A N    1 
ATOM 665  C CA   . THR A 1 47 ? -15.554 -1.058  5.873   1.00 1.12 ? 47  THR A CA   1 
ATOM 666  C C    . THR A 1 47 ? -14.301 -0.454  6.505   1.00 0.92 ? 47  THR A C    1 
ATOM 667  O O    . THR A 1 47 ? -13.919 -0.814  7.618   1.00 1.13 ? 47  THR A O    1 
ATOM 668  C CB   . THR A 1 47 ? -16.095 -2.173  6.765   1.00 1.52 ? 47  THR A CB   1 
ATOM 669  O OG1  . THR A 1 47 ? -16.538 -1.655  8.007   1.00 2.10 ? 47  THR A OG1  1 
ATOM 670  C CG2  . THR A 1 47 ? -15.064 -3.241  7.049   1.00 2.05 ? 47  THR A CG2  1 
ATOM 671  H H    . THR A 1 47 ? -14.611 -2.278  4.433   1.00 0.84 ? 47  THR A H    1 
ATOM 672  H HA   . THR A 1 47 ? -16.300 -0.293  5.776   1.00 1.31 ? 47  THR A HA   1 
ATOM 673  H HB   . THR A 1 47 ? -16.933 -2.644  6.272   1.00 1.81 ? 47  THR A HB   1 
ATOM 674  H HG1  . THR A 1 47 ? -17.088 -0.884  7.855   1.00 2.56 ? 47  THR A HG1  1 
ATOM 675  H HG21 . THR A 1 47 ? -15.364 -4.166  6.581   1.00 2.41 ? 47  THR A HG21 1 
ATOM 676  H HG22 . THR A 1 47 ? -14.978 -3.385  8.116   1.00 2.48 ? 47  THR A HG22 1 
ATOM 677  H HG23 . THR A 1 47 ? -14.110 -2.927  6.648   1.00 2.53 ? 47  THR A HG23 1 
ATOM 678  N N    . CYS A 1 48 ? -13.671 0.466   5.785   1.00 0.83 ? 48  CYS A N    1 
ATOM 679  C CA   . CYS A 1 48 ? -12.457 1.136   6.260   1.00 0.92 ? 48  CYS A CA   1 
ATOM 680  C C    . CYS A 1 48 ? -12.548 1.462   7.756   1.00 1.02 ? 48  CYS A C    1 
ATOM 681  O O    . CYS A 1 48 ? -13.194 2.433   8.148   1.00 1.56 ? 48  CYS A O    1 
ATOM 682  C CB   . CYS A 1 48 ? -12.228 2.422   5.464   1.00 1.33 ? 48  CYS A CB   1 
ATOM 683  S SG   . CYS A 1 48 ? -10.571 3.150   5.677   1.00 1.39 ? 48  CYS A SG   1 
ATOM 684  H H    . CYS A 1 48 ? -14.029 0.701   4.908   1.00 0.95 ? 48  CYS A H    1 
ATOM 685  H HA   . CYS A 1 48 ? -11.624 0.470   6.096   1.00 1.05 ? 48  CYS A HA   1 
ATOM 686  H HB2  . CYS A 1 48 ? -12.360 2.214   4.413   1.00 1.81 ? 48  CYS A HB2  1 
ATOM 687  H HB3  . CYS A 1 48 ? -12.953 3.161   5.772   1.00 2.02 ? 48  CYS A HB3  1 
ATOM 688  N N    . PRO A 1 49 ? -11.906 0.642   8.612   1.00 1.32 ? 49  PRO A N    1 
ATOM 689  C CA   . PRO A 1 49 ? -11.927 0.842   10.067  1.00 1.61 ? 49  PRO A CA   1 
ATOM 690  C C    . PRO A 1 49 ? -11.123 2.060   10.511  1.00 1.16 ? 49  PRO A C    1 
ATOM 691  O O    . PRO A 1 49 ? -10.641 2.836   9.685   1.00 1.60 ? 49  PRO A O    1 
ATOM 692  C CB   . PRO A 1 49 ? -11.295 -0.442  10.611  1.00 2.49 ? 49  PRO A CB   1 
ATOM 693  C CG   . PRO A 1 49 ? -10.423 -0.930  9.507   1.00 2.87 ? 49  PRO A CG   1 
ATOM 694  C CD   . PRO A 1 49 ? -11.119 -0.548  8.231   1.00 2.10 ? 49  PRO A CD   1 
ATOM 695  H HA   . PRO A 1 49 ? -12.938 0.929   10.437  1.00 2.06 ? 49  PRO A HA   1 
ATOM 696  H HB2  . PRO A 1 49 ? -10.722 -0.214  11.498  1.00 2.59 ? 49  PRO A HB2  1 
ATOM 697  H HB3  . PRO A 1 49 ? -12.069 -1.156  10.849  1.00 3.04 ? 49  PRO A HB3  1 
ATOM 698  H HG2  . PRO A 1 49 ? -9.456  -0.453  9.566   1.00 3.25 ? 49  PRO A HG2  1 
ATOM 699  H HG3  . PRO A 1 49 ? -10.319 -2.003  9.570   1.00 3.55 ? 49  PRO A HG3  1 
ATOM 700  H HD2  . PRO A 1 49 ? -10.397 -0.302  7.466   1.00 2.20 ? 49  PRO A HD2  1 
ATOM 701  H HD3  . PRO A 1 49 ? -11.766 -1.347  7.900   1.00 2.40 ? 49  PRO A HD3  1 
ATOM 702  N N    . SER A 1 50 ? -10.986 2.221   11.825  1.00 1.54 ? 50  SER A N    1 
ATOM 703  C CA   . SER A 1 50 ? -10.246 3.344   12.391  1.00 1.88 ? 50  SER A CA   1 
ATOM 704  C C    . SER A 1 50 ? -8.771  2.995   12.580  1.00 1.36 ? 50  SER A C    1 
ATOM 705  O O    . SER A 1 50 ? -8.432  1.902   13.034  1.00 1.80 ? 50  SER A O    1 
ATOM 706  C CB   . SER A 1 50 ? -10.857 3.760   13.730  1.00 3.10 ? 50  SER A CB   1 
ATOM 707  O OG   . SER A 1 50 ? -12.260 3.559   13.734  1.00 3.75 ? 50  SER A OG   1 
ATOM 708  H H    . SER A 1 50 ? -11.397 1.568   12.430  1.00 2.15 ? 50  SER A H    1 
ATOM 709  H HA   . SER A 1 50 ? -10.321 4.170   11.701  1.00 2.21 ? 50  SER A HA   1 
ATOM 710  H HB2  . SER A 1 50 ? -10.421 3.170   14.522  1.00 3.33 ? 50  SER A HB2  1 
ATOM 711  H HB3  . SER A 1 50 ? -10.655 4.806   13.906  1.00 3.56 ? 50  SER A HB3  1 
ATOM 712  H HG   . SER A 1 50 ? -12.668 4.138   13.086  1.00 3.93 ? 50  SER A HG   1 
ATOM 713  N N    . LYS A 1 51 ? -7.901  3.937   12.230  1.00 1.30 ? 51  LYS A N    1 
ATOM 714  C CA   . LYS A 1 51 ? -6.459  3.742   12.358  1.00 1.44 ? 51  LYS A CA   1 
ATOM 715  C C    . LYS A 1 51 ? -5.945  4.217   13.715  1.00 1.28 ? 51  LYS A C    1 
ATOM 716  O O    . LYS A 1 51 ? -4.740  4.378   13.905  1.00 1.92 ? 51  LYS A O    1 
ATOM 717  C CB   . LYS A 1 51 ? -5.718  4.491   11.247  1.00 2.51 ? 51  LYS A CB   1 
ATOM 718  C CG   . LYS A 1 51 ? -6.199  5.922   11.033  1.00 3.14 ? 51  LYS A CG   1 
ATOM 719  C CD   . LYS A 1 51 ? -5.913  6.807   12.237  1.00 3.92 ? 51  LYS A CD   1 
ATOM 720  C CE   . LYS A 1 51 ? -7.163  7.039   13.071  1.00 4.81 ? 51  LYS A CE   1 
ATOM 721  N NZ   . LYS A 1 51 ? -8.099  7.993   12.415  1.00 5.56 ? 51  LYS A NZ   1 
ATOM 722  H H    . LYS A 1 51 ? -8.239  4.785   11.877  1.00 1.80 ? 51  LYS A H    1 
ATOM 723  H HA   . LYS A 1 51 ? -6.258  2.687   12.260  1.00 1.67 ? 51  LYS A HA   1 
ATOM 724  H HB2  . LYS A 1 51 ? -4.669  4.523   11.493  1.00 2.80 ? 51  LYS A HB2  1 
ATOM 725  H HB3  . LYS A 1 51 ? -5.841  3.950   10.321  1.00 2.94 ? 51  LYS A HB3  1 
ATOM 726  H HG2  . LYS A 1 51 ? -5.692  6.333   10.175  1.00 3.43 ? 51  LYS A HG2  1 
ATOM 727  H HG3  . LYS A 1 51 ? -7.263  5.911   10.849  1.00 3.42 ? 51  LYS A HG3  1 
ATOM 728  H HD2  . LYS A 1 51 ? -5.165  6.333   12.851  1.00 4.09 ? 51  LYS A HD2  1 
ATOM 729  H HD3  . LYS A 1 51 ? -5.543  7.760   11.888  1.00 4.20 ? 51  LYS A HD3  1 
ATOM 730  H HE2  . LYS A 1 51 ? -7.667  6.095   13.214  1.00 5.04 ? 51  LYS A HE2  1 
ATOM 731  H HE3  . LYS A 1 51 ? -6.869  7.438   14.031  1.00 5.11 ? 51  LYS A HE3  1 
ATOM 732  H HZ1  . LYS A 1 51 ? -9.074  7.806   12.724  1.00 5.81 ? 51  LYS A HZ1  1 
ATOM 733  H HZ2  . LYS A 1 51 ? -8.048  7.890   11.382  1.00 5.88 ? 51  LYS A HZ2  1 
ATOM 734  H HZ3  . LYS A 1 51 ? -7.847  8.970   12.667  1.00 5.89 ? 51  LYS A HZ3  1 
ATOM 735  N N    . LYS A 1 52 ? -6.854  4.454   14.652  1.00 1.49 ? 52  LYS A N    1 
ATOM 736  C CA   . LYS A 1 52 ? -6.470  4.929   15.974  1.00 1.90 ? 52  LYS A CA   1 
ATOM 737  C C    . LYS A 1 52 ? -5.541  3.959   16.705  1.00 1.62 ? 52  LYS A C    1 
ATOM 738  O O    . LYS A 1 52 ? -4.599  4.396   17.364  1.00 1.82 ? 52  LYS A O    1 
ATOM 739  C CB   . LYS A 1 52 ? -7.700  5.203   16.831  1.00 3.09 ? 52  LYS A CB   1 
ATOM 740  C CG   . LYS A 1 52 ? -7.462  6.295   17.856  1.00 3.90 ? 52  LYS A CG   1 
ATOM 741  C CD   . LYS A 1 52 ? -7.033  5.721   19.198  1.00 4.54 ? 52  LYS A CD   1 
ATOM 742  C CE   . LYS A 1 52 ? -5.546  5.928   19.445  1.00 4.56 ? 52  LYS A CE   1 
ATOM 743  N NZ   . LYS A 1 52 ? -5.294  6.973   20.476  1.00 5.52 ? 52  LYS A NZ   1 
ATOM 744  H H    . LYS A 1 52 ? -7.802  4.321   14.447  1.00 1.95 ? 52  LYS A H    1 
ATOM 745  H HA   . LYS A 1 52 ? -5.941  5.859   15.836  1.00 2.28 ? 52  LYS A HA   1 
ATOM 746  H HB2  . LYS A 1 52 ? -8.515  5.506   16.190  1.00 3.57 ? 52  LYS A HB2  1 
ATOM 747  H HB3  . LYS A 1 52 ? -7.975  4.299   17.354  1.00 3.40 ? 52  LYS A HB3  1 
ATOM 748  H HG2  . LYS A 1 52 ? -6.680  6.947   17.490  1.00 4.25 ? 52  LYS A HG2  1 
ATOM 749  H HG3  . LYS A 1 52 ? -8.373  6.860   17.988  1.00 4.17 ? 52  LYS A HG3  1 
ATOM 750  H HD2  . LYS A 1 52 ? -7.589  6.212   19.983  1.00 5.14 ? 52  LYS A HD2  1 
ATOM 751  H HD3  . LYS A 1 52 ? -7.248  4.663   19.211  1.00 4.80 ? 52  LYS A HD3  1 
ATOM 752  H HE2  . LYS A 1 52 ? -5.116  4.995   19.778  1.00 4.33 ? 52  LYS A HE2  1 
ATOM 753  H HE3  . LYS A 1 52 ? -5.078  6.229   18.518  1.00 4.49 ? 52  LYS A HE3  1 
ATOM 754  H HZ1  . LYS A 1 52 ? -4.315  7.317   20.404  1.00 5.72 ? 52  LYS A HZ1  1 
ATOM 755  H HZ2  . LYS A 1 52 ? -5.442  6.580   21.427  1.00 5.87 ? 52  LYS A HZ2  1 
ATOM 756  H HZ3  . LYS A 1 52 ? -5.943  7.774   20.340  1.00 5.97 ? 52  LYS A HZ3  1 
ATOM 757  N N    . PRO A 1 53 ? -5.786  2.632   16.623  1.00 2.03 ? 53  PRO A N    1 
ATOM 758  C CA   . PRO A 1 53 ? -4.958  1.634   17.298  1.00 2.58 ? 53  PRO A CA   1 
ATOM 759  C C    . PRO A 1 53 ? -3.492  2.044   17.416  1.00 2.36 ? 53  PRO A C    1 
ATOM 760  O O    . PRO A 1 53 ? -2.917  2.005   18.503  1.00 3.01 ? 53  PRO A O    1 
ATOM 761  C CB   . PRO A 1 53 ? -5.124  0.422   16.393  1.00 3.41 ? 53  PRO A CB   1 
ATOM 762  C CG   . PRO A 1 53 ? -6.541  0.511   15.929  1.00 3.43 ? 53  PRO A CG   1 
ATOM 763  C CD   . PRO A 1 53 ? -6.886  1.985   15.876  1.00 2.66 ? 53  PRO A CD   1 
ATOM 764  H HA   . PRO A 1 53 ? -5.343  1.404   18.281  1.00 2.97 ? 53  PRO A HA   1 
ATOM 765  H HB2  . PRO A 1 53 ? -4.429  0.484   15.568  1.00 3.76 ? 53  PRO A HB2  1 
ATOM 766  H HB3  . PRO A 1 53 ? -4.949  -0.483  16.956  1.00 3.93 ? 53  PRO A HB3  1 
ATOM 767  H HG2  . PRO A 1 53 ? -6.632  0.071   14.947  1.00 3.88 ? 53  PRO A HG2  1 
ATOM 768  H HG3  . PRO A 1 53 ? -7.187  0.002   16.628  1.00 3.85 ? 53  PRO A HG3  1 
ATOM 769  H HD2  . PRO A 1 53 ? -6.913  2.320   14.853  1.00 2.79 ? 53  PRO A HD2  1 
ATOM 770  H HD3  . PRO A 1 53 ? -7.837  2.165   16.358  1.00 2.82 ? 53  PRO A HD3  1 
ATOM 771  N N    . TYR A 1 54 ? -2.892  2.449   16.297  1.00 1.67 ? 54  TYR A N    1 
ATOM 772  C CA   . TYR A 1 54 ? -1.492  2.874   16.295  1.00 1.55 ? 54  TYR A CA   1 
ATOM 773  C C    . TYR A 1 54 ? -0.998  3.193   14.892  1.00 1.14 ? 54  TYR A C    1 
ATOM 774  O O    . TYR A 1 54 ? 0.186   3.032   14.605  1.00 1.27 ? 54  TYR A O    1 
ATOM 775  C CB   . TYR A 1 54 ? -0.600  1.774   16.862  1.00 1.84 ? 54  TYR A CB   1 
ATOM 776  C CG   . TYR A 1 54 ? 0.757   2.265   17.312  1.00 1.79 ? 54  TYR A CG   1 
ATOM 777  C CD1  . TYR A 1 54 ? 0.942   2.788   18.585  1.00 2.33 ? 54  TYR A CD1  1 
ATOM 778  C CD2  . TYR A 1 54 ? 1.855   2.202   16.462  1.00 2.06 ? 54  TYR A CD2  1 
ATOM 779  C CE1  . TYR A 1 54 ? 2.182   3.235   19.000  1.00 2.70 ? 54  TYR A CE1  1 
ATOM 780  C CE2  . TYR A 1 54 ? 3.098   2.647   16.867  1.00 2.46 ? 54  TYR A CE2  1 
ATOM 781  C CZ   . TYR A 1 54 ? 3.257   3.162   18.137  1.00 2.61 ? 54  TYR A CZ   1 
ATOM 782  O OH   . TYR A 1 54 ? 4.494   3.606   18.547  1.00 3.24 ? 54  TYR A OH   1 
ATOM 783  H H    . TYR A 1 54 ? -3.402  2.467   15.461  1.00 1.55 ? 54  TYR A H    1 
ATOM 784  H HA   . TYR A 1 54 ? -1.404  3.754   16.912  1.00 1.79 ? 54  TYR A HA   1 
ATOM 785  H HB2  . TYR A 1 54 ? -1.087  1.315   17.705  1.00 2.27 ? 54  TYR A HB2  1 
ATOM 786  H HB3  . TYR A 1 54 ? -0.441  1.034   16.092  1.00 2.12 ? 54  TYR A HB3  1 
ATOM 787  H HD1  . TYR A 1 54 ? 0.098   2.844   19.258  1.00 2.84 ? 54  TYR A HD1  1 
ATOM 788  H HD2  . TYR A 1 54 ? 1.725   1.801   15.463  1.00 2.46 ? 54  TYR A HD2  1 
ATOM 789  H HE1  . TYR A 1 54 ? 2.307   3.638   19.993  1.00 3.38 ? 54  TYR A HE1  1 
ATOM 790  H HE2  . TYR A 1 54 ? 3.939   2.591   16.192  1.00 3.03 ? 54  TYR A HE2  1 
ATOM 791  H HH   . TYR A 1 54 ? 4.933   4.050   17.817  1.00 3.37 ? 54  TYR A HH   1 
ATOM 792  N N    . GLU A 1 55 ? -1.876  3.628   14.004  1.00 0.86 ? 55  GLU A N    1 
ATOM 793  C CA   . GLU A 1 55 ? -1.428  3.920   12.651  1.00 0.64 ? 55  GLU A CA   1 
ATOM 794  C C    . GLU A 1 55 ? -2.328  4.938   11.959  1.00 0.77 ? 55  GLU A C    1 
ATOM 795  O O    . GLU A 1 55 ? -3.109  5.635   12.605  1.00 1.02 ? 55  GLU A O    1 
ATOM 796  C CB   . GLU A 1 55 ? -1.364  2.628   11.823  1.00 0.78 ? 55  GLU A CB   1 
ATOM 797  C CG   . GLU A 1 55 ? -1.063  1.378   12.637  1.00 0.89 ? 55  GLU A CG   1 
ATOM 798  C CD   . GLU A 1 55 ? -1.160  0.106   11.816  1.00 1.54 ? 55  GLU A CD   1 
ATOM 799  O OE1  . GLU A 1 55 ? -1.402  0.203   10.595  1.00 2.28 ? 55  GLU A OE1  1 
ATOM 800  O OE2  . GLU A 1 55 ? -0.995  -0.988  12.396  1.00 2.19 ? 55  GLU A OE2  1 
ATOM 801  H H    . GLU A 1 55 ? -2.822  3.744   14.250  1.00 1.01 ? 55  GLU A H    1 
ATOM 802  H HA   . GLU A 1 55 ? -0.434  4.326   12.727  1.00 0.68 ? 55  GLU A HA   1 
ATOM 803  H HB2  . GLU A 1 55 ? -2.310  2.485   11.326  1.00 1.05 ? 55  GLU A HB2  1 
ATOM 804  H HB3  . GLU A 1 55 ? -0.590  2.737   11.080  1.00 0.93 ? 55  GLU A HB3  1 
ATOM 805  H HG2  . GLU A 1 55 ? -0.062  1.454   13.035  1.00 1.30 ? 55  GLU A HG2  1 
ATOM 806  H HG3  . GLU A 1 55 ? -1.769  1.316   13.452  1.00 1.33 ? 55  GLU A HG3  1 
ATOM 807  N N    . GLU A 1 56 ? -2.213  5.009   10.635  1.00 0.77 ? 56  GLU A N    1 
ATOM 808  C CA   . GLU A 1 56 ? -3.016  5.929   9.839   1.00 1.00 ? 56  GLU A CA   1 
ATOM 809  C C    . GLU A 1 56 ? -3.774  5.163   8.759   1.00 0.86 ? 56  GLU A C    1 
ATOM 810  O O    . GLU A 1 56 ? -3.463  4.005   8.477   1.00 0.99 ? 56  GLU A O    1 
ATOM 811  C CB   . GLU A 1 56 ? -2.127  6.997   9.199   1.00 1.32 ? 56  GLU A CB   1 
ATOM 812  C CG   . GLU A 1 56 ? -2.874  8.269   8.831   1.00 1.68 ? 56  GLU A CG   1 
ATOM 813  C CD   . GLU A 1 56 ? -2.138  9.523   9.260   1.00 2.22 ? 56  GLU A CD   1 
ATOM 814  O OE1  . GLU A 1 56 ? -1.467  9.487   10.312  1.00 2.70 ? 56  GLU A OE1  1 
ATOM 815  O OE2  . GLU A 1 56 ? -2.231  10.541  8.542   1.00 2.84 ? 56  GLU A OE2  1 
ATOM 816  H H    . GLU A 1 56 ? -1.572  4.423   10.182  1.00 0.74 ? 56  GLU A H    1 
ATOM 817  H HA   . GLU A 1 56 ? -3.728  6.406   10.496  1.00 1.21 ? 56  GLU A HA   1 
ATOM 818  H HB2  . GLU A 1 56 ? -1.339  7.255   9.891   1.00 1.43 ? 56  GLU A HB2  1 
ATOM 819  H HB3  . GLU A 1 56 ? -1.686  6.591   8.300   1.00 1.32 ? 56  GLU A HB3  1 
ATOM 820  H HG2  . GLU A 1 56 ? -3.006  8.296   7.760   1.00 1.92 ? 56  GLU A HG2  1 
ATOM 821  H HG3  . GLU A 1 56 ? -3.841  8.254   9.311   1.00 1.97 ? 56  GLU A HG3  1 
ATOM 822  N N    . VAL A 1 57 ? -4.767  5.806   8.157   1.00 0.79 ? 57  VAL A N    1 
ATOM 823  C CA   . VAL A 1 57 ? -5.556  5.166   7.112   1.00 0.80 ? 57  VAL A CA   1 
ATOM 824  C C    . VAL A 1 57 ? -6.465  6.165   6.406   1.00 0.82 ? 57  VAL A C    1 
ATOM 825  O O    . VAL A 1 57 ? -7.381  6.724   7.008   1.00 0.96 ? 57  VAL A O    1 
ATOM 826  C CB   . VAL A 1 57 ? -6.413  4.011   7.676   1.00 0.96 ? 57  VAL A CB   1 
ATOM 827  C CG1  . VAL A 1 57 ? -7.504  4.539   8.599   1.00 1.52 ? 57  VAL A CG1  1 
ATOM 828  C CG2  . VAL A 1 57 ? -7.015  3.195   6.543   1.00 1.30 ? 57  VAL A CG2  1 
ATOM 829  H H    . VAL A 1 57 ? -4.974  6.728   8.419   1.00 0.88 ? 57  VAL A H    1 
ATOM 830  H HA   . VAL A 1 57 ? -4.871  4.751   6.390   1.00 0.84 ? 57  VAL A HA   1 
ATOM 831  H HB   . VAL A 1 57 ? -5.770  3.363   8.253   1.00 1.22 ? 57  VAL A HB   1 
ATOM 832  H HG11 . VAL A 1 57 ? -8.452  4.516   8.085   1.00 1.98 ? 57  VAL A HG11 1 
ATOM 833  H HG12 . VAL A 1 57 ? -7.274  5.554   8.884   1.00 2.00 ? 57  VAL A HG12 1 
ATOM 834  H HG13 . VAL A 1 57 ? -7.559  3.919   9.483   1.00 1.92 ? 57  VAL A HG13 1 
ATOM 835  H HG21 . VAL A 1 57 ? -6.263  2.535   6.135   1.00 1.70 ? 57  VAL A HG21 1 
ATOM 836  H HG22 . VAL A 1 57 ? -7.367  3.861   5.769   1.00 1.82 ? 57  VAL A HG22 1 
ATOM 837  H HG23 . VAL A 1 57 ? -7.841  2.611   6.920   1.00 1.79 ? 57  VAL A HG23 1 
ATOM 838  N N    . THR A 1 58 ? -6.211  6.381   5.121   1.00 0.78 ? 58  THR A N    1 
ATOM 839  C CA   . THR A 1 58 ? -7.016  7.305   4.336   1.00 0.84 ? 58  THR A CA   1 
ATOM 840  C C    . THR A 1 58 ? -8.059  6.543   3.526   1.00 0.73 ? 58  THR A C    1 
ATOM 841  O O    . THR A 1 58 ? -7.729  5.846   2.567   1.00 0.97 ? 58  THR A O    1 
ATOM 842  C CB   . THR A 1 58 ? -6.133  8.133   3.403   1.00 0.94 ? 58  THR A CB   1 
ATOM 843  O OG1  . THR A 1 58 ? -4.793  8.151   3.865   1.00 1.14 ? 58  THR A OG1  1 
ATOM 844  C CG2  . THR A 1 58 ? -6.590  9.569   3.266   1.00 1.12 ? 58  THR A CG2  1 
ATOM 845  H H    . THR A 1 58 ? -5.470  5.901   4.692   1.00 0.79 ? 58  THR A H    1 
ATOM 846  H HA   . THR A 1 58 ? -7.524  7.967   5.021   1.00 0.97 ? 58  THR A HA   1 
ATOM 847  H HB   . THR A 1 58 ? -6.150  7.685   2.420   1.00 0.86 ? 58  THR A HB   1 
ATOM 848  H HG1  . THR A 1 58 ? -4.763  8.534   4.744   1.00 1.46 ? 58  THR A HG1  1 
ATOM 849  H HG21 . THR A 1 58 ? -7.628  9.589   2.968   1.00 1.59 ? 58  THR A HG21 1 
ATOM 850  H HG22 . THR A 1 58 ? -5.991  10.067  2.518   1.00 1.57 ? 58  THR A HG22 1 
ATOM 851  H HG23 . THR A 1 58 ? -6.477  10.074  4.213   1.00 1.49 ? 58  THR A HG23 1 
ATOM 852  N N    . CYS A 1 59 ? -9.317  6.676   3.927   1.00 0.73 ? 59  CYS A N    1 
ATOM 853  C CA   . CYS A 1 59 ? -10.414 5.995   3.247   1.00 0.70 ? 59  CYS A CA   1 
ATOM 854  C C    . CYS A 1 59 ? -10.970 6.853   2.116   1.00 0.66 ? 59  CYS A C    1 
ATOM 855  O O    . CYS A 1 59 ? -11.539 7.919   2.351   1.00 0.74 ? 59  CYS A O    1 
ATOM 856  C CB   . CYS A 1 59 ? -11.530 5.653   4.241   1.00 0.87 ? 59  CYS A CB   1 
ATOM 857  S SG   . CYS A 1 59 ? -10.938 5.137   5.887   1.00 1.21 ? 59  CYS A SG   1 
ATOM 858  H H    . CYS A 1 59 ? -9.512  7.242   4.701   1.00 0.97 ? 59  CYS A H    1 
ATOM 859  H HA   . CYS A 1 59 ? -10.025 5.079   2.829   1.00 0.66 ? 59  CYS A HA   1 
ATOM 860  H HB2  . CYS A 1 59 ? -12.157 6.521   4.377   1.00 1.02 ? 59  CYS A HB2  1 
ATOM 861  H HB3  . CYS A 1 59 ? -12.124 4.846   3.836   1.00 0.89 ? 59  CYS A HB3  1 
ATOM 862  N N    . CYS A 1 60 ? -10.799 6.379   0.885   1.00 0.59 ? 60  CYS A N    1 
ATOM 863  C CA   . CYS A 1 60 ? -11.279 7.100   -0.289  1.00 0.58 ? 60  CYS A CA   1 
ATOM 864  C C    . CYS A 1 60 ? -12.026 6.154   -1.230  1.00 0.60 ? 60  CYS A C    1 
ATOM 865  O O    . CYS A 1 60 ? -11.766 4.951   -1.240  1.00 0.81 ? 60  CYS A O    1 
ATOM 866  C CB   . CYS A 1 60 ? -10.104 7.770   -0.998  1.00 0.57 ? 60  CYS A CB   1 
ATOM 867  S SG   . CYS A 1 60 ? -8.872  6.610   -1.660  1.00 0.60 ? 60  CYS A SG   1 
ATOM 868  H H    . CYS A 1 60 ? -10.335 5.524   0.763   1.00 0.59 ? 60  CYS A H    1 
ATOM 869  H HA   . CYS A 1 60 ? -11.965 7.862   0.049   1.00 0.65 ? 60  CYS A HA   1 
ATOM 870  H HB2  . CYS A 1 60 ? -10.475 8.361   -1.819  1.00 0.61 ? 60  CYS A HB2  1 
ATOM 871  H HB3  . CYS A 1 60 ? -9.597  8.416   -0.295  1.00 0.68 ? 60  CYS A HB3  1 
ATOM 872  N N    . SER A 1 61 ? -12.976 6.692   -1.997  1.00 0.65 ? 61  SER A N    1 
ATOM 873  C CA   . SER A 1 61 ? -13.773 5.866   -2.906  1.00 0.70 ? 61  SER A CA   1 
ATOM 874  C C    . SER A 1 61 ? -13.712 6.342   -4.360  1.00 0.60 ? 61  SER A C    1 
ATOM 875  O O    . SER A 1 61 ? -14.745 6.474   -5.017  1.00 0.89 ? 61  SER A O    1 
ATOM 876  C CB   . SER A 1 61 ? -15.229 5.837   -2.436  1.00 0.97 ? 61  SER A CB   1 
ATOM 877  O OG   . SER A 1 61 ? -15.905 7.028   -2.796  1.00 1.57 ? 61  SER A OG   1 
ATOM 878  H H    . SER A 1 61 ? -13.160 7.653   -1.933  1.00 0.81 ? 61  SER A H    1 
ATOM 879  H HA   . SER A 1 61 ? -13.381 4.861   -2.859  1.00 0.84 ? 61  SER A HA   1 
ATOM 880  H HB2  . SER A 1 61 ? -15.735 4.999   -2.891  1.00 1.27 ? 61  SER A HB2  1 
ATOM 881  H HB3  . SER A 1 61 ? -15.256 5.733   -1.361  1.00 1.44 ? 61  SER A HB3  1 
ATOM 882  H HG   . SER A 1 61 ? -15.715 7.714   -2.151  1.00 1.83 ? 61  SER A HG   1 
ATOM 883  N N    . THR A 1 62 ? -12.507 6.570   -4.871  1.00 0.53 ? 62  THR A N    1 
ATOM 884  C CA   . THR A 1 62 ? -12.338 6.994   -6.256  1.00 0.57 ? 62  THR A CA   1 
ATOM 885  C C    . THR A 1 62 ? -11.263 6.148   -6.935  1.00 0.73 ? 62  THR A C    1 
ATOM 886  O O    . THR A 1 62 ? -10.372 5.621   -6.270  1.00 0.83 ? 62  THR A O    1 
ATOM 887  C CB   . THR A 1 62 ? -11.984 8.477   -6.326  1.00 0.70 ? 62  THR A CB   1 
ATOM 888  O OG1  . THR A 1 62 ? -11.023 8.820   -5.346  1.00 1.10 ? 62  THR A OG1  1 
ATOM 889  C CG2  . THR A 1 62 ? -13.180 9.384   -6.132  1.00 1.27 ? 62  THR A CG2  1 
ATOM 890  H H    . THR A 1 62 ? -11.714 6.434   -4.316  1.00 0.72 ? 62  THR A H    1 
ATOM 891  H HA   . THR A 1 62 ? -13.272 6.838   -6.768  1.00 0.66 ? 62  THR A HA   1 
ATOM 892  H HB   . THR A 1 62 ? -11.572 8.682   -7.300  1.00 1.07 ? 62  THR A HB   1 
ATOM 893  H HG1  . THR A 1 62 ? -10.776 9.742   -5.449  1.00 1.60 ? 62  THR A HG1  1 
ATOM 894  H HG21 . THR A 1 62 ? -13.817 8.978   -5.360  1.00 1.79 ? 62  THR A HG21 1 
ATOM 895  H HG22 . THR A 1 62 ? -13.734 9.454   -7.056  1.00 1.81 ? 62  THR A HG22 1 
ATOM 896  H HG23 . THR A 1 62 ? -12.842 10.367  -5.839  1.00 1.70 ? 62  THR A HG23 1 
ATOM 897  N N    . ASP A 1 63 ? -11.362 6.007   -8.259  1.00 0.92 ? 63  ASP A N    1 
ATOM 898  C CA   . ASP A 1 63 ? -10.410 5.208   -9.027  1.00 1.23 ? 63  ASP A CA   1 
ATOM 899  C C    . ASP A 1 63 ? -8.989  5.378   -8.511  1.00 1.08 ? 63  ASP A C    1 
ATOM 900  O O    . ASP A 1 63 ? -8.467  6.492   -8.449  1.00 1.57 ? 63  ASP A O    1 
ATOM 901  C CB   . ASP A 1 63 ? -10.474 5.587   -10.507 1.00 1.70 ? 63  ASP A CB   1 
ATOM 902  C CG   . ASP A 1 63 ? -11.804 5.231   -11.141 1.00 2.00 ? 63  ASP A CG   1 
ATOM 903  O OD1  . ASP A 1 63 ? -12.240 4.069   -10.992 1.00 2.31 ? 63  ASP A OD1  1 
ATOM 904  O OD2  . ASP A 1 63 ? -12.411 6.112   -11.784 1.00 2.45 ? 63  ASP A OD2  1 
ATOM 905  H H    . ASP A 1 63 ? -12.100 6.435   -8.731  1.00 0.95 ? 63  ASP A H    1 
ATOM 906  H HA   . ASP A 1 63 ? -10.692 4.172   -8.921  1.00 1.35 ? 63  ASP A HA   1 
ATOM 907  H HB2  . ASP A 1 63 ? -10.322 6.651   -10.608 1.00 1.74 ? 63  ASP A HB2  1 
ATOM 908  H HB3  . ASP A 1 63 ? -9.691  5.065   -11.040 1.00 1.90 ? 63  ASP A HB3  1 
ATOM 909  N N    . LYS A 1 64 ? -8.378  4.253   -8.141  1.00 0.65 ? 64  LYS A N    1 
ATOM 910  C CA   . LYS A 1 64 ? -7.006  4.225   -7.617  1.00 0.67 ? 64  LYS A CA   1 
ATOM 911  C C    . LYS A 1 64 ? -6.672  5.507   -6.865  1.00 0.58 ? 64  LYS A C    1 
ATOM 912  O O    . LYS A 1 64 ? -5.708  6.205   -7.184  1.00 0.67 ? 64  LYS A O    1 
ATOM 913  C CB   . LYS A 1 64 ? -6.006  3.995   -8.743  1.00 0.96 ? 64  LYS A CB   1 
ATOM 914  C CG   . LYS A 1 64 ? -6.380  4.674   -10.045 1.00 0.99 ? 64  LYS A CG   1 
ATOM 915  C CD   . LYS A 1 64 ? -5.165  5.280   -10.704 1.00 1.44 ? 64  LYS A CD   1 
ATOM 916  C CE   . LYS A 1 64 ? -5.430  5.596   -12.165 1.00 1.83 ? 64  LYS A CE   1 
ATOM 917  N NZ   . LYS A 1 64 ? -4.267  5.258   -13.030 1.00 2.34 ? 64  LYS A NZ   1 
ATOM 918  H H    . LYS A 1 64 ? -8.868  3.412   -8.227  1.00 0.73 ? 64  LYS A H    1 
ATOM 919  H HA   . LYS A 1 64 ? -6.935  3.403   -6.923  1.00 0.72 ? 64  LYS A HA   1 
ATOM 920  H HB2  . LYS A 1 64 ? -5.045  4.371   -8.433  1.00 1.50 ? 64  LYS A HB2  1 
ATOM 921  H HB3  . LYS A 1 64 ? -5.926  2.934   -8.926  1.00 1.78 ? 64  LYS A HB3  1 
ATOM 922  H HG2  . LYS A 1 64 ? -6.815  3.947   -10.712 1.00 1.72 ? 64  LYS A HG2  1 
ATOM 923  H HG3  . LYS A 1 64 ? -7.093  5.457   -9.845  1.00 1.69 ? 64  LYS A HG3  1 
ATOM 924  H HD2  . LYS A 1 64 ? -4.907  6.189   -10.183 1.00 2.09 ? 64  LYS A HD2  1 
ATOM 925  H HD3  . LYS A 1 64 ? -4.348  4.577   -10.634 1.00 1.92 ? 64  LYS A HD3  1 
ATOM 926  H HE2  . LYS A 1 64 ? -6.288  5.026   -12.491 1.00 2.05 ? 64  LYS A HE2  1 
ATOM 927  H HE3  . LYS A 1 64 ? -5.644  6.650   -12.257 1.00 2.37 ? 64  LYS A HE3  1 
ATOM 928  H HZ1  . LYS A 1 64 ? -4.464  5.526   -14.015 1.00 2.69 ? 64  LYS A HZ1  1 
ATOM 929  H HZ2  . LYS A 1 64 ? -4.077  4.237   -12.992 1.00 2.51 ? 64  LYS A HZ2  1 
ATOM 930  H HZ3  . LYS A 1 64 ? -3.420  5.769   -12.706 1.00 2.88 ? 64  LYS A HZ3  1 
ATOM 931  N N    . CYS A 1 65 ? -7.491  5.808   -5.869  1.00 0.47 ? 65  CYS A N    1 
ATOM 932  C CA   . CYS A 1 65 ? -7.318  7.004   -5.061  1.00 0.47 ? 65  CYS A CA   1 
ATOM 933  C C    . CYS A 1 65 ? -6.363  6.769   -3.888  1.00 0.45 ? 65  CYS A C    1 
ATOM 934  O O    . CYS A 1 65 ? -6.266  7.604   -2.988  1.00 0.56 ? 65  CYS A O    1 
ATOM 935  C CB   . CYS A 1 65 ? -8.667  7.479   -4.546  1.00 0.51 ? 65  CYS A CB   1 
ATOM 936  S SG   . CYS A 1 65 ? -9.538  6.249   -3.538  1.00 0.58 ? 65  CYS A SG   1 
ATOM 937  H H    . CYS A 1 65 ? -8.241  5.210   -5.681  1.00 0.48 ? 65  CYS A H    1 
ATOM 938  H HA   . CYS A 1 65 ? -6.911  7.768   -5.695  1.00 0.54 ? 65  CYS A HA   1 
ATOM 939  H HB2  . CYS A 1 65 ? -8.526  8.363   -3.941  1.00 0.54 ? 65  CYS A HB2  1 
ATOM 940  H HB3  . CYS A 1 65 ? -9.296  7.721   -5.387  1.00 0.60 ? 65  CYS A HB3  1 
ATOM 941  N N    . ASN A 1 66 ? -5.651  5.640   -3.899  1.00 0.42 ? 66  ASN A N    1 
ATOM 942  C CA   . ASN A 1 66 ? -4.705  5.327   -2.830  1.00 0.44 ? 66  ASN A CA   1 
ATOM 943  C C    . ASN A 1 66 ? -3.268  5.348   -3.344  1.00 0.52 ? 66  ASN A C    1 
ATOM 944  O O    . ASN A 1 66 ? -2.566  4.338   -3.283  1.00 0.76 ? 66  ASN A O    1 
ATOM 945  C CB   . ASN A 1 66 ? -5.009  3.956   -2.223  1.00 0.44 ? 66  ASN A CB   1 
ATOM 946  C CG   . ASN A 1 66 ? -5.149  2.869   -3.267  1.00 0.54 ? 66  ASN A CG   1 
ATOM 947  O OD1  . ASN A 1 66 ? -5.530  3.129   -4.408  1.00 0.99 ? 66  ASN A OD1  1 
ATOM 948  N ND2  . ASN A 1 66 ? -4.841  1.640   -2.875  1.00 0.42 ? 66  ASN A ND2  1 
ATOM 949  H H    . ASN A 1 66 ? -5.760  5.008   -4.637  1.00 0.46 ? 66  ASN A H    1 
ATOM 950  H HA   . ASN A 1 66 ? -4.811  6.080   -2.064  1.00 0.48 ? 66  ASN A HA   1 
ATOM 951  H HB2  . ASN A 1 66 ? -4.203  3.678   -1.560  1.00 0.52 ? 66  ASN A HB2  1 
ATOM 952  H HB3  . ASN A 1 66 ? -5.928  4.012   -1.661  1.00 0.50 ? 66  ASN A HB3  1 
ATOM 953  H HD21 . ASN A 1 66 ? -4.543  1.509   -1.951  1.00 0.59 ? 66  ASN A HD21 1 
ATOM 954  H HD22 . ASN A 1 66 ? -4.930  0.913   -3.523  1.00 0.51 ? 66  ASN A HD22 1 
ATOM 955  N N    . PRO A 1 67 ? -2.801  6.498   -3.856  1.00 0.55 ? 67  PRO A N    1 
ATOM 956  C CA   . PRO A 1 67 ? -1.440  6.631   -4.372  1.00 0.64 ? 67  PRO A CA   1 
ATOM 957  C C    . PRO A 1 67 ? -0.429  6.869   -3.254  1.00 0.70 ? 67  PRO A C    1 
ATOM 958  O O    . PRO A 1 67 ? -0.808  7.120   -2.110  1.00 1.18 ? 67  PRO A O    1 
ATOM 959  C CB   . PRO A 1 67 ? -1.559  7.855   -5.269  1.00 0.70 ? 67  PRO A CB   1 
ATOM 960  C CG   . PRO A 1 67 ? -2.532  8.715   -4.551  1.00 0.88 ? 67  PRO A CG   1 
ATOM 961  C CD   . PRO A 1 67 ? -3.551  7.766   -3.975  1.00 0.76 ? 67  PRO A CD   1 
ATOM 962  H HA   . PRO A 1 67 ? -1.145  5.772   -4.955  1.00 0.69 ? 67  PRO A HA   1 
ATOM 963  H HB2  . PRO A 1 67 ? -0.596  8.332   -5.374  1.00 0.83 ? 67  PRO A HB2  1 
ATOM 964  H HB3  . PRO A 1 67 ? -1.937  7.557   -6.236  1.00 0.81 ? 67  PRO A HB3  1 
ATOM 965  H HG2  . PRO A 1 67 ? -2.031  9.257   -3.762  1.00 1.10 ? 67  PRO A HG2  1 
ATOM 966  H HG3  . PRO A 1 67 ? -3.002  9.399   -5.242  1.00 1.11 ? 67  PRO A HG3  1 
ATOM 967  H HD2  . PRO A 1 67 ? -3.889  8.111   -3.009  1.00 0.92 ? 67  PRO A HD2  1 
ATOM 968  H HD3  . PRO A 1 67 ? -4.382  7.659   -4.653  1.00 0.88 ? 67  PRO A HD3  1 
ATOM 969  N N    . HIS A 1 68 ? 0.854   6.781   -3.582  1.00 0.58 ? 68  HIS A N    1 
ATOM 970  C CA   . HIS A 1 68 ? 1.904   6.978   -2.585  1.00 0.64 ? 68  HIS A CA   1 
ATOM 971  C C    . HIS A 1 68 ? 2.243   8.458   -2.400  1.00 0.58 ? 68  HIS A C    1 
ATOM 972  O O    . HIS A 1 68 ? 2.044   9.268   -3.306  1.00 0.80 ? 68  HIS A O    1 
ATOM 973  C CB   . HIS A 1 68 ? 3.162   6.187   -2.954  1.00 1.02 ? 68  HIS A CB   1 
ATOM 974  C CG   . HIS A 1 68 ? 3.489   5.124   -1.953  1.00 0.64 ? 68  HIS A CG   1 
ATOM 975  N ND1  . HIS A 1 68 ? 2.881   3.887   -1.948  1.00 1.06 ? 68  HIS A ND1  1 
ATOM 976  C CD2  . HIS A 1 68 ? 4.326   5.134   -0.886  1.00 1.40 ? 68  HIS A CD2  1 
ATOM 977  C CE1  . HIS A 1 68 ? 3.321   3.188   -0.921  1.00 0.97 ? 68  HIS A CE1  1 
ATOM 978  N NE2  . HIS A 1 68 ? 4.198   3.923   -0.258  1.00 1.26 ? 68  HIS A NE2  1 
ATOM 979  H H    . HIS A 1 68 ? 1.097   6.568   -4.508  1.00 0.81 ? 68  HIS A H    1 
ATOM 980  H HA   . HIS A 1 68 ? 1.526   6.602   -1.649  1.00 0.77 ? 68  HIS A HA   1 
ATOM 981  H HB2  . HIS A 1 68 ? 3.016   5.711   -3.913  1.00 1.53 ? 68  HIS A HB2  1 
ATOM 982  H HB3  . HIS A 1 68 ? 4.005   6.860   -3.013  1.00 1.48 ? 68  HIS A HB3  1 
ATOM 983  H HD1  . HIS A 1 68 ? 2.233   3.564   -2.607  1.00 1.90 ? 68  HIS A HD1  1 
ATOM 984  H HD2  . HIS A 1 68 ? 4.989   5.935   -0.594  1.00 2.33 ? 68  HIS A HD2  1 
ATOM 985  H HE1  . HIS A 1 68 ? 3.017   2.184   -0.664  1.00 1.52 ? 68  HIS A HE1  1 
ATOM 986  H HE2  . HIS A 1 68 ? 4.518   3.725   0.646   1.00 1.89 ? 68  HIS A HE2  1 
ATOM 987  N N    . PRO A 1 69 ? 2.761   8.826   -1.210  1.00 0.63 ? 69  PRO A N    1 
ATOM 988  C CA   . PRO A 1 69 ? 3.130   10.197  -0.884  1.00 0.79 ? 69  PRO A CA   1 
ATOM 989  C C    . PRO A 1 69 ? 4.558   10.523  -1.305  1.00 0.80 ? 69  PRO A C    1 
ATOM 990  O O    . PRO A 1 69 ? 4.782   11.370  -2.171  1.00 1.01 ? 69  PRO A O    1 
ATOM 991  C CB   . PRO A 1 69 ? 2.998   10.251  0.647   1.00 0.92 ? 69  PRO A CB   1 
ATOM 992  C CG   . PRO A 1 69 ? 2.777   8.837   1.104   1.00 0.97 ? 69  PRO A CG   1 
ATOM 993  C CD   . PRO A 1 69 ? 3.031   7.941   -0.078  1.00 0.87 ? 69  PRO A CD   1 
ATOM 994  H HA   . PRO A 1 69 ? 2.452   10.907  -1.332  1.00 0.95 ? 69  PRO A HA   1 
ATOM 995  H HB2  . PRO A 1 69 ? 3.903   10.660  1.071   1.00 0.94 ? 69  PRO A HB2  1 
ATOM 996  H HB3  . PRO A 1 69 ? 2.161   10.881  0.911   1.00 1.22 ? 69  PRO A HB3  1 
ATOM 997  H HG2  . PRO A 1 69 ? 3.467   8.601   1.901   1.00 1.10 ? 69  PRO A HG2  1 
ATOM 998  H HG3  . PRO A 1 69 ? 1.760   8.721   1.448   1.00 1.33 ? 69  PRO A HG3  1 
ATOM 999  H HD2  . PRO A 1 69 ? 4.058   7.605   -0.085  1.00 1.03 ? 69  PRO A HD2  1 
ATOM 1000 H HD3  . PRO A 1 69 ? 2.355   7.103   -0.071  1.00 1.16 ? 69  PRO A HD3  1 
ATOM 1001 N N    . LYS A 1 70 ? 5.524   9.841   -0.695  1.00 0.70 ? 70  LYS A N    1 
ATOM 1002 C CA   . LYS A 1 70 ? 6.925   10.062  -1.022  1.00 0.85 ? 70  LYS A CA   1 
ATOM 1003 C C    . LYS A 1 70 ? 7.224   9.545   -2.423  1.00 0.90 ? 70  LYS A C    1 
ATOM 1004 O O    . LYS A 1 70 ? 8.087   10.075  -3.123  1.00 1.12 ? 70  LYS A O    1 
ATOM 1005 C CB   . LYS A 1 70 ? 7.827   9.380   0.007   1.00 0.92 ? 70  LYS A CB   1 
ATOM 1006 C CG   . LYS A 1 70 ? 8.489   10.357  0.967   1.00 1.45 ? 70  LYS A CG   1 
ATOM 1007 C CD   . LYS A 1 70 ? 9.364   11.363  0.233   1.00 2.14 ? 70  LYS A CD   1 
ATOM 1008 C CE   . LYS A 1 70 ? 10.387  10.674  -0.657  1.00 2.55 ? 70  LYS A CE   1 
ATOM 1009 N NZ   . LYS A 1 70 ? 11.275  11.652  -1.342  1.00 3.54 ? 70  LYS A NZ   1 
ATOM 1010 H H    . LYS A 1 70 ? 5.290   9.173   -0.015  1.00 0.62 ? 70  LYS A H    1 
ATOM 1011 H HA   . LYS A 1 70 ? 7.106   11.123  -0.994  1.00 1.03 ? 70  LYS A HA   1 
ATOM 1012 H HB2  . LYS A 1 70 ? 7.237   8.683   0.585   1.00 1.18 ? 70  LYS A HB2  1 
ATOM 1013 H HB3  . LYS A 1 70 ? 8.604   8.837   -0.512  1.00 1.20 ? 70  LYS A HB3  1 
ATOM 1014 H HG2  . LYS A 1 70 ? 7.721   10.891  1.505   1.00 1.97 ? 70  LYS A HG2  1 
ATOM 1015 H HG3  . LYS A 1 70 ? 9.099   9.805   1.663   1.00 1.86 ? 70  LYS A HG3  1 
ATOM 1016 H HD2  . LYS A 1 70 ? 8.736   11.994  -0.379  1.00 2.75 ? 70  LYS A HD2  1 
ATOM 1017 H HD3  . LYS A 1 70 ? 9.884   11.969  0.960   1.00 2.58 ? 70  LYS A HD3  1 
ATOM 1018 H HE2  . LYS A 1 70 ? 10.989  10.017  -0.049  1.00 2.72 ? 70  LYS A HE2  1 
ATOM 1019 H HE3  . LYS A 1 70 ? 9.862   10.093  -1.402  1.00 2.71 ? 70  LYS A HE3  1 
ATOM 1020 H HZ1  . LYS A 1 70 ? 10.898  11.878  -2.284  1.00 3.92 ? 70  LYS A HZ1  1 
ATOM 1021 H HZ2  . LYS A 1 70 ? 12.229  11.253  -1.450  1.00 3.95 ? 70  LYS A HZ2  1 
ATOM 1022 H HZ3  . LYS A 1 70 ? 11.339  12.528  -0.785  1.00 3.91 ? 70  LYS A HZ3  1 
ATOM 1023 N N    . GLN A 1 71 ? 6.498   8.506   -2.827  1.00 0.77 ? 71  GLN A N    1 
ATOM 1024 C CA   . GLN A 1 71 ? 6.674   7.914   -4.146  1.00 0.90 ? 71  GLN A CA   1 
ATOM 1025 C C    . GLN A 1 71 ? 5.548   8.316   -5.090  1.00 1.04 ? 71  GLN A C    1 
ATOM 1026 O O    . GLN A 1 71 ? 4.409   7.876   -4.941  1.00 1.73 ? 71  GLN A O    1 
ATOM 1027 C CB   . GLN A 1 71 ? 6.741   6.393   -4.039  1.00 0.92 ? 71  GLN A CB   1 
ATOM 1028 C CG   . GLN A 1 71 ? 8.158   5.875   -3.949  1.00 1.14 ? 71  GLN A CG   1 
ATOM 1029 C CD   . GLN A 1 71 ? 8.240   4.364   -4.054  1.00 1.44 ? 71  GLN A CD   1 
ATOM 1030 O OE1  . GLN A 1 71 ? 8.045   3.650   -3.070  1.00 2.18 ? 71  GLN A OE1  1 
ATOM 1031 N NE2  . GLN A 1 71 ? 8.528   3.870   -5.253  1.00 1.78 ? 71  GLN A NE2  1 
ATOM 1032 H H    . GLN A 1 71 ? 5.828   8.130   -2.220  1.00 0.65 ? 71  GLN A H    1 
ATOM 1033 H HA   . GLN A 1 71 ? 7.609   8.276   -4.548  1.00 1.07 ? 71  GLN A HA   1 
ATOM 1034 H HB2  . GLN A 1 71 ? 6.205   6.081   -3.155  1.00 0.97 ? 71  GLN A HB2  1 
ATOM 1035 H HB3  . GLN A 1 71 ? 6.274   5.959   -4.909  1.00 1.11 ? 71  GLN A HB3  1 
ATOM 1036 H HG2  . GLN A 1 71 ? 8.734   6.311   -4.751  1.00 1.50 ? 71  GLN A HG2  1 
ATOM 1037 H HG3  . GLN A 1 71 ? 8.574   6.180   -3.000  1.00 1.41 ? 71  GLN A HG3  1 
ATOM 1038 H HE21 . GLN A 1 71 ? 8.671   4.499   -5.991  1.00 2.13 ? 71  GLN A HE21 1 
ATOM 1039 H HE22 . GLN A 1 71 ? 8.587   2.896   -5.349  1.00 2.14 ? 71  GLN A HE22 1 
ATOM 1040 N N    . ARG A 1 72 ? 5.878   9.154   -6.066  1.00 1.04 ? 72  ARG A N    1 
ATOM 1041 C CA   . ARG A 1 72 ? 4.905   9.619   -7.043  1.00 1.18 ? 72  ARG A CA   1 
ATOM 1042 C C    . ARG A 1 72 ? 5.540   10.635  -7.993  1.00 1.38 ? 72  ARG A C    1 
ATOM 1043 O O    . ARG A 1 72 ? 5.449   10.494  -9.213  1.00 1.93 ? 72  ARG A O    1 
ATOM 1044 C CB   . ARG A 1 72 ? 3.685   10.225  -6.331  1.00 1.57 ? 72  ARG A CB   1 
ATOM 1045 C CG   . ARG A 1 72 ? 3.243   11.568  -6.887  1.00 2.59 ? 72  ARG A CG   1 
ATOM 1046 C CD   . ARG A 1 72 ? 1.838   11.930  -6.430  1.00 3.31 ? 72  ARG A CD   1 
ATOM 1047 N NE   . ARG A 1 72 ? 1.733   11.997  -4.975  1.00 3.83 ? 72  ARG A NE   1 
ATOM 1048 C CZ   . ARG A 1 72 ? 0.576   12.032  -4.317  1.00 4.71 ? 72  ARG A CZ   1 
ATOM 1049 N NH1  . ARG A 1 72 ? -0.573  12.000  -4.981  1.00 5.03 ? 72  ARG A NH1  1 
ATOM 1050 N NH2  . ARG A 1 72 ? 0.567   12.099  -2.993  1.00 5.55 ? 72  ARG A NH2  1 
ATOM 1051 H H    . ARG A 1 72 ? 6.801   9.466   -6.132  1.00 1.45 ? 72  ARG A H    1 
ATOM 1052 H HA   . ARG A 1 72 ? 4.584   8.762   -7.617  1.00 1.57 ? 72  ARG A HA   1 
ATOM 1053 H HB2  . ARG A 1 72 ? 2.857   9.537   -6.416  1.00 1.87 ? 72  ARG A HB2  1 
ATOM 1054 H HB3  . ARG A 1 72 ? 3.924   10.354  -5.285  1.00 1.86 ? 72  ARG A HB3  1 
ATOM 1055 H HG2  . ARG A 1 72 ? 3.931   12.326  -6.548  1.00 3.05 ? 72  ARG A HG2  1 
ATOM 1056 H HG3  . ARG A 1 72 ? 3.261   11.521  -7.965  1.00 3.01 ? 72  ARG A HG3  1 
ATOM 1057 H HD2  . ARG A 1 72 ? 1.577   12.892  -6.845  1.00 3.53 ? 72  ARG A HD2  1 
ATOM 1058 H HD3  . ARG A 1 72 ? 1.152   11.183  -6.798  1.00 3.82 ? 72  ARG A HD3  1 
ATOM 1059 H HE   . ARG A 1 72 ? 2.567   12.019  -4.461  1.00 3.83 ? 72  ARG A HE   1 
ATOM 1060 H HH11 . ARG A 1 72 ? -0.574  11.949  -5.980  1.00 4.73 ? 72  ARG A HH11 1 
ATOM 1061 H HH12 . ARG A 1 72 ? -1.439  12.027  -4.482  1.00 5.76 ? 72  ARG A HH12 1 
ATOM 1062 H HH21 . ARG A 1 72 ? 1.430   12.123  -2.489  1.00 5.60 ? 72  ARG A HH21 1 
ATOM 1063 H HH22 . ARG A 1 72 ? -0.302  12.125  -2.500  1.00 6.28 ? 72  ARG A HH22 1 
ATOM 1064 N N    . PRO A 1 73 ? 6.188   11.680  -7.447  1.00 1.95 ? 73  PRO A N    1 
ATOM 1065 C CA   . PRO A 1 73 ? 6.827   12.718  -8.246  1.00 2.61 ? 73  PRO A CA   1 
ATOM 1066 C C    . PRO A 1 73 ? 8.274   12.381  -8.591  1.00 2.96 ? 73  PRO A C    1 
ATOM 1067 O O    . PRO A 1 73 ? 9.179   13.186  -8.367  1.00 3.63 ? 73  PRO A O    1 
ATOM 1068 C CB   . PRO A 1 73 ? 6.759   13.929  -7.323  1.00 3.41 ? 73  PRO A CB   1 
ATOM 1069 C CG   . PRO A 1 73 ? 6.851   13.365  -5.940  1.00 3.64 ? 73  PRO A CG   1 
ATOM 1070 C CD   . PRO A 1 73 ? 6.346   11.940  -6.004  1.00 2.71 ? 73  PRO A CD   1 
ATOM 1071 H HA   . PRO A 1 73 ? 6.276   12.919  -9.153  1.00 2.85 ? 73  PRO A HA   1 
ATOM 1072 H HB2  . PRO A 1 73 ? 7.585   14.593  -7.535  1.00 3.82 ? 73  PRO A HB2  1 
ATOM 1073 H HB3  . PRO A 1 73 ? 5.825   14.449  -7.474  1.00 3.78 ? 73  PRO A HB3  1 
ATOM 1074 H HG2  . PRO A 1 73 ? 7.879   13.380  -5.610  1.00 4.13 ? 73  PRO A HG2  1 
ATOM 1075 H HG3  . PRO A 1 73 ? 6.236   13.948  -5.270  1.00 4.28 ? 73  PRO A HG3  1 
ATOM 1076 H HD2  . PRO A 1 73 ? 7.072   11.269  -5.570  1.00 2.85 ? 73  PRO A HD2  1 
ATOM 1077 H HD3  . PRO A 1 73 ? 5.401   11.853  -5.490  1.00 2.98 ? 73  PRO A HD3  1 
ATOM 1078 N N    . GLY A 1 74 ? 8.485   11.188  -9.136  1.00 3.03 ? 74  GLY A N    1 
ATOM 1079 C CA   . GLY A 1 74 ? 9.824   10.768  -9.503  1.00 3.85 ? 74  GLY A CA   1 
ATOM 1080 C C    . GLY A 1 74 ? 10.358  11.518  -10.707 1.00 4.62 ? 74  GLY A C    1 
ATOM 1081 O O    . GLY A 1 74 ? 10.676  12.718  -10.567 1.00 4.87 ? 74  GLY A O    1 
ATOM 1082 O OXT  . GLY A 1 74 ? 10.460  10.906  -11.791 1.00 5.27 ? 74  GLY A OXT  1 
ATOM 1083 H H    . GLY A 1 74 ? 7.726   10.589  -9.291  1.00 2.85 ? 74  GLY A H    1 
ATOM 1084 H HA2  . GLY A 1 74 ? 10.485  10.937  -8.665  1.00 4.11 ? 74  GLY A HA2  1 
ATOM 1085 H HA3  . GLY A 1 74 ? 9.809   9.712   -9.728  1.00 3.98 ? 74  GLY A HA3  1 
ATOM 1086 N N    . GLU B 2 1  ? 9.988   -17.166 -14.768 1.00 3.97 ? 180 GLU B N    1 
ATOM 1087 C CA   . GLU B 2 1  ? 10.026  -18.647 -14.656 1.00 3.53 ? 180 GLU B CA   1 
ATOM 1088 C C    . GLU B 2 1  ? 9.314   -19.122 -13.393 1.00 3.10 ? 180 GLU B C    1 
ATOM 1089 O O    . GLU B 2 1  ? 8.596   -20.122 -13.411 1.00 3.43 ? 180 GLU B O    1 
ATOM 1090 C CB   . GLU B 2 1  ? 11.487  -19.097 -14.638 1.00 3.83 ? 180 GLU B CB   1 
ATOM 1091 C CG   . GLU B 2 1  ? 11.658  -20.603 -14.523 1.00 4.28 ? 180 GLU B CG   1 
ATOM 1092 C CD   . GLU B 2 1  ? 12.904  -21.105 -15.228 1.00 4.87 ? 180 GLU B CD   1 
ATOM 1093 O OE1  . GLU B 2 1  ? 13.992  -21.054 -14.618 1.00 5.48 ? 180 GLU B OE1  1 
ATOM 1094 O OE2  . GLU B 2 1  ? 12.790  -21.547 -16.391 1.00 5.11 ? 180 GLU B OE2  1 
ATOM 1095 H H1   . GLU B 2 1  ? 9.030   -16.852 -14.512 1.00 4.21 ? 180 GLU B H1   1 
ATOM 1096 H H2   . GLU B 2 1  ? 10.216  -16.918 -15.752 1.00 4.31 ? 180 GLU B H2   1 
ATOM 1097 H H3   . GLU B 2 1  ? 10.694  -16.780 -14.110 1.00 4.17 ? 180 GLU B H3   1 
ATOM 1098 H HA   . GLU B 2 1  ? 9.533   -19.070 -15.518 1.00 3.93 ? 180 GLU B HA   1 
ATOM 1099 H HB2  . GLU B 2 1  ? 11.963  -18.772 -15.551 1.00 4.00 ? 180 GLU B HB2  1 
ATOM 1100 H HB3  . GLU B 2 1  ? 11.985  -18.636 -13.797 1.00 4.16 ? 180 GLU B HB3  1 
ATOM 1101 H HG2  . GLU B 2 1  ? 11.725  -20.867 -13.479 1.00 4.56 ? 180 GLU B HG2  1 
ATOM 1102 H HG3  . GLU B 2 1  ? 10.796  -21.085 -14.962 1.00 4.45 ? 180 GLU B HG3  1 
ATOM 1103 N N    . GLU B 2 2  ? 9.517   -18.397 -12.297 1.00 2.96 ? 181 GLU B N    1 
ATOM 1104 C CA   . GLU B 2 2  ? 8.894   -18.746 -11.026 1.00 2.99 ? 181 GLU B CA   1 
ATOM 1105 C C    . GLU B 2 2  ? 7.621   -17.935 -10.804 1.00 2.41 ? 181 GLU B C    1 
ATOM 1106 O O    . GLU B 2 2  ? 6.514   -18.436 -10.998 1.00 2.87 ? 181 GLU B O    1 
ATOM 1107 C CB   . GLU B 2 2  ? 9.873   -18.511 -9.873  1.00 3.93 ? 181 GLU B CB   1 
ATOM 1108 C CG   . GLU B 2 2  ? 10.797  -19.689 -9.612  1.00 4.82 ? 181 GLU B CG   1 
ATOM 1109 C CD   . GLU B 2 2  ? 10.402  -20.480 -8.380  1.00 5.70 ? 181 GLU B CD   1 
ATOM 1110 O OE1  . GLU B 2 2  ? 10.020  -19.852 -7.369  1.00 6.17 ? 181 GLU B OE1  1 
ATOM 1111 O OE2  . GLU B 2 2  ? 10.474  -21.726 -8.425  1.00 6.23 ? 181 GLU B OE2  1 
ATOM 1112 H H    . GLU B 2 2  ? 10.100  -17.610 -12.345 1.00 3.26 ? 181 GLU B H    1 
ATOM 1113 H HA   . GLU B 2 2  ? 8.637   -19.794 -11.060 1.00 3.37 ? 181 GLU B HA   1 
ATOM 1114 H HB2  . GLU B 2 2  ? 10.479  -17.648 -10.101 1.00 4.26 ? 181 GLU B HB2  1 
ATOM 1115 H HB3  . GLU B 2 2  ? 9.309   -18.317 -8.972  1.00 4.11 ? 181 GLU B HB3  1 
ATOM 1116 H HG2  . GLU B 2 2  ? 10.770  -20.349 -10.466 1.00 5.02 ? 181 GLU B HG2  1 
ATOM 1117 H HG3  . GLU B 2 2  ? 11.803  -19.318 -9.476  1.00 5.09 ? 181 GLU B HG3  1 
ATOM 1118 N N    . ARG B 2 3  ? 7.786   -16.680 -10.395 1.00 2.12 ? 182 ARG B N    1 
ATOM 1119 C CA   . ARG B 2 3  ? 6.650   -15.801 -10.145 1.00 2.22 ? 182 ARG B CA   1 
ATOM 1120 C C    . ARG B 2 3  ? 5.767   -16.358 -9.033  1.00 2.13 ? 182 ARG B C    1 
ATOM 1121 O O    . ARG B 2 3  ? 5.213   -17.451 -9.155  1.00 2.73 ? 182 ARG B O    1 
ATOM 1122 C CB   . ARG B 2 3  ? 5.829   -15.615 -11.422 1.00 3.14 ? 182 ARG B CB   1 
ATOM 1123 C CG   . ARG B 2 3  ? 6.305   -14.457 -12.283 1.00 3.73 ? 182 ARG B CG   1 
ATOM 1124 C CD   . ARG B 2 3  ? 7.716   -14.689 -12.803 1.00 4.05 ? 182 ARG B CD   1 
ATOM 1125 N NE   . ARG B 2 3  ? 7.787   -14.582 -14.258 1.00 4.38 ? 182 ARG B NE   1 
ATOM 1126 C CZ   . ARG B 2 3  ? 8.917   -14.392 -14.933 1.00 4.93 ? 182 ARG B CZ   1 
ATOM 1127 N NH1  . ARG B 2 3  ? 10.073  -14.285 -14.290 1.00 5.25 ? 182 ARG B NH1  1 
ATOM 1128 N NH2  . ARG B 2 3  ? 8.893   -14.308 -16.256 1.00 5.56 ? 182 ARG B NH2  1 
ATOM 1129 H H    . ARG B 2 3  ? 8.694   -16.338 -10.258 1.00 2.44 ? 182 ARG B H    1 
ATOM 1130 H HA   . ARG B 2 3  ? 7.036   -14.843 -9.833  1.00 2.46 ? 182 ARG B HA   1 
ATOM 1131 H HB2  . ARG B 2 3  ? 5.887   -16.520 -12.009 1.00 3.49 ? 182 ARG B HB2  1 
ATOM 1132 H HB3  . ARG B 2 3  ? 4.799   -15.435 -11.152 1.00 3.55 ? 182 ARG B HB3  1 
ATOM 1133 H HG2  . ARG B 2 3  ? 5.636   -14.348 -13.124 1.00 4.18 ? 182 ARG B HG2  1 
ATOM 1134 H HG3  . ARG B 2 3  ? 6.294   -13.553 -11.691 1.00 4.01 ? 182 ARG B HG3  1 
ATOM 1135 H HD2  . ARG B 2 3  ? 8.372   -13.951 -12.367 1.00 4.45 ? 182 ARG B HD2  1 
ATOM 1136 H HD3  . ARG B 2 3  ? 8.039   -15.676 -12.507 1.00 4.18 ? 182 ARG B HD3  1 
ATOM 1137 H HE   . ARG B 2 3  ? 6.948   -14.657 -14.759 1.00 4.52 ? 182 ARG B HE   1 
ATOM 1138 H HH11 . ARG B 2 3  ? 10.099  -14.348 -13.291 1.00 5.08 ? 182 ARG B HH11 1 
ATOM 1139 H HH12 . ARG B 2 3  ? 10.919  -14.142 -14.802 1.00 5.88 ? 182 ARG B HH12 1 
ATOM 1140 H HH21 . ARG B 2 3  ? 8.025   -14.388 -16.746 1.00 5.66 ? 182 ARG B HH21 1 
ATOM 1141 H HH22 . ARG B 2 3  ? 9.742   -14.164 -16.764 1.00 6.12 ? 182 ARG B HH22 1 
ATOM 1142 N N    . GLY B 2 4  ? 5.640   -15.601 -7.949  1.00 1.82 ? 183 GLY B N    1 
ATOM 1143 C CA   . GLY B 2 4  ? 4.827   -16.039 -6.832  1.00 2.12 ? 183 GLY B CA   1 
ATOM 1144 C C    . GLY B 2 4  ? 3.455   -15.395 -6.822  1.00 1.67 ? 183 GLY B C    1 
ATOM 1145 O O    . GLY B 2 4  ? 2.644   -15.631 -7.717  1.00 1.99 ? 183 GLY B O    1 
ATOM 1146 H H    . GLY B 2 4  ? 6.107   -14.740 -7.907  1.00 1.79 ? 183 GLY B H    1 
ATOM 1147 H HA2  . GLY B 2 4  ? 4.708   -17.110 -6.887  1.00 2.60 ? 183 GLY B HA2  1 
ATOM 1148 H HA3  . GLY B 2 4  ? 5.334   -15.791 -5.912  1.00 2.63 ? 183 GLY B HA3  1 
ATOM 1149 N N    . TRP B 2 5  ? 3.192   -14.587 -5.801  1.00 1.27 ? 184 TRP B N    1 
ATOM 1150 C CA   . TRP B 2 5  ? 1.904   -13.914 -5.671  1.00 1.21 ? 184 TRP B CA   1 
ATOM 1151 C C    . TRP B 2 5  ? 2.066   -12.388 -5.600  1.00 1.08 ? 184 TRP B C    1 
ATOM 1152 O O    . TRP B 2 5  ? 2.555   -11.773 -6.548  1.00 1.28 ? 184 TRP B O    1 
ATOM 1153 C CB   . TRP B 2 5  ? 1.144   -14.462 -4.458  1.00 1.60 ? 184 TRP B CB   1 
ATOM 1154 C CG   . TRP B 2 5  ? 1.996   -14.714 -3.241  1.00 1.80 ? 184 TRP B CG   1 
ATOM 1155 C CD1  . TRP B 2 5  ? 1.772   -15.680 -2.302  1.00 2.08 ? 184 TRP B CD1  1 
ATOM 1156 C CD2  . TRP B 2 5  ? 3.188   -14.014 -2.816  1.00 2.17 ? 184 TRP B CD2  1 
ATOM 1157 N NE1  . TRP B 2 5  ? 2.734   -15.631 -1.328  1.00 2.44 ? 184 TRP B NE1  1 
ATOM 1158 C CE2  . TRP B 2 5  ? 3.613   -14.623 -1.616  1.00 2.61 ? 184 TRP B CE2  1 
ATOM 1159 C CE3  . TRP B 2 5  ? 3.943   -12.941 -3.322  1.00 2.48 ? 184 TRP B CE3  1 
ATOM 1160 C CZ2  . TRP B 2 5  ? 4.743   -14.202 -0.922  1.00 3.28 ? 184 TRP B CZ2  1 
ATOM 1161 C CZ3  . TRP B 2 5  ? 5.064   -12.530 -2.626  1.00 3.23 ? 184 TRP B CZ3  1 
ATOM 1162 C CH2  . TRP B 2 5  ? 5.454   -13.157 -1.439  1.00 3.61 ? 184 TRP B CH2  1 
ATOM 1163 H H    . TRP B 2 5  ? 3.877   -14.446 -5.118  1.00 1.38 ? 184 TRP B H    1 
ATOM 1164 H HA   . TRP B 2 5  ? 1.334   -14.143 -6.558  1.00 1.45 ? 184 TRP B HA   1 
ATOM 1165 H HB2  . TRP B 2 5  ? 0.364   -13.771 -4.183  1.00 1.84 ? 184 TRP B HB2  1 
ATOM 1166 H HB3  . TRP B 2 5  ? 0.688   -15.401 -4.736  1.00 1.82 ? 184 TRP B HB3  1 
ATOM 1167 H HD1  . TRP B 2 5  ? 0.948   -16.376 -2.336  1.00 2.24 ? 184 TRP B HD1  1 
ATOM 1168 H HE1  . TRP B 2 5  ? 2.785   -16.225 -0.549  1.00 2.71 ? 184 TRP B HE1  1 
ATOM 1169 H HE3  . TRP B 2 5  ? 3.669   -12.437 -4.235  1.00 2.25 ? 184 TRP B HE3  1 
ATOM 1170 H HZ2  . TRP B 2 5  ? 5.060   -14.676 -0.004  1.00 3.64 ? 184 TRP B HZ2  1 
ATOM 1171 H HZ3  . TRP B 2 5  ? 5.653   -11.708 -2.999  1.00 3.62 ? 184 TRP B HZ3  1 
ATOM 1172 H HH2  . TRP B 2 5  ? 6.337   -12.799 -0.932  1.00 4.25 ? 184 TRP B HH2  1 
ATOM 1173 N N    . LYS B 2 6  ? 1.654   -11.775 -4.487  1.00 0.87 ? 185 LYS B N    1 
ATOM 1174 C CA   . LYS B 2 6  ? 1.760   -10.331 -4.330  1.00 0.81 ? 185 LYS B CA   1 
ATOM 1175 C C    . LYS B 2 6  ? 2.153   -9.952  -2.892  1.00 0.73 ? 185 LYS B C    1 
ATOM 1176 O O    . LYS B 2 6  ? 1.340   -10.058 -1.974  1.00 0.77 ? 185 LYS B O    1 
ATOM 1177 C CB   . LYS B 2 6  ? 0.422   -9.680  -4.709  1.00 0.91 ? 185 LYS B CB   1 
ATOM 1178 C CG   . LYS B 2 6  ? 0.475   -8.811  -5.953  1.00 1.06 ? 185 LYS B CG   1 
ATOM 1179 C CD   . LYS B 2 6  ? -0.822  -8.055  -6.145  1.00 1.23 ? 185 LYS B CD   1 
ATOM 1180 C CE   . LYS B 2 6  ? -1.748  -8.766  -7.117  1.00 1.67 ? 185 LYS B CE   1 
ATOM 1181 N NZ   . LYS B 2 6  ? -2.645  -7.814  -7.831  1.00 2.17 ? 185 LYS B NZ   1 
ATOM 1182 H H    . LYS B 2 6  ? 1.273   -12.300 -3.760  1.00 0.88 ? 185 LYS B H    1 
ATOM 1183 H HA   . LYS B 2 6  ? 2.525   -9.978  -5.005  1.00 0.93 ? 185 LYS B HA   1 
ATOM 1184 H HB2  . LYS B 2 6  ? -0.303  -10.457 -4.882  1.00 1.48 ? 185 LYS B HB2  1 
ATOM 1185 H HB3  . LYS B 2 6  ? 0.086   -9.070  -3.893  1.00 1.40 ? 185 LYS B HB3  1 
ATOM 1186 H HG2  . LYS B 2 6  ? 1.271   -8.096  -5.850  1.00 1.51 ? 185 LYS B HG2  1 
ATOM 1187 H HG3  . LYS B 2 6  ? 0.651   -9.433  -6.816  1.00 1.52 ? 185 LYS B HG3  1 
ATOM 1188 H HD2  . LYS B 2 6  ? -1.314  -7.968  -5.188  1.00 1.61 ? 185 LYS B HD2  1 
ATOM 1189 H HD3  . LYS B 2 6  ? -0.596  -7.070  -6.526  1.00 1.65 ? 185 LYS B HD3  1 
ATOM 1190 H HE2  . LYS B 2 6  ? -1.149  -9.295  -7.843  1.00 2.12 ? 185 LYS B HE2  1 
ATOM 1191 H HE3  . LYS B 2 6  ? -2.352  -9.473  -6.568  1.00 2.20 ? 185 LYS B HE3  1 
ATOM 1192 H HZ1  . LYS B 2 6  ? -2.817  -6.976  -7.240  1.00 2.56 ? 185 LYS B HZ1  1 
ATOM 1193 H HZ2  . LYS B 2 6  ? -3.555  -8.270  -8.041  1.00 2.53 ? 185 LYS B HZ2  1 
ATOM 1194 H HZ3  . LYS B 2 6  ? -2.206  -7.512  -8.724  1.00 2.60 ? 185 LYS B HZ3  1 
ATOM 1195 N N    . HIS B 2 7  ? 3.394   -9.491  -2.708  1.00 0.67 ? 186 HIS B N    1 
ATOM 1196 C CA   . HIS B 2 7  ? 3.882   -9.070  -1.389  1.00 0.65 ? 186 HIS B CA   1 
ATOM 1197 C C    . HIS B 2 7  ? 4.761   -7.812  -1.506  1.00 0.60 ? 186 HIS B C    1 
ATOM 1198 O O    . HIS B 2 7  ? 5.736   -7.793  -2.253  1.00 0.71 ? 186 HIS B O    1 
ATOM 1199 C CB   . HIS B 2 7  ? 4.665   -10.204 -0.724  1.00 0.73 ? 186 HIS B CB   1 
ATOM 1200 C CG   . HIS B 2 7  ? 4.888   -10.000 0.745   1.00 0.80 ? 186 HIS B CG   1 
ATOM 1201 N ND1  . HIS B 2 7  ? 5.391   -8.832  1.279   1.00 1.45 ? 186 HIS B ND1  1 
ATOM 1202 C CD2  . HIS B 2 7  ? 4.673   -10.829 1.795   1.00 1.34 ? 186 HIS B CD2  1 
ATOM 1203 C CE1  . HIS B 2 7  ? 5.475   -8.952  2.592   1.00 1.31 ? 186 HIS B CE1  1 
ATOM 1204 N NE2  . HIS B 2 7  ? 5.045   -10.152 2.930   1.00 1.12 ? 186 HIS B NE2  1 
ATOM 1205 H H    . HIS B 2 7  ? 3.993   -9.416  -3.482  1.00 0.69 ? 186 HIS B H    1 
ATOM 1206 H HA   . HIS B 2 7  ? 3.022   -8.833  -0.781  1.00 0.68 ? 186 HIS B HA   1 
ATOM 1207 H HB2  . HIS B 2 7  ? 4.119   -11.127 -0.848  1.00 0.81 ? 186 HIS B HB2  1 
ATOM 1208 H HB3  . HIS B 2 7  ? 5.630   -10.295 -1.199  1.00 0.73 ? 186 HIS B HB3  1 
ATOM 1209 H HD1  . HIS B 2 7  ? 5.648   -8.034  0.773   1.00 2.23 ? 186 HIS B HD1  1 
ATOM 1210 H HD2  . HIS B 2 7  ? 4.280   -11.835 1.747   1.00 2.24 ? 186 HIS B HD2  1 
ATOM 1211 H HE1  . HIS B 2 7  ? 5.834   -8.194  3.274   1.00 1.90 ? 186 HIS B HE1  1 
ATOM 1212 H HE2  . HIS B 2 7  ? 4.923   -10.471 3.849   1.00 1.48 ? 186 HIS B HE2  1 
ATOM 1213 N N    . TRP B 2 8  ? 4.404   -6.758  -0.775  1.00 0.50 ? 187 TRP B N    1 
ATOM 1214 C CA   . TRP B 2 8  ? 5.158   -5.498  -0.816  1.00 0.46 ? 187 TRP B CA   1 
ATOM 1215 C C    . TRP B 2 8  ? 5.270   -4.868  0.563   1.00 0.45 ? 187 TRP B C    1 
ATOM 1216 O O    . TRP B 2 8  ? 4.579   -5.248  1.510   1.00 0.59 ? 187 TRP B O    1 
ATOM 1217 C CB   . TRP B 2 8  ? 4.454   -4.486  -1.723  1.00 0.45 ? 187 TRP B CB   1 
ATOM 1218 C CG   . TRP B 2 8  ? 5.119   -4.206  -3.040  1.00 0.44 ? 187 TRP B CG   1 
ATOM 1219 C CD1  . TRP B 2 8  ? 4.725   -4.676  -4.254  1.00 0.45 ? 187 TRP B CD1  1 
ATOM 1220 C CD2  . TRP B 2 8  ? 6.255   -3.361  -3.294  1.00 0.47 ? 187 TRP B CD2  1 
ATOM 1221 N NE1  . TRP B 2 8  ? 5.552   -4.210  -5.236  1.00 0.47 ? 187 TRP B NE1  1 
ATOM 1222 C CE2  . TRP B 2 8  ? 6.494   -3.400  -4.679  1.00 0.48 ? 187 TRP B CE2  1 
ATOM 1223 C CE3  . TRP B 2 8  ? 7.098   -2.585  -2.497  1.00 0.52 ? 187 TRP B CE3  1 
ATOM 1224 C CZ2  . TRP B 2 8  ? 7.531   -2.697  -5.279  1.00 0.54 ? 187 TRP B CZ2  1 
ATOM 1225 C CZ3  . TRP B 2 8  ? 8.125   -1.890  -3.096  1.00 0.57 ? 187 TRP B CZ3  1 
ATOM 1226 C CH2  . TRP B 2 8  ? 8.335   -1.950  -4.477  1.00 0.58 ? 187 TRP B CH2  1 
ATOM 1227 H H    . TRP B 2 8  ? 3.611   -6.820  -0.203  1.00 0.52 ? 187 TRP B H    1 
ATOM 1228 H HA   . TRP B 2 8  ? 6.149   -5.691  -1.205  1.00 0.46 ? 187 TRP B HA   1 
ATOM 1229 H HB2  . TRP B 2 8  ? 3.478   -4.861  -1.935  1.00 0.46 ? 187 TRP B HB2  1 
ATOM 1230 H HB3  . TRP B 2 8  ? 4.359   -3.548  -1.194  1.00 0.50 ? 187 TRP B HB3  1 
ATOM 1231 H HD1  . TRP B 2 8  ? 3.889   -5.327  -4.405  1.00 0.46 ? 187 TRP B HD1  1 
ATOM 1232 H HE1  . TRP B 2 8  ? 5.478   -4.423  -6.185  1.00 0.50 ? 187 TRP B HE1  1 
ATOM 1233 H HE3  . TRP B 2 8  ? 6.956   -2.513  -1.437  1.00 0.55 ? 187 TRP B HE3  1 
ATOM 1234 H HZ2  . TRP B 2 8  ? 7.704   -2.734  -6.344  1.00 0.57 ? 187 TRP B HZ2  1 
ATOM 1235 H HZ3  . TRP B 2 8  ? 8.785   -1.297  -2.492  1.00 0.63 ? 187 TRP B HZ3  1 
ATOM 1236 H HH2  . TRP B 2 8  ? 9.147   -1.386  -4.906  1.00 0.63 ? 187 TRP B HH2  1 
ATOM 1237 N N    . VAL B 2 9  ? 6.112   -3.857  0.623   1.00 0.40 ? 188 VAL B N    1 
ATOM 1238 C CA   . VAL B 2 9  ? 6.332   -3.066  1.816   1.00 0.40 ? 188 VAL B CA   1 
ATOM 1239 C C    . VAL B 2 9  ? 6.881   -1.709  1.388   1.00 0.36 ? 188 VAL B C    1 
ATOM 1240 O O    . VAL B 2 9  ? 8.087   -1.551  1.157   1.00 0.35 ? 188 VAL B O    1 
ATOM 1241 C CB   . VAL B 2 9  ? 7.299   -3.736  2.817   1.00 0.45 ? 188 VAL B CB   1 
ATOM 1242 C CG1  . VAL B 2 9  ? 7.079   -3.180  4.218   1.00 0.56 ? 188 VAL B CG1  1 
ATOM 1243 C CG2  . VAL B 2 9  ? 7.133   -5.249  2.809   1.00 0.51 ? 188 VAL B CG2  1 
ATOM 1244 H H    . VAL B 2 9  ? 6.585   -3.608  -0.187  1.00 0.46 ? 188 VAL B H    1 
ATOM 1245 H HA   . VAL B 2 9  ? 5.376   -2.920  2.300   1.00 0.42 ? 188 VAL B HA   1 
ATOM 1246 H HB   . VAL B 2 9  ? 8.309   -3.506  2.521   1.00 0.48 ? 188 VAL B HB   1 
ATOM 1247 H HG11 . VAL B 2 9  ? 7.889   -3.492  4.862   1.00 1.20 ? 188 VAL B HG11 1 
ATOM 1248 H HG12 . VAL B 2 9  ? 6.143   -3.551  4.611   1.00 1.14 ? 188 VAL B HG12 1 
ATOM 1249 H HG13 . VAL B 2 9  ? 7.050   -2.099  4.177   1.00 1.11 ? 188 VAL B HG13 1 
ATOM 1250 H HG21 . VAL B 2 9  ? 7.301   -5.625  1.811   1.00 1.15 ? 188 VAL B HG21 1 
ATOM 1251 H HG22 . VAL B 2 9  ? 6.132   -5.502  3.126   1.00 1.10 ? 188 VAL B HG22 1 
ATOM 1252 H HG23 . VAL B 2 9  ? 7.848   -5.693  3.487   1.00 1.15 ? 188 VAL B HG23 1 
ATOM 1253 N N    . TYR B 2 10 ? 5.988   -0.732  1.252   1.00 0.36 ? 189 TYR B N    1 
ATOM 1254 C CA   . TYR B 2 10 ? 6.391   0.599   0.830   1.00 0.35 ? 189 TYR B CA   1 
ATOM 1255 C C    . TYR B 2 10 ? 6.525   1.500   2.045   1.00 0.34 ? 189 TYR B C    1 
ATOM 1256 O O    . TYR B 2 10 ? 5.570   1.695   2.786   1.00 0.41 ? 189 TYR B O    1 
ATOM 1257 C CB   . TYR B 2 10 ? 5.383   1.165   -0.168  1.00 0.37 ? 189 TYR B CB   1 
ATOM 1258 C CG   . TYR B 2 10 ? 5.718   0.882   -1.616  1.00 0.40 ? 189 TYR B CG   1 
ATOM 1259 C CD1  . TYR B 2 10 ? 6.974   1.179   -2.133  1.00 1.37 ? 189 TYR B CD1  1 
ATOM 1260 C CD2  . TYR B 2 10 ? 4.772   0.336   -2.470  1.00 0.94 ? 189 TYR B CD2  1 
ATOM 1261 C CE1  . TYR B 2 10 ? 7.273   0.932   -3.459  1.00 1.53 ? 189 TYR B CE1  1 
ATOM 1262 C CE2  . TYR B 2 10 ? 5.060   0.088   -3.794  1.00 0.87 ? 189 TYR B CE2  1 
ATOM 1263 C CZ   . TYR B 2 10 ? 6.313   0.387   -4.286  1.00 0.66 ? 189 TYR B CZ   1 
ATOM 1264 O OH   . TYR B 2 10 ? 6.608   0.141   -5.608  1.00 0.84 ? 189 TYR B OH   1 
ATOM 1265 H H    . TYR B 2 10 ? 5.032   -0.912  1.431   1.00 0.37 ? 189 TYR B H    1 
ATOM 1266 H HA   . TYR B 2 10 ? 7.352   0.523   0.347   1.00 0.35 ? 189 TYR B HA   1 
ATOM 1267 H HB2  . TYR B 2 10 ? 4.407   0.735   0.026   1.00 0.43 ? 189 TYR B HB2  1 
ATOM 1268 H HB3  . TYR B 2 10 ? 5.336   2.228   -0.042  1.00 0.44 ? 189 TYR B HB3  1 
ATOM 1269 H HD1  . TYR B 2 10 ? 7.722   1.605   -1.482  1.00 2.16 ? 189 TYR B HD1  1 
ATOM 1270 H HD2  . TYR B 2 10 ? 3.798   0.098   -2.088  1.00 1.80 ? 189 TYR B HD2  1 
ATOM 1271 H HE1  . TYR B 2 10 ? 8.254   1.166   -3.843  1.00 2.42 ? 189 TYR B HE1  1 
ATOM 1272 H HE2  . TYR B 2 10 ? 4.301   -0.335  -4.435  1.00 1.62 ? 189 TYR B HE2  1 
ATOM 1273 H HH   . TYR B 2 10 ? 6.186   -0.676  -5.883  1.00 1.19 ? 189 TYR B HH   1 
ATOM 1274 N N    . TYR B 2 11 ? 7.729   2.016   2.269   1.00 0.33 ? 190 TYR B N    1 
ATOM 1275 C CA   . TYR B 2 11 ? 7.984   2.856   3.432   1.00 0.33 ? 190 TYR B CA   1 
ATOM 1276 C C    . TYR B 2 11 ? 7.936   4.340   3.083   1.00 0.35 ? 190 TYR B C    1 
ATOM 1277 O O    . TYR B 2 11 ? 8.655   4.790   2.190   1.00 0.47 ? 190 TYR B O    1 
ATOM 1278 C CB   . TYR B 2 11 ? 9.371   2.566   4.030   1.00 0.40 ? 190 TYR B CB   1 
ATOM 1279 C CG   . TYR B 2 11 ? 9.649   1.128   4.436   1.00 0.45 ? 190 TYR B CG   1 
ATOM 1280 C CD1  . TYR B 2 11 ? 9.094   0.048   3.760   1.00 1.27 ? 190 TYR B CD1  1 
ATOM 1281 C CD2  . TYR B 2 11 ? 10.508  0.857   5.496   1.00 1.30 ? 190 TYR B CD2  1 
ATOM 1282 C CE1  . TYR B 2 11 ? 9.384   -1.249  4.133   1.00 1.32 ? 190 TYR B CE1  1 
ATOM 1283 C CE2  . TYR B 2 11 ? 10.801  -0.438  5.874   1.00 1.36 ? 190 TYR B CE2  1 
ATOM 1284 C CZ   . TYR B 2 11 ? 10.236  -1.488  5.188   1.00 0.69 ? 190 TYR B CZ   1 
ATOM 1285 O OH   . TYR B 2 11 ? 10.524  -2.782  5.558   1.00 0.84 ? 190 TYR B OH   1 
ATOM 1286 H H    . TYR B 2 11 ? 8.466   1.802   1.660   1.00 0.35 ? 190 TYR B H    1 
ATOM 1287 H HA   . TYR B 2 11 ? 7.231   2.637   4.167   1.00 0.32 ? 190 TYR B HA   1 
ATOM 1288 H HB2  . TYR B 2 11 ? 10.120  2.840   3.304   1.00 0.46 ? 190 TYR B HB2  1 
ATOM 1289 H HB3  . TYR B 2 11 ? 9.500   3.183   4.907   1.00 0.44 ? 190 TYR B HB3  1 
ATOM 1290 H HD1  . TYR B 2 11 ? 8.427   0.228   2.935   1.00 2.15 ? 190 TYR B HD1  1 
ATOM 1291 H HD2  . TYR B 2 11 ? 10.947  1.678   6.033   1.00 2.17 ? 190 TYR B HD2  1 
ATOM 1292 H HE1  . TYR B 2 11 ? 8.950   -2.070  3.592   1.00 2.20 ? 190 TYR B HE1  1 
ATOM 1293 H HE2  . TYR B 2 11 ? 11.476  -0.622  6.700   1.00 2.25 ? 190 TYR B HE2  1 
ATOM 1294 H HH   . TYR B 2 11 ? 10.501  -2.855  6.515   1.00 1.25 ? 190 TYR B HH   1 
ATOM 1295 N N    . THR B 2 12 ? 7.131   5.117   3.814   1.00 0.35 ? 191 THR B N    1 
ATOM 1296 C CA   . THR B 2 12 ? 7.083   6.553   3.566   1.00 0.39 ? 191 THR B CA   1 
ATOM 1297 C C    . THR B 2 12 ? 8.380   7.171   4.012   1.00 0.42 ? 191 THR B C    1 
ATOM 1298 O O    . THR B 2 12 ? 8.800   6.978   5.153   1.00 0.67 ? 191 THR B O    1 
ATOM 1299 C CB   . THR B 2 12 ? 5.960   7.267   4.303   1.00 0.47 ? 191 THR B CB   1 
ATOM 1300 O OG1  . THR B 2 12 ? 6.360   7.622   5.615   1.00 0.75 ? 191 THR B OG1  1 
ATOM 1301 C CG2  . THR B 2 12 ? 4.688   6.478   4.421   1.00 0.47 ? 191 THR B CG2  1 
ATOM 1302 H H    . THR B 2 12 ? 6.598   4.726   4.541   1.00 0.40 ? 191 THR B H    1 
ATOM 1303 H HA   . THR B 2 12 ? 6.968   6.705   2.502   1.00 0.43 ? 191 THR B HA   1 
ATOM 1304 H HB   . THR B 2 12 ? 5.746   8.172   3.760   1.00 0.63 ? 191 THR B HB   1 
ATOM 1305 H HG1  . THR B 2 12 ? 6.300   8.575   5.722   1.00 1.14 ? 191 THR B HG1  1 
ATOM 1306 H HG21 . THR B 2 12 ? 3.974   7.034   5.011   1.00 1.15 ? 191 THR B HG21 1 
ATOM 1307 H HG22 . THR B 2 12 ? 4.895   5.534   4.903   1.00 1.05 ? 191 THR B HG22 1 
ATOM 1308 H HG23 . THR B 2 12 ? 4.281   6.304   3.436   1.00 1.13 ? 191 THR B HG23 1 
ATOM 1309 N N    . CYS B 2 13 ? 9.001   7.917   3.120   1.00 0.43 ? 192 CYS B N    1 
ATOM 1310 C CA   . CYS B 2 13 ? 10.276  8.579   3.425   1.00 0.52 ? 192 CYS B CA   1 
ATOM 1311 C C    . CYS B 2 13 ? 11.166  8.597   2.229   1.00 0.51 ? 192 CYS B C    1 
ATOM 1312 O O    . CYS B 2 13 ? 11.909  9.548   1.983   1.00 0.59 ? 192 CYS B O    1 
ATOM 1313 C CB   . CYS B 2 13 ? 11.090  7.812   4.499   1.00 0.61 ? 192 CYS B CB   1 
ATOM 1314 S SG   . CYS B 2 13 ? 12.889  7.649   4.098   1.00 0.95 ? 192 CYS B SG   1 
ATOM 1315 H H    . CYS B 2 13 ? 8.587   8.030   2.227   1.00 0.58 ? 192 CYS B H    1 
ATOM 1316 H HA   . CYS B 2 13 ? 10.084  9.584   3.763   1.00 0.60 ? 192 CYS B HA   1 
ATOM 1317 H HB2  . CYS B 2 13 ? 11.009  8.326   5.446   1.00 0.83 ? 192 CYS B HB2  1 
ATOM 1318 H HB3  . CYS B 2 13 ? 10.694  6.812   4.607   1.00 0.82 ? 192 CYS B HB3  1 
ATOM 1319 N N    . CYS B 2 14 ? 11.196  7.459   1.591   1.00 0.52 ? 193 CYS B N    1 
ATOM 1320 C CA   . CYS B 2 14 ? 12.130  7.247   0.524   1.00 0.62 ? 193 CYS B CA   1 
ATOM 1321 C C    . CYS B 2 14 ? 11.578  6.359   -0.584  1.00 0.67 ? 193 CYS B C    1 
ATOM 1322 O O    . CYS B 2 14 ? 11.058  5.272   -0.331  1.00 0.77 ? 193 CYS B O    1 
ATOM 1323 C CB   . CYS B 2 14 ? 13.367  6.618   1.177   1.00 0.71 ? 193 CYS B CB   1 
ATOM 1324 S SG   . CYS B 2 14 ? 13.065  5.998   2.892   1.00 1.01 ? 193 CYS B SG   1 
ATOM 1325 H H    . CYS B 2 14 ? 10.648  6.708   1.922   1.00 0.52 ? 193 CYS B H    1 
ATOM 1326 H HA   . CYS B 2 14 ? 12.398  8.202   0.108   1.00 0.70 ? 193 CYS B HA   1 
ATOM 1327 H HB2  . CYS B 2 14 ? 13.694  5.778   0.580   1.00 0.80 ? 193 CYS B HB2  1 
ATOM 1328 H HB3  . CYS B 2 14 ? 14.156  7.352   1.225   1.00 0.82 ? 193 CYS B HB3  1 
ATOM 1329 N N    . PRO B 2 15 ? 11.690  6.829   -1.837  1.00 0.77 ? 194 PRO B N    1 
ATOM 1330 C CA   . PRO B 2 15 ? 11.209  6.108   -3.006  1.00 0.90 ? 194 PRO B CA   1 
ATOM 1331 C C    . PRO B 2 15 ? 12.278  5.213   -3.631  1.00 0.91 ? 194 PRO B C    1 
ATOM 1332 O O    . PRO B 2 15 ? 11.960  4.244   -4.321  1.00 1.15 ? 194 PRO B O    1 
ATOM 1333 C CB   . PRO B 2 15 ? 10.858  7.259   -3.933  1.00 1.06 ? 194 PRO B CB   1 
ATOM 1334 C CG   . PRO B 2 15 ? 11.935  8.256   -3.684  1.00 1.12 ? 194 PRO B CG   1 
ATOM 1335 C CD   . PRO B 2 15 ? 12.285  8.127   -2.221  1.00 0.92 ? 194 PRO B CD   1 
ATOM 1336 H HA   . PRO B 2 15 ? 10.328  5.529   -2.789  1.00 1.01 ? 194 PRO B HA   1 
ATOM 1337 H HB2  . PRO B 2 15 ? 10.851  6.920   -4.958  1.00 1.45 ? 194 PRO B HB2  1 
ATOM 1338 H HB3  . PRO B 2 15 ? 9.892   7.655   -3.665  1.00 1.19 ? 194 PRO B HB3  1 
ATOM 1339 H HG2  . PRO B 2 15 ? 12.794  8.028   -4.297  1.00 1.49 ? 194 PRO B HG2  1 
ATOM 1340 H HG3  . PRO B 2 15 ? 11.572  9.249   -3.895  1.00 1.28 ? 194 PRO B HG3  1 
ATOM 1341 H HD2  . PRO B 2 15 ? 13.357  8.113   -2.089  1.00 0.98 ? 194 PRO B HD2  1 
ATOM 1342 H HD3  . PRO B 2 15 ? 11.845  8.933   -1.655  1.00 0.94 ? 194 PRO B HD3  1 
ATOM 1343 N N    . ASP B 2 16 ? 13.544  5.543   -3.388  1.00 0.81 ? 195 ASP B N    1 
ATOM 1344 C CA   . ASP B 2 16 ? 14.654  4.766   -3.928  1.00 0.94 ? 195 ASP B CA   1 
ATOM 1345 C C    . ASP B 2 16 ? 14.979  3.570   -3.035  1.00 0.97 ? 195 ASP B C    1 
ATOM 1346 O O    . ASP B 2 16 ? 15.869  2.779   -3.345  1.00 1.21 ? 195 ASP B O    1 
ATOM 1347 C CB   . ASP B 2 16 ? 15.892  5.650   -4.083  1.00 1.12 ? 195 ASP B CB   1 
ATOM 1348 C CG   . ASP B 2 16 ? 15.661  6.804   -5.040  1.00 1.26 ? 195 ASP B CG   1 
ATOM 1349 O OD1  . ASP B 2 16 ? 15.043  7.806   -4.623  1.00 1.77 ? 195 ASP B OD1  1 
ATOM 1350 O OD2  . ASP B 2 16 ? 16.098  6.704   -6.206  1.00 1.67 ? 195 ASP B OD2  1 
ATOM 1351 H H    . ASP B 2 16 ? 13.736  6.323   -2.832  1.00 0.77 ? 195 ASP B H    1 
ATOM 1352 H HA   . ASP B 2 16 ? 14.360  4.402   -4.901  1.00 1.02 ? 195 ASP B HA   1 
ATOM 1353 H HB2  . ASP B 2 16 ? 16.161  6.056   -3.119  1.00 1.14 ? 195 ASP B HB2  1 
ATOM 1354 H HB3  . ASP B 2 16 ? 16.709  5.053   -4.459  1.00 1.27 ? 195 ASP B HB3  1 
ATOM 1355 N N    . THR B 2 17 ? 14.251  3.438   -1.928  1.00 0.86 ? 196 THR B N    1 
ATOM 1356 C CA   . THR B 2 17 ? 14.467  2.333   -1.000  1.00 0.97 ? 196 THR B CA   1 
ATOM 1357 C C    . THR B 2 17 ? 13.194  1.507   -0.834  1.00 0.77 ? 196 THR B C    1 
ATOM 1358 O O    . THR B 2 17 ? 12.755  1.254   0.284   1.00 0.94 ? 196 THR B O    1 
ATOM 1359 C CB   . THR B 2 17 ? 14.921  2.859   0.364   1.00 1.30 ? 196 THR B CB   1 
ATOM 1360 O OG1  . THR B 2 17 ? 13.816  3.334   1.112   1.00 1.86 ? 196 THR B OG1  1 
ATOM 1361 C CG2  . THR B 2 17 ? 15.928  3.983   0.273   1.00 1.83 ? 196 THR B CG2  1 
ATOM 1362 H H    . THR B 2 17 ? 13.553  4.095   -1.731  1.00 0.81 ? 196 THR B H    1 
ATOM 1363 H HA   . THR B 2 17 ? 15.241  1.703   -1.409  1.00 1.10 ? 196 THR B HA   1 
ATOM 1364 H HB   . THR B 2 17 ? 15.380  2.050   0.914   1.00 1.74 ? 196 THR B HB   1 
ATOM 1365 H HG1  . THR B 2 17 ? 14.042  3.346   2.045   1.00 2.25 ? 196 THR B HG1  1 
ATOM 1366 H HG21 . THR B 2 17 ? 15.434  4.879   -0.073  1.00 2.28 ? 196 THR B HG21 1 
ATOM 1367 H HG22 . THR B 2 17 ? 16.710  3.711   -0.420  1.00 2.42 ? 196 THR B HG22 1 
ATOM 1368 H HG23 . THR B 2 17 ? 16.355  4.162   1.248   1.00 2.15 ? 196 THR B HG23 1 
ATOM 1369 N N    . PRO B 2 18 ? 12.582  1.070   -1.946  1.00 0.58 ? 197 PRO B N    1 
ATOM 1370 C CA   . PRO B 2 18 ? 11.357  0.267   -1.901  1.00 0.56 ? 197 PRO B CA   1 
ATOM 1371 C C    . PRO B 2 18 ? 11.627  -1.158  -1.435  1.00 0.54 ? 197 PRO B C    1 
ATOM 1372 O O    . PRO B 2 18 ? 12.655  -1.744  -1.770  1.00 0.73 ? 197 PRO B O    1 
ATOM 1373 C CB   . PRO B 2 18 ? 10.880  0.272   -3.353  1.00 0.75 ? 197 PRO B CB   1 
ATOM 1374 C CG   . PRO B 2 18 ? 12.122  0.446   -4.155  1.00 0.91 ? 197 PRO B CG   1 
ATOM 1375 C CD   . PRO B 2 18 ? 13.031  1.317   -3.330  1.00 0.73 ? 197 PRO B CD   1 
ATOM 1376 H HA   . PRO B 2 18 ? 10.608  0.719   -1.268  1.00 0.65 ? 197 PRO B HA   1 
ATOM 1377 H HB2  . PRO B 2 18 ? 10.391  -0.665  -3.577  1.00 0.90 ? 197 PRO B HB2  1 
ATOM 1378 H HB3  . PRO B 2 18 ? 10.193  1.091   -3.507  1.00 0.87 ? 197 PRO B HB3  1 
ATOM 1379 H HG2  . PRO B 2 18 ? 12.583  -0.515  -4.333  1.00 1.19 ? 197 PRO B HG2  1 
ATOM 1380 H HG3  . PRO B 2 18 ? 11.889  0.931   -5.092  1.00 1.18 ? 197 PRO B HG3  1 
ATOM 1381 H HD2  . PRO B 2 18 ? 14.060  1.018   -3.460  1.00 0.94 ? 197 PRO B HD2  1 
ATOM 1382 H HD3  . PRO B 2 18 ? 12.901  2.355   -3.597  1.00 0.81 ? 197 PRO B HD3  1 
ATOM 1383 N N    . TYR B 2 19 ? 10.699  -1.717  -0.663  1.00 0.42 ? 198 TYR B N    1 
ATOM 1384 C CA   . TYR B 2 19 ? 10.847  -3.073  -0.165  1.00 0.48 ? 198 TYR B CA   1 
ATOM 1385 C C    . TYR B 2 19 ? 9.869   -3.982  -0.906  1.00 0.49 ? 198 TYR B C    1 
ATOM 1386 O O    . TYR B 2 19 ? 8.668   -3.981  -0.633  1.00 0.51 ? 198 TYR B O    1 
ATOM 1387 C CB   . TYR B 2 19 ? 10.615  -3.109  1.350   1.00 0.54 ? 198 TYR B CB   1 
ATOM 1388 C CG   . TYR B 2 19 ? 11.360  -2.048  2.119   1.00 0.56 ? 198 TYR B CG   1 
ATOM 1389 C CD1  . TYR B 2 19 ? 11.204  -0.699  1.832   1.00 1.27 ? 198 TYR B CD1  1 
ATOM 1390 C CD2  . TYR B 2 19 ? 12.216  -2.401  3.147   1.00 1.29 ? 198 TYR B CD2  1 
ATOM 1391 C CE1  . TYR B 2 19 ? 11.881  0.262   2.546   1.00 1.33 ? 198 TYR B CE1  1 
ATOM 1392 C CE2  . TYR B 2 19 ? 12.894  -1.449  3.865   1.00 1.35 ? 198 TYR B CE2  1 
ATOM 1393 C CZ   . TYR B 2 19 ? 12.726  -0.115  3.563   1.00 0.79 ? 198 TYR B CZ   1 
ATOM 1394 O OH   . TYR B 2 19 ? 13.404  0.844   4.278   1.00 0.96 ? 198 TYR B OH   1 
ATOM 1395 H H    . TYR B 2 19 ? 9.888   -1.207  -0.427  1.00 0.41 ? 198 TYR B H    1 
ATOM 1396 H HA   . TYR B 2 19 ? 11.854  -3.398  -0.379  1.00 0.57 ? 198 TYR B HA   1 
ATOM 1397 H HB2  . TYR B 2 19 ? 9.573   -2.970  1.551   1.00 0.57 ? 198 TYR B HB2  1 
ATOM 1398 H HB3  . TYR B 2 19 ? 10.930  -4.065  1.738   1.00 0.71 ? 198 TYR B HB3  1 
ATOM 1399 H HD1  . TYR B 2 19 ? 10.540  -0.401  1.039   1.00 2.08 ? 198 TYR B HD1  1 
ATOM 1400 H HD2  . TYR B 2 19 ? 12.351  -3.444  3.386   1.00 2.11 ? 198 TYR B HD2  1 
ATOM 1401 H HE1  . TYR B 2 19 ? 11.747  1.303   2.304   1.00 2.15 ? 198 TYR B HE1  1 
ATOM 1402 H HE2  . TYR B 2 19 ? 13.545  -1.753  4.658   1.00 2.18 ? 198 TYR B HE2  1 
ATOM 1403 H HH   . TYR B 2 19 ? 14.171  1.133   3.778   1.00 1.25 ? 198 TYR B HH   1 
ATOM 1404 N N    . LEU B 2 20 ? 10.393  -4.713  -1.885  1.00 0.57 ? 199 LEU B N    1 
ATOM 1405 C CA   . LEU B 2 20 ? 9.583   -5.588  -2.729  1.00 0.67 ? 199 LEU B CA   1 
ATOM 1406 C C    . LEU B 2 20 ? 9.644   -7.048  -2.283  1.00 0.64 ? 199 LEU B C    1 
ATOM 1407 O O    . LEU B 2 20 ? 10.686  -7.539  -1.849  1.00 0.82 ? 199 LEU B O    1 
ATOM 1408 C CB   . LEU B 2 20 ? 10.080  -5.463  -4.173  1.00 0.83 ? 199 LEU B CB   1 
ATOM 1409 C CG   . LEU B 2 20 ? 9.126   -5.935  -5.267  1.00 1.18 ? 199 LEU B CG   1 
ATOM 1410 C CD1  . LEU B 2 20 ? 9.713   -5.609  -6.633  1.00 2.08 ? 199 LEU B CD1  1 
ATOM 1411 C CD2  . LEU B 2 20 ? 8.854   -7.427  -5.153  1.00 1.83 ? 199 LEU B CD2  1 
ATOM 1412 H H    . LEU B 2 20 ? 11.352  -4.632  -2.073  1.00 0.62 ? 199 LEU B H    1 
ATOM 1413 H HA   . LEU B 2 20 ? 8.560   -5.248  -2.682  1.00 0.80 ? 199 LEU B HA   1 
ATOM 1414 H HB2  . LEU B 2 20 ? 10.297  -4.422  -4.358  1.00 1.33 ? 199 LEU B HB2  1 
ATOM 1415 H HB3  . LEU B 2 20 ? 10.997  -6.023  -4.263  1.00 1.47 ? 199 LEU B HB3  1 
ATOM 1416 H HG   . LEU B 2 20 ? 8.188   -5.407  -5.164  1.00 1.21 ? 199 LEU B HG   1 
ATOM 1417 H HD11 . LEU B 2 20 ? 9.602   -4.553  -6.829  1.00 2.42 ? 199 LEU B HD11 1 
ATOM 1418 H HD12 . LEU B 2 20 ? 9.194   -6.173  -7.392  1.00 2.61 ? 199 LEU B HD12 1 
ATOM 1419 H HD13 . LEU B 2 20 ? 10.762  -5.868  -6.645  1.00 2.57 ? 199 LEU B HD13 1 
ATOM 1420 H HD21 . LEU B 2 20 ? 9.639   -7.894  -4.576  1.00 2.33 ? 199 LEU B HD21 1 
ATOM 1421 H HD22 . LEU B 2 20 ? 8.827   -7.864  -6.140  1.00 2.32 ? 199 LEU B HD22 1 
ATOM 1422 H HD23 . LEU B 2 20 ? 7.905   -7.585  -4.664  1.00 2.24 ? 199 LEU B HD23 1 
ATOM 1423 N N    . ASP B 2 21 ? 8.511   -7.738  -2.415  1.00 0.64 ? 200 ASP B N    1 
ATOM 1424 C CA   . ASP B 2 21 ? 8.412   -9.147  -2.050  1.00 0.71 ? 200 ASP B CA   1 
ATOM 1425 C C    . ASP B 2 21 ? 7.576   -9.913  -3.080  1.00 0.68 ? 200 ASP B C    1 
ATOM 1426 O O    . ASP B 2 21 ? 6.368   -9.691  -3.217  1.00 0.66 ? 200 ASP B O    1 
ATOM 1427 C CB   . ASP B 2 21 ? 7.798   -9.293  -0.657  1.00 0.86 ? 200 ASP B CB   1 
ATOM 1428 C CG   . ASP B 2 21 ? 8.764   -8.903  0.444   1.00 1.28 ? 200 ASP B CG   1 
ATOM 1429 O OD1  . ASP B 2 21 ? 9.936   -9.332  0.386   1.00 1.94 ? 200 ASP B OD1  1 
ATOM 1430 O OD2  . ASP B 2 21 ? 8.350   -8.168  1.365   1.00 1.85 ? 200 ASP B OD2  1 
ATOM 1431 H H    . ASP B 2 21 ? 7.721   -7.286  -2.778  1.00 0.75 ? 200 ASP B H    1 
ATOM 1432 H HA   . ASP B 2 21 ? 9.411   -9.556  -2.039  1.00 0.78 ? 200 ASP B HA   1 
ATOM 1433 H HB2  . ASP B 2 21 ? 6.927   -8.662  -0.586  1.00 1.23 ? 200 ASP B HB2  1 
ATOM 1434 H HB3  . ASP B 2 21 ? 7.505   -10.323 -0.506  1.00 1.09 ? 200 ASP B HB3  1 
ATOM 1435 N N    . ILE B 2 22 ? 8.229   -10.814 -3.810  1.00 0.87 ? 201 ILE B N    1 
ATOM 1436 C CA   . ILE B 2 22 ? 7.547   -11.607 -4.828  1.00 0.97 ? 201 ILE B CA   1 
ATOM 1437 C C    . ILE B 2 22 ? 7.771   -13.102 -4.620  1.00 1.35 ? 201 ILE B C    1 
ATOM 1438 O O    . ILE B 2 22 ? 6.815   -13.868 -4.503  1.00 2.08 ? 201 ILE B O    1 
ATOM 1439 C CB   . ILE B 2 22 ? 7.994   -11.219 -6.256  1.00 1.18 ? 201 ILE B CB   1 
ATOM 1440 C CG1  . ILE B 2 22 ? 9.514   -11.040 -6.331  1.00 1.79 ? 201 ILE B CG1  1 
ATOM 1441 C CG2  . ILE B 2 22 ? 7.285   -9.950  -6.703  1.00 1.71 ? 201 ILE B CG2  1 
ATOM 1442 C CD1  . ILE B 2 22 ? 10.210  -12.119 -7.133  1.00 2.15 ? 201 ILE B CD1  1 
ATOM 1443 H H    . ILE B 2 22 ? 9.188   -10.947 -3.660  1.00 1.04 ? 201 ILE B H    1 
ATOM 1444 H HA   . ILE B 2 22 ? 6.489   -11.404 -4.745  1.00 0.92 ? 201 ILE B HA   1 
ATOM 1445 H HB   . ILE B 2 22 ? 7.701   -12.015 -6.925  1.00 1.72 ? 201 ILE B HB   1 
ATOM 1446 H HG12 . ILE B 2 22 ? 9.737   -10.091 -6.796  1.00 2.31 ? 201 ILE B HG12 1 
ATOM 1447 H HG13 . ILE B 2 22 ? 9.926   -11.051 -5.335  1.00 2.46 ? 201 ILE B HG13 1 
ATOM 1448 H HG21 . ILE B 2 22 ? 7.016   -9.363  -5.837  1.00 2.13 ? 201 ILE B HG21 1 
ATOM 1449 H HG22 . ILE B 2 22 ? 6.392   -10.211 -7.253  1.00 2.22 ? 201 ILE B HG22 1 
ATOM 1450 H HG23 . ILE B 2 22 ? 7.943   -9.374  -7.338  1.00 2.21 ? 201 ILE B HG23 1 
ATOM 1451 H HD11 . ILE B 2 22 ? 9.532   -12.945 -7.289  1.00 2.58 ? 201 ILE B HD11 1 
ATOM 1452 H HD12 . ILE B 2 22 ? 11.079  -12.464 -6.594  1.00 2.43 ? 201 ILE B HD12 1 
ATOM 1453 H HD13 . ILE B 2 22 ? 10.515  -11.718 -8.088  1.00 2.53 ? 201 ILE B HD13 1 
ATOM 1454 N N    . THR B 2 23 ? 9.034   -13.515 -4.577  1.00 1.64 ? 202 THR B N    1 
ATOM 1455 C CA   . THR B 2 23 ? 9.366   -14.922 -4.386  1.00 2.04 ? 202 THR B CA   1 
ATOM 1456 C C    . THR B 2 23 ? 10.823  -15.091 -3.967  1.00 1.74 ? 202 THR B C    1 
ATOM 1457 O O    . THR B 2 23 ? 11.704  -14.375 -4.442  1.00 2.54 ? 202 THR B O    1 
ATOM 1458 C CB   . THR B 2 23 ? 9.102   -15.704 -5.673  1.00 3.24 ? 202 THR B CB   1 
ATOM 1459 O OG1  . THR B 2 23 ? 7.791   -15.456 -6.151  1.00 3.87 ? 202 THR B OG1  1 
ATOM 1460 C CG2  . THR B 2 23 ? 9.253   -17.200 -5.507  1.00 4.02 ? 202 THR B CG2  1 
ATOM 1461 H H    . THR B 2 23 ? 9.757   -12.863 -4.678  1.00 2.04 ? 202 THR B H    1 
ATOM 1462 H HA   . THR B 2 23 ? 8.731   -15.309 -3.604  1.00 2.34 ? 202 THR B HA   1 
ATOM 1463 H HB   . THR B 2 23 ? 9.804   -15.381 -6.428  1.00 3.67 ? 202 THR B HB   1 
ATOM 1464 H HG1  . THR B 2 23 ? 7.181   -15.423 -5.410  1.00 4.07 ? 202 THR B HG1  1 
ATOM 1465 H HG21 . THR B 2 23 ? 9.100   -17.465 -4.471  1.00 4.53 ? 202 THR B HG21 1 
ATOM 1466 H HG22 . THR B 2 23 ? 10.246  -17.497 -5.811  1.00 4.34 ? 202 THR B HG22 1 
ATOM 1467 H HG23 . THR B 2 23 ? 8.523   -17.706 -6.120  1.00 4.24 ? 202 THR B HG23 1 
ATOM 1468 N N    . GLU B 2 24 ? 11.067  -16.046 -3.075  1.00 1.62 ? 203 GLU B N    1 
ATOM 1469 C CA   . GLU B 2 24 ? 12.416  -16.315 -2.592  1.00 2.27 ? 203 GLU B CA   1 
ATOM 1470 C C    . GLU B 2 24 ? 12.453  -17.603 -1.773  1.00 2.48 ? 203 GLU B C    1 
ATOM 1471 O O    . GLU B 2 24 ? 12.353  -17.572 -0.547  1.00 3.29 ? 203 GLU B O    1 
ATOM 1472 C CB   . GLU B 2 24 ? 12.923  -15.142 -1.750  1.00 3.14 ? 203 GLU B CB   1 
ATOM 1473 C CG   . GLU B 2 24 ? 13.987  -14.309 -2.447  1.00 3.84 ? 203 GLU B CG   1 
ATOM 1474 C CD   . GLU B 2 24 ? 15.143  -15.147 -2.959  1.00 4.72 ? 203 GLU B CD   1 
ATOM 1475 O OE1  . GLU B 2 24 ? 15.933  -15.640 -2.126  1.00 5.39 ? 203 GLU B OE1  1 
ATOM 1476 O OE2  . GLU B 2 24 ? 15.258  -15.311 -4.192  1.00 5.11 ? 203 GLU B OE2  1 
ATOM 1477 H H    . GLU B 2 24 ? 10.322  -16.585 -2.736  1.00 1.88 ? 203 GLU B H    1 
ATOM 1478 H HA   . GLU B 2 24 ? 13.058  -16.433 -3.453  1.00 2.75 ? 203 GLU B HA   1 
ATOM 1479 H HB2  . GLU B 2 24 ? 12.090  -14.497 -1.514  1.00 3.46 ? 203 GLU B HB2  1 
ATOM 1480 H HB3  . GLU B 2 24 ? 13.343  -15.524 -0.831  1.00 3.65 ? 203 GLU B HB3  1 
ATOM 1481 H HG2  . GLU B 2 24 ? 13.535  -13.799 -3.285  1.00 4.16 ? 203 GLU B HG2  1 
ATOM 1482 H HG3  . GLU B 2 24 ? 14.371  -13.580 -1.749  1.00 4.00 ? 203 GLU B HG3  1 
ATOM 1483 N N    . GLU B 2 25 ? 12.595  -18.733 -2.460  1.00 2.36 ? 204 GLU B N    1 
ATOM 1484 C CA   . GLU B 2 25 ? 12.645  -20.029 -1.795  1.00 2.99 ? 204 GLU B CA   1 
ATOM 1485 C C    . GLU B 2 25 ? 13.942  -20.189 -1.010  1.00 3.72 ? 204 GLU B C    1 
ATOM 1486 O O    . GLU B 2 25 ? 13.953  -20.976 -0.040  1.00 4.15 ? 204 GLU B O    1 
ATOM 1487 C CB   . GLU B 2 25 ? 12.513  -21.158 -2.820  1.00 3.10 ? 204 GLU B CB   1 
ATOM 1488 C CG   . GLU B 2 25 ? 13.661  -21.215 -3.815  1.00 3.14 ? 204 GLU B CG   1 
ATOM 1489 C CD   . GLU B 2 25 ? 13.888  -22.610 -4.362  1.00 3.54 ? 204 GLU B CD   1 
ATOM 1490 O OE1  . GLU B 2 25 ? 13.044  -23.082 -5.154  1.00 3.92 ? 204 GLU B OE1  1 
ATOM 1491 O OE2  . GLU B 2 25 ? 14.909  -23.232 -4.000  1.00 4.04 ? 204 GLU B OE2  1 
ATOM 1492 O OXT  . GLU B 2 25 ? 14.937  -19.526 -1.372  1.00 4.36 ? 204 GLU B OXT  1 
ATOM 1493 H H    . GLU B 2 25 ? 12.669  -18.692 -3.437  1.00 2.28 ? 204 GLU B H    1 
ATOM 1494 H HA   . GLU B 2 25 ? 11.813  -20.080 -1.108  1.00 3.50 ? 204 GLU B HA   1 
ATOM 1495 H HB2  . GLU B 2 25 ? 12.471  -22.101 -2.297  1.00 3.69 ? 204 GLU B HB2  1 
ATOM 1496 H HB3  . GLU B 2 25 ? 11.594  -21.021 -3.372  1.00 3.23 ? 204 GLU B HB3  1 
ATOM 1497 H HG2  . GLU B 2 25 ? 13.441  -20.553 -4.638  1.00 3.30 ? 204 GLU B HG2  1 
ATOM 1498 H HG3  . GLU B 2 25 ? 14.564  -20.887 -3.321  1.00 3.47 ? 204 GLU B HG3  1 
# 
